data_9G8K
#
_entry.id   9G8K
#
_cell.length_a   83.742
_cell.length_b   111.663
_cell.length_c   105.199
_cell.angle_alpha   90.000
_cell.angle_beta   106.670
_cell.angle_gamma   90.000
#
_symmetry.space_group_name_H-M   'P 1 21 1'
#
loop_
_entity.id
_entity.type
_entity.pdbx_description
1 polymer 'K(+)-stimulated pyrophosphate-energized sodium pump'
2 non-polymer '(1-hydroxyethane-1,1-diyl)bis(phosphonic acid)'
3 non-polymer 'MAGNESIUM ION'
4 non-polymer 'CALCIUM ION'
5 non-polymer DODECYL-BETA-D-MALTOSIDE
6 water water
#
_entity_poly.entity_id   1
_entity_poly.type   'polypeptide(L)'
_entity_poly.pdbx_seq_one_letter_code
;MRGSHHHHHHYVAALFFLIPLVALGFAAANFAAVVRKPEGTERMKEISSYIRSGADSFLAHETKAIFKVAIVIAILLMIF
TTWQTGVAFLLGAVMSASAGIVGMKMATRANVRVAEAARTTKKIGPALKVAYQGGSVMGLSVGGFALLGLVLVYLIFGKW
MGQVDNLNIYTNWLGINFVPFAMTVSGYALGCSIIAMFDRVGGGVYTKAADMAADLVGKTELNLPEDDPRNPATIADNVG
DNVGDVAGLGADLLESFVGAIVSSIILASYMFPIYVQKIGENLVHQVPKETIQALISYPIFFALVGLGCSMLGILYVIVK
KPSDNPQRELNISLWTSALLTVVLTAFLTYFYLKDLQGLDVLGFRFGAISPWFSAIIGIFSGILIGFWAEYYTSYRYKPT
QFLGKSSIEGTGMVISNGLSLGMKSVFPPTLTLVLGILFADYFAGLYGVAIAALGMLSFVATSVSVDSYGPIADNAGGIS
EMCELDPEVRKITDHLDAVGNTTAAIGKGFAIGSAIFAALSLFASYMFSQISPSDIGKPPSLVLLLNMLDARVIAGALLG
AAITYYFSGYLISAVTKAAMKMVDEIRRQAREIPGLLEGKAKPDYNRCIEITSDNALKQMGYPAFIAILTPLVTGFLLGA
EFVGGVLIGTVLSGAMLAILTANSGGAWDNAKKYLEAGNLEGYGKGSEPHKALVIGDTVGDPLKDTVGPSLDILIKIMSV
VSVIAVSIFKHVHLF
;
_entity_poly.pdbx_strand_id   A,B
#
# COMPACT_ATOMS: atom_id res chain seq x y z
N TYR A 11 -13.31 21.67 42.69
CA TYR A 11 -13.69 20.46 43.39
C TYR A 11 -12.51 19.49 43.45
N VAL A 12 -12.61 18.37 42.74
CA VAL A 12 -11.53 17.40 42.65
C VAL A 12 -10.85 17.44 41.29
N ALA A 13 -11.62 17.71 40.23
CA ALA A 13 -11.04 17.85 38.90
C ALA A 13 -10.02 18.97 38.84
N ALA A 14 -10.10 19.95 39.75
CA ALA A 14 -9.13 21.03 39.76
C ALA A 14 -7.71 20.54 40.02
N LEU A 15 -7.54 19.34 40.58
CA LEU A 15 -6.20 18.79 40.75
C LEU A 15 -5.69 18.10 39.50
N PHE A 16 -6.58 17.76 38.56
CA PHE A 16 -6.16 17.34 37.23
C PHE A 16 -5.92 18.53 36.31
N PHE A 17 -6.79 19.53 36.40
CA PHE A 17 -6.62 20.77 35.65
C PHE A 17 -5.23 21.39 35.84
N LEU A 18 -4.56 21.11 36.95
CA LEU A 18 -3.25 21.67 37.22
C LEU A 18 -2.11 20.92 36.53
N ILE A 19 -2.35 19.70 36.05
CA ILE A 19 -1.25 18.88 35.51
C ILE A 19 -0.55 19.55 34.32
N PRO A 20 -1.25 20.15 33.35
CA PRO A 20 -0.53 20.77 32.24
C PRO A 20 0.40 21.90 32.68
N LEU A 21 -0.08 22.77 33.57
CA LEU A 21 0.78 23.83 34.09
C LEU A 21 1.94 23.25 34.87
N VAL A 22 1.71 22.15 35.60
CA VAL A 22 2.79 21.49 36.32
C VAL A 22 3.86 21.03 35.33
N ALA A 23 3.45 20.40 34.23
CA ALA A 23 4.42 19.93 33.25
C ALA A 23 5.18 21.11 32.63
N LEU A 24 4.48 22.21 32.34
CA LEU A 24 5.15 23.36 31.75
C LEU A 24 6.18 23.96 32.71
N GLY A 25 5.79 24.14 33.98
CA GLY A 25 6.72 24.67 34.96
C GLY A 25 7.89 23.75 35.19
N PHE A 26 7.65 22.43 35.19
CA PHE A 26 8.74 21.49 35.40
C PHE A 26 9.69 21.46 34.21
N ALA A 27 9.16 21.62 33.00
CA ALA A 27 10.03 21.72 31.83
C ALA A 27 10.88 22.99 31.89
N ALA A 28 10.29 24.11 32.30
CA ALA A 28 11.07 25.33 32.48
C ALA A 28 12.14 25.14 33.55
N ALA A 29 11.81 24.44 34.63
CA ALA A 29 12.78 24.18 35.68
C ALA A 29 13.92 23.29 35.18
N ASN A 30 13.60 22.28 34.37
CA ASN A 30 14.65 21.45 33.76
C ASN A 30 15.54 22.29 32.86
N PHE A 31 14.95 23.20 32.09
CA PHE A 31 15.74 24.09 31.25
C PHE A 31 16.69 24.93 32.09
N ALA A 32 16.18 25.52 33.17
CA ALA A 32 17.04 26.35 34.02
C ALA A 32 18.14 25.53 34.68
N ALA A 33 17.80 24.34 35.19
CA ALA A 33 18.79 23.50 35.86
C ALA A 33 19.88 23.02 34.90
N VAL A 34 19.52 22.74 33.65
CA VAL A 34 20.52 22.36 32.67
C VAL A 34 21.37 23.57 32.27
N VAL A 35 20.74 24.74 32.16
CA VAL A 35 21.47 25.96 31.85
C VAL A 35 22.50 26.25 32.94
N ARG A 36 22.19 25.89 34.18
CA ARG A 36 23.16 26.06 35.26
C ARG A 36 24.41 25.22 35.02
N LYS A 37 24.26 24.05 34.39
CA LYS A 37 25.39 23.18 34.13
C LYS A 37 26.41 23.86 33.23
N PRO A 38 27.71 23.65 33.48
CA PRO A 38 28.75 24.29 32.67
C PRO A 38 28.91 23.59 31.31
N GLU A 39 29.50 24.33 30.37
CA GLU A 39 29.73 23.82 29.03
C GLU A 39 31.15 23.30 28.81
N GLY A 40 32.09 23.67 29.66
CA GLY A 40 33.42 23.10 29.60
C GLY A 40 34.28 23.81 28.58
N THR A 41 34.96 23.02 27.75
CA THR A 41 35.91 23.57 26.78
C THR A 41 35.24 24.57 25.85
N GLU A 42 36.00 25.59 25.46
CA GLU A 42 35.45 26.67 24.65
C GLU A 42 35.36 26.31 23.17
N ARG A 43 36.33 25.53 22.67
CA ARG A 43 36.33 25.17 21.26
C ARG A 43 35.07 24.40 20.88
N MET A 44 34.67 23.44 21.71
CA MET A 44 33.43 22.71 21.45
C MET A 44 32.20 23.62 21.60
N LYS A 45 32.25 24.52 22.59
CA LYS A 45 31.13 25.43 22.82
C LYS A 45 30.88 26.31 21.60
N GLU A 46 31.95 26.70 20.90
CA GLU A 46 31.79 27.55 19.72
C GLU A 46 30.95 26.84 18.65
N ILE A 47 31.27 25.57 18.39
CA ILE A 47 30.51 24.81 17.41
C ILE A 47 29.07 24.65 17.88
N SER A 48 28.87 24.43 19.18
CA SER A 48 27.51 24.34 19.70
C SER A 48 26.73 25.62 19.46
N SER A 49 27.40 26.77 19.63
CA SER A 49 26.76 28.06 19.36
C SER A 49 26.39 28.17 17.89
N TYR A 50 27.28 27.69 17.01
CA TYR A 50 26.96 27.72 15.58
C TYR A 50 25.69 26.93 15.30
N ILE A 51 25.59 25.74 15.88
CA ILE A 51 24.38 24.92 15.66
C ILE A 51 23.16 25.64 16.22
N ARG A 52 23.31 26.29 17.39
CA ARG A 52 22.17 27.00 17.96
C ARG A 52 21.68 28.09 17.01
N SER A 53 22.60 28.84 16.43
CA SER A 53 22.21 29.93 15.54
C SER A 53 21.52 29.39 14.29
N GLY A 54 22.06 28.32 13.70
CA GLY A 54 21.41 27.75 12.54
C GLY A 54 20.01 27.25 12.84
N ALA A 55 19.86 26.54 13.95
CA ALA A 55 18.56 26.02 14.35
C ALA A 55 17.57 27.15 14.59
N ASP A 56 18.02 28.23 15.22
CA ASP A 56 17.13 29.36 15.48
C ASP A 56 16.69 30.03 14.20
N SER A 57 17.61 30.16 13.22
CA SER A 57 17.22 30.76 11.94
C SER A 57 16.17 29.90 11.25
N PHE A 58 16.40 28.58 11.21
CA PHE A 58 15.40 27.70 10.62
C PHE A 58 14.06 27.81 11.34
N LEU A 59 14.10 27.86 12.68
CA LEU A 59 12.87 27.96 13.45
C LEU A 59 12.13 29.25 13.13
N ALA A 60 12.85 30.35 12.96
CA ALA A 60 12.21 31.62 12.66
C ALA A 60 11.52 31.58 11.30
N HIS A 61 12.22 31.08 10.28
CA HIS A 61 11.60 30.97 8.96
C HIS A 61 10.34 30.11 9.03
N GLU A 62 10.47 28.93 9.66
CA GLU A 62 9.34 28.01 9.75
C GLU A 62 8.16 28.66 10.47
N THR A 63 8.42 29.31 11.60
CA THR A 63 7.34 29.90 12.37
C THR A 63 6.63 30.99 11.58
N LYS A 64 7.38 31.84 10.89
CA LYS A 64 6.74 32.88 10.09
C LYS A 64 5.80 32.26 9.06
N ALA A 65 6.30 31.29 8.29
CA ALA A 65 5.46 30.69 7.25
C ALA A 65 4.24 30.01 7.84
N ILE A 66 4.44 29.22 8.91
CA ILE A 66 3.36 28.44 9.49
C ILE A 66 2.30 29.34 10.09
N PHE A 67 2.71 30.44 10.72
CA PHE A 67 1.72 31.34 11.31
C PHE A 67 0.96 32.12 10.24
N LYS A 68 1.60 32.45 9.12
CA LYS A 68 0.83 33.03 8.02
C LYS A 68 -0.25 32.06 7.54
N VAL A 69 0.15 30.80 7.31
CA VAL A 69 -0.81 29.80 6.85
C VAL A 69 -1.91 29.58 7.88
N ALA A 70 -1.54 29.57 9.16
CA ALA A 70 -2.51 29.38 10.23
C ALA A 70 -3.47 30.56 10.31
N ILE A 71 -2.99 31.77 10.06
CA ILE A 71 -3.88 32.93 10.03
C ILE A 71 -4.93 32.75 8.94
N VAL A 72 -4.48 32.37 7.74
CA VAL A 72 -5.44 32.18 6.65
C VAL A 72 -6.44 31.07 7.01
N ILE A 73 -5.93 29.98 7.59
CA ILE A 73 -6.79 28.84 7.94
C ILE A 73 -7.82 29.26 8.97
N ALA A 74 -7.39 29.99 10.00
CA ALA A 74 -8.31 30.41 11.05
C ALA A 74 -9.35 31.37 10.52
N ILE A 75 -8.95 32.26 9.60
CA ILE A 75 -9.92 33.17 9.01
C ILE A 75 -11.00 32.39 8.27
N LEU A 76 -10.59 31.45 7.42
CA LEU A 76 -11.58 30.66 6.69
C LEU A 76 -12.45 29.85 7.64
N LEU A 77 -11.84 29.29 8.69
CA LEU A 77 -12.59 28.47 9.62
C LEU A 77 -13.66 29.28 10.35
N MET A 78 -13.27 30.44 10.88
CA MET A 78 -14.24 31.27 11.59
C MET A 78 -15.31 31.78 10.63
N ILE A 79 -14.95 32.05 9.37
CA ILE A 79 -15.95 32.50 8.40
C ILE A 79 -16.99 31.41 8.17
N PHE A 80 -16.53 30.18 7.94
CA PHE A 80 -17.44 29.09 7.58
C PHE A 80 -17.97 28.31 8.79
N THR A 81 -17.43 28.54 9.99
CA THR A 81 -17.90 27.83 11.17
C THR A 81 -17.99 28.81 12.33
N THR A 82 -18.25 28.29 13.53
CA THR A 82 -18.33 29.11 14.72
C THR A 82 -16.95 29.64 15.12
N TRP A 83 -16.93 30.87 15.66
CA TRP A 83 -15.68 31.51 16.04
C TRP A 83 -14.93 30.71 17.10
N GLN A 84 -15.67 30.01 17.98
CA GLN A 84 -15.03 29.22 19.02
C GLN A 84 -14.04 28.23 18.42
N THR A 85 -14.39 27.66 17.26
CA THR A 85 -13.51 26.72 16.59
C THR A 85 -12.23 27.40 16.13
N GLY A 86 -12.31 28.60 15.57
CA GLY A 86 -11.11 29.31 15.18
C GLY A 86 -10.23 29.64 16.37
N VAL A 87 -10.85 30.06 17.47
CA VAL A 87 -10.09 30.38 18.68
C VAL A 87 -9.37 29.13 19.19
N ALA A 88 -10.06 28.00 19.23
CA ALA A 88 -9.43 26.76 19.68
C ALA A 88 -8.34 26.31 18.73
N PHE A 89 -8.53 26.51 17.42
CA PHE A 89 -7.51 26.18 16.44
C PHE A 89 -6.23 26.96 16.71
N LEU A 90 -6.36 28.28 16.90
CA LEU A 90 -5.19 29.08 17.21
C LEU A 90 -4.56 28.66 18.53
N LEU A 91 -5.39 28.36 19.53
CA LEU A 91 -4.87 27.90 20.82
C LEU A 91 -4.02 26.65 20.65
N GLY A 92 -4.53 25.65 19.93
CA GLY A 92 -3.78 24.42 19.76
C GLY A 92 -2.50 24.63 18.96
N ALA A 93 -2.58 25.45 17.91
CA ALA A 93 -1.38 25.73 17.12
C ALA A 93 -0.30 26.38 17.98
N VAL A 94 -0.70 27.34 18.82
CA VAL A 94 0.26 27.99 19.70
C VAL A 94 0.83 27.00 20.71
N MET A 95 -0.01 26.11 21.24
CA MET A 95 0.47 25.12 22.20
C MET A 95 1.57 24.26 21.57
N SER A 96 1.30 23.73 20.38
CA SER A 96 2.28 22.86 19.74
C SER A 96 3.55 23.64 19.36
N ALA A 97 3.38 24.86 18.85
CA ALA A 97 4.55 25.64 18.47
C ALA A 97 5.42 25.95 19.68
N SER A 98 4.79 26.28 20.81
CA SER A 98 5.55 26.54 22.03
C SER A 98 6.30 25.29 22.48
N ALA A 99 5.62 24.15 22.47
CA ALA A 99 6.31 22.92 22.85
C ALA A 99 7.52 22.67 21.96
N GLY A 100 7.34 22.84 20.65
CA GLY A 100 8.43 22.60 19.73
C GLY A 100 9.59 23.54 19.94
N ILE A 101 9.31 24.85 20.06
CA ILE A 101 10.37 25.83 20.22
C ILE A 101 11.13 25.59 21.52
N VAL A 102 10.41 25.31 22.60
CA VAL A 102 11.05 25.07 23.89
C VAL A 102 11.95 23.85 23.79
N GLY A 103 11.41 22.76 23.24
CA GLY A 103 12.22 21.55 23.10
C GLY A 103 13.45 21.78 22.26
N MET A 104 13.32 22.53 21.16
CA MET A 104 14.45 22.74 20.28
C MET A 104 15.53 23.58 20.95
N LYS A 105 15.14 24.63 21.68
CA LYS A 105 16.15 25.41 22.41
C LYS A 105 16.85 24.54 23.44
N MET A 106 16.06 23.75 24.19
CA MET A 106 16.63 22.86 25.19
C MET A 106 17.62 21.89 24.57
N ALA A 107 17.27 21.31 23.43
CA ALA A 107 18.14 20.32 22.82
C ALA A 107 19.40 20.96 22.26
N THR A 108 19.25 22.08 21.54
CA THR A 108 20.42 22.72 20.94
C THR A 108 21.43 23.13 21.99
N ARG A 109 20.95 23.59 23.16
CA ARG A 109 21.83 24.01 24.24
C ARG A 109 22.16 22.93 25.27
N ALA A 110 21.81 21.66 25.03
CA ALA A 110 21.98 20.62 26.05
C ALA A 110 23.06 19.59 25.72
N ASN A 111 23.53 19.51 24.47
CA ASN A 111 24.52 18.49 24.10
C ASN A 111 25.85 18.75 24.81
N VAL A 112 26.29 20.01 24.84
CA VAL A 112 27.58 20.31 25.43
C VAL A 112 27.60 20.01 26.93
N ARG A 113 26.48 20.24 27.62
CA ARG A 113 26.41 19.87 29.02
C ARG A 113 26.70 18.40 29.28
N VAL A 114 26.13 17.51 28.46
CA VAL A 114 26.35 16.08 28.65
C VAL A 114 27.81 15.71 28.36
N ALA A 115 28.39 16.27 27.30
CA ALA A 115 29.78 15.94 26.98
C ALA A 115 30.73 16.39 28.10
N GLU A 116 30.60 17.65 28.52
CA GLU A 116 31.44 18.15 29.59
C GLU A 116 31.17 17.42 30.90
N ALA A 117 29.93 16.98 31.14
CA ALA A 117 29.64 16.17 32.32
C ALA A 117 30.39 14.84 32.25
N ALA A 118 30.46 14.24 31.06
CA ALA A 118 31.20 13.00 30.92
C ALA A 118 32.67 13.22 31.25
N ARG A 119 33.24 14.35 30.81
CA ARG A 119 34.64 14.61 31.15
C ARG A 119 34.82 14.93 32.63
N THR A 120 33.93 15.74 33.20
CA THR A 120 34.08 16.22 34.58
C THR A 120 33.84 15.11 35.61
N THR A 121 32.86 14.26 35.38
CA THR A 121 32.56 13.17 36.30
C THR A 121 33.21 11.86 35.88
N LYS A 122 33.87 11.83 34.72
CA LYS A 122 34.59 10.66 34.25
C LYS A 122 33.67 9.43 34.22
N LYS A 123 32.38 9.66 34.01
CA LYS A 123 31.38 8.60 34.07
C LYS A 123 30.21 8.97 33.17
N ILE A 124 29.52 7.94 32.69
CA ILE A 124 28.41 8.15 31.76
C ILE A 124 27.14 8.56 32.51
N GLY A 125 26.94 8.01 33.71
CA GLY A 125 25.78 8.28 34.54
C GLY A 125 25.44 9.76 34.66
N PRO A 126 26.35 10.52 35.28
CA PRO A 126 26.06 11.95 35.52
C PRO A 126 25.76 12.73 34.25
N ALA A 127 26.46 12.46 33.15
CA ALA A 127 26.16 13.12 31.89
C ALA A 127 24.78 12.71 31.37
N LEU A 128 24.41 11.45 31.55
CA LEU A 128 23.10 10.98 31.12
C LEU A 128 21.99 11.66 31.89
N LYS A 129 22.21 11.96 33.17
CA LYS A 129 21.19 12.70 33.91
C LYS A 129 20.89 14.02 33.21
N VAL A 130 21.93 14.70 32.72
CA VAL A 130 21.75 15.96 32.00
C VAL A 130 21.03 15.72 30.67
N ALA A 131 21.44 14.68 29.94
CA ALA A 131 20.82 14.43 28.64
C ALA A 131 19.33 14.12 28.79
N TYR A 132 18.96 13.35 29.81
CA TYR A 132 17.56 13.03 30.04
C TYR A 132 16.79 14.23 30.55
N GLN A 133 17.41 15.06 31.40
CA GLN A 133 16.76 16.30 31.80
C GLN A 133 16.54 17.21 30.59
N GLY A 134 17.39 17.09 29.57
CA GLY A 134 17.17 17.80 28.33
C GLY A 134 15.97 17.28 27.57
N GLY A 135 15.99 15.99 27.24
CA GLY A 135 14.86 15.40 26.51
C GLY A 135 13.54 15.58 27.22
N SER A 136 13.55 15.56 28.56
CA SER A 136 12.32 15.72 29.32
C SER A 136 11.70 17.08 29.09
N VAL A 137 12.51 18.09 28.76
CA VAL A 137 11.95 19.40 28.45
C VAL A 137 10.98 19.29 27.29
N MET A 138 11.42 18.69 26.18
CA MET A 138 10.53 18.54 25.04
C MET A 138 9.36 17.62 25.35
N GLY A 139 9.61 16.50 26.02
CA GLY A 139 8.51 15.58 26.34
C GLY A 139 7.43 16.25 27.18
N LEU A 140 7.84 16.84 28.30
CA LEU A 140 6.91 17.51 29.19
C LEU A 140 6.27 18.72 28.52
N SER A 141 6.99 19.39 27.63
CA SER A 141 6.40 20.51 26.90
C SER A 141 5.25 20.03 26.03
N VAL A 142 5.51 19.00 25.22
CA VAL A 142 4.44 18.38 24.43
C VAL A 142 3.25 18.06 25.32
N GLY A 143 3.49 17.24 26.37
CA GLY A 143 2.39 16.78 27.19
C GLY A 143 1.62 17.93 27.83
N GLY A 144 2.34 18.84 28.49
CA GLY A 144 1.68 19.91 29.20
C GLY A 144 0.95 20.87 28.30
N PHE A 145 1.56 21.26 27.17
CA PHE A 145 0.88 22.16 26.26
C PHE A 145 -0.38 21.52 25.69
N ALA A 146 -0.28 20.24 25.30
CA ALA A 146 -1.46 19.56 24.77
C ALA A 146 -2.58 19.51 25.80
N LEU A 147 -2.27 19.02 27.00
CA LEU A 147 -3.31 18.90 28.03
C LEU A 147 -3.83 20.27 28.45
N LEU A 148 -2.99 21.29 28.42
CA LEU A 148 -3.42 22.64 28.77
C LEU A 148 -4.42 23.17 27.75
N GLY A 149 -4.08 23.08 26.46
CA GLY A 149 -5.03 23.47 25.44
C GLY A 149 -6.34 22.73 25.56
N LEU A 150 -6.27 21.41 25.77
CA LEU A 150 -7.50 20.62 25.84
C LEU A 150 -8.35 21.00 27.05
N VAL A 151 -7.72 21.23 28.20
CA VAL A 151 -8.48 21.60 29.39
C VAL A 151 -9.10 22.98 29.22
N LEU A 152 -8.35 23.91 28.62
CA LEU A 152 -8.91 25.23 28.35
C LEU A 152 -10.12 25.14 27.42
N VAL A 153 -10.04 24.28 26.41
CA VAL A 153 -11.18 24.11 25.51
C VAL A 153 -12.36 23.51 26.25
N TYR A 154 -12.10 22.54 27.14
CA TYR A 154 -13.18 21.89 27.88
C TYR A 154 -13.83 22.84 28.88
N LEU A 155 -13.09 23.83 29.35
CA LEU A 155 -13.60 24.76 30.36
C LEU A 155 -14.23 26.00 29.71
N ILE A 156 -13.40 26.82 29.07
CA ILE A 156 -13.87 28.10 28.54
C ILE A 156 -15.01 27.90 27.55
N PHE A 157 -14.86 26.95 26.64
CA PHE A 157 -15.90 26.71 25.64
C PHE A 157 -16.90 25.65 26.10
N GLY A 158 -16.41 24.57 26.71
CA GLY A 158 -17.27 23.47 27.09
C GLY A 158 -18.32 23.84 28.11
N LYS A 159 -17.91 24.36 29.26
CA LYS A 159 -18.82 24.62 30.36
C LYS A 159 -19.36 26.05 30.39
N TRP A 160 -18.49 27.05 30.21
CA TRP A 160 -18.92 28.44 30.34
C TRP A 160 -20.08 28.75 29.38
N MET A 161 -19.86 28.52 28.09
CA MET A 161 -20.89 28.82 27.09
C MET A 161 -21.95 27.74 26.99
N GLY A 162 -21.76 26.62 27.68
CA GLY A 162 -22.74 25.55 27.65
C GLY A 162 -22.73 24.71 26.40
N GLN A 163 -21.56 24.54 25.77
CA GLN A 163 -21.48 23.66 24.61
C GLN A 163 -21.56 22.21 25.02
N VAL A 164 -21.10 21.88 26.24
CA VAL A 164 -21.36 20.57 26.81
C VAL A 164 -22.69 20.53 27.55
N ASP A 165 -23.28 21.70 27.84
CA ASP A 165 -24.60 21.74 28.46
C ASP A 165 -25.69 21.43 27.44
N ASN A 166 -25.58 21.98 26.23
CA ASN A 166 -26.60 21.76 25.20
C ASN A 166 -26.42 20.42 24.52
N LEU A 167 -25.25 20.21 23.90
CA LEU A 167 -24.93 18.97 23.19
C LEU A 167 -25.93 18.66 22.07
N ASN A 168 -26.61 19.68 21.55
CA ASN A 168 -27.56 19.51 20.46
C ASN A 168 -27.02 20.16 19.20
N ILE A 169 -27.63 19.81 18.08
CA ILE A 169 -27.18 20.25 16.76
C ILE A 169 -27.42 21.75 16.62
N TYR A 170 -26.35 22.53 16.54
CA TYR A 170 -26.43 23.94 16.20
C TYR A 170 -26.23 24.12 14.71
N THR A 171 -26.99 25.06 14.13
CA THR A 171 -26.94 25.36 12.70
C THR A 171 -26.22 26.68 12.52
N ASN A 172 -25.14 26.66 11.74
CA ASN A 172 -24.36 27.86 11.52
C ASN A 172 -25.16 28.89 10.73
N TRP A 173 -24.62 30.12 10.67
CA TRP A 173 -25.31 31.19 9.95
C TRP A 173 -25.44 30.88 8.47
N LEU A 174 -24.43 30.24 7.88
CA LEU A 174 -24.53 29.83 6.48
C LEU A 174 -25.48 28.66 6.30
N GLY A 175 -25.74 27.91 7.35
CA GLY A 175 -26.66 26.79 7.32
C GLY A 175 -26.05 25.40 7.51
N ILE A 176 -24.84 25.31 8.04
CA ILE A 176 -24.19 24.03 8.28
C ILE A 176 -24.52 23.57 9.69
N ASN A 177 -24.87 22.30 9.83
CA ASN A 177 -25.28 21.73 11.11
C ASN A 177 -24.14 20.93 11.74
N PHE A 178 -24.01 21.04 13.06
CA PHE A 178 -23.01 20.27 13.79
C PHE A 178 -23.21 20.44 15.28
N VAL A 179 -22.70 19.49 16.05
CA VAL A 179 -22.63 19.65 17.50
C VAL A 179 -21.46 20.58 17.82
N PRO A 180 -21.69 21.65 18.60
CA PRO A 180 -20.64 22.69 18.70
C PRO A 180 -19.33 22.22 19.31
N PHE A 181 -19.38 21.48 20.41
CA PHE A 181 -18.14 21.11 21.10
C PHE A 181 -17.29 20.20 20.23
N ALA A 182 -17.92 19.31 19.45
CA ALA A 182 -17.17 18.50 18.52
C ALA A 182 -16.44 19.37 17.50
N MET A 183 -17.12 20.40 16.97
CA MET A 183 -16.47 21.29 16.03
C MET A 183 -15.29 22.00 16.66
N THR A 184 -15.42 22.41 17.93
CA THR A 184 -14.33 23.12 18.59
C THR A 184 -13.11 22.22 18.79
N VAL A 185 -13.34 21.00 19.30
CA VAL A 185 -12.22 20.08 19.47
C VAL A 185 -11.59 19.75 18.13
N SER A 186 -12.40 19.69 17.07
CA SER A 186 -11.86 19.44 15.73
C SER A 186 -10.96 20.59 15.29
N GLY A 187 -11.36 21.83 15.57
CA GLY A 187 -10.48 22.95 15.26
C GLY A 187 -9.16 22.89 16.00
N TYR A 188 -9.22 22.51 17.28
CA TYR A 188 -7.99 22.33 18.05
C TYR A 188 -7.08 21.30 17.38
N ALA A 189 -7.66 20.15 17.02
CA ALA A 189 -6.88 19.11 16.35
C ALA A 189 -6.32 19.60 15.02
N LEU A 190 -7.08 20.45 14.31
CA LEU A 190 -6.60 20.97 13.04
C LEU A 190 -5.38 21.86 13.23
N GLY A 191 -5.41 22.73 14.25
CA GLY A 191 -4.24 23.54 14.52
C GLY A 191 -3.03 22.69 14.83
N CYS A 192 -3.20 21.70 15.73
CA CYS A 192 -2.09 20.82 16.03
C CYS A 192 -1.57 20.15 14.77
N SER A 193 -2.47 19.72 13.90
CA SER A 193 -2.07 19.02 12.68
C SER A 193 -1.29 19.95 11.75
N ILE A 194 -1.71 21.21 11.64
CA ILE A 194 -0.98 22.14 10.77
C ILE A 194 0.43 22.35 11.28
N ILE A 195 0.56 22.59 12.58
CA ILE A 195 1.90 22.79 13.12
C ILE A 195 2.74 21.53 12.94
N ALA A 196 2.13 20.36 13.15
CA ALA A 196 2.85 19.11 12.99
C ALA A 196 3.25 18.90 11.54
N MET A 197 2.39 19.26 10.59
CA MET A 197 2.74 19.13 9.18
C MET A 197 3.92 20.00 8.84
N PHE A 198 3.89 21.25 9.27
CA PHE A 198 5.02 22.10 8.96
C PHE A 198 6.27 21.49 9.55
N ASP A 199 6.23 21.18 10.85
CA ASP A 199 7.42 20.64 11.50
C ASP A 199 7.93 19.42 10.78
N ARG A 200 7.06 18.43 10.56
CA ARG A 200 7.57 17.14 10.11
C ARG A 200 7.87 17.15 8.62
N VAL A 201 6.94 17.60 7.80
CA VAL A 201 7.20 17.61 6.36
C VAL A 201 8.39 18.52 6.06
N GLY A 202 8.32 19.77 6.47
CA GLY A 202 9.39 20.69 6.13
C GLY A 202 10.71 20.31 6.78
N GLY A 203 10.68 20.02 8.09
CA GLY A 203 11.89 19.67 8.79
C GLY A 203 12.52 18.39 8.28
N GLY A 204 11.71 17.41 7.90
CA GLY A 204 12.25 16.20 7.32
C GLY A 204 12.87 16.44 5.96
N VAL A 205 12.21 17.24 5.11
CA VAL A 205 12.82 17.58 3.82
C VAL A 205 14.17 18.24 4.05
N TYR A 206 14.22 19.21 4.96
CA TYR A 206 15.47 19.91 5.26
C TYR A 206 16.49 18.98 5.91
N THR A 207 16.04 18.13 6.84
CA THR A 207 16.94 17.24 7.55
C THR A 207 17.63 16.28 6.61
N LYS A 208 16.87 15.65 5.73
CA LYS A 208 17.48 14.71 4.81
C LYS A 208 18.18 15.40 3.66
N ALA A 209 17.81 16.64 3.33
CA ALA A 209 18.61 17.41 2.39
C ALA A 209 19.97 17.76 3.00
N ALA A 210 20.01 18.02 4.30
CA ALA A 210 21.27 18.30 4.97
C ALA A 210 22.10 17.03 5.11
N ASP A 211 21.45 15.91 5.39
CA ASP A 211 22.15 14.64 5.44
C ASP A 211 22.74 14.29 4.09
N MET A 212 21.97 14.48 3.01
CA MET A 212 22.46 14.22 1.67
C MET A 212 23.57 15.19 1.29
N ALA A 213 23.44 16.46 1.67
CA ALA A 213 24.50 17.42 1.39
C ALA A 213 25.76 17.10 2.17
N ALA A 214 25.64 16.55 3.38
CA ALA A 214 26.83 16.25 4.18
C ALA A 214 27.70 15.23 3.47
N ASP A 215 27.13 14.08 3.08
CA ASP A 215 27.92 13.10 2.34
C ASP A 215 28.14 13.42 0.86
N LEU A 216 27.33 14.29 0.28
CA LEU A 216 27.54 14.76 -1.09
C LEU A 216 28.56 15.91 -1.15
N PRO A 225 35.76 9.77 10.17
CA PRO A 225 35.14 8.74 9.34
C PRO A 225 33.61 8.89 9.33
N GLU A 226 33.08 9.83 10.11
CA GLU A 226 31.64 10.09 10.17
C GLU A 226 31.19 11.32 9.38
N ASP A 227 31.86 12.46 9.53
CA ASP A 227 31.47 13.69 8.86
C ASP A 227 32.67 14.35 8.18
N ASP A 228 32.36 15.25 7.24
CA ASP A 228 33.36 16.02 6.52
C ASP A 228 33.90 17.15 7.39
N PRO A 229 35.13 17.61 7.12
CA PRO A 229 35.75 18.62 7.97
C PRO A 229 35.14 20.01 7.81
N ARG A 230 34.48 20.49 8.87
CA ARG A 230 33.88 21.83 8.87
C ARG A 230 32.95 22.05 7.69
N ASN A 231 32.43 20.97 7.13
CA ASN A 231 31.44 21.11 6.07
C ASN A 231 30.26 21.94 6.56
N PRO A 232 29.82 22.95 5.81
CA PRO A 232 28.62 23.68 6.24
C PRO A 232 27.46 22.73 6.45
N ALA A 233 27.36 21.73 5.58
CA ALA A 233 26.36 20.68 5.75
C ALA A 233 26.60 19.88 7.01
N THR A 234 27.83 19.87 7.54
CA THR A 234 28.05 19.21 8.82
C THR A 234 27.27 19.91 9.93
N ILE A 235 27.40 21.23 10.00
CA ILE A 235 26.60 22.01 10.95
C ILE A 235 25.11 21.85 10.65
N ALA A 236 24.75 21.86 9.36
CA ALA A 236 23.36 21.72 9.00
C ALA A 236 22.81 20.37 9.47
N ASP A 237 23.59 19.30 9.33
CA ASP A 237 23.14 17.98 9.76
C ASP A 237 23.02 17.92 11.27
N ASN A 238 23.97 18.53 11.98
CA ASN A 238 23.84 18.59 13.43
C ASN A 238 22.54 19.28 13.83
N VAL A 239 22.18 20.35 13.11
CA VAL A 239 20.92 21.02 13.38
C VAL A 239 19.73 20.14 13.01
N GLY A 240 19.84 19.42 11.90
CA GLY A 240 18.72 18.61 11.43
C GLY A 240 18.39 17.46 12.34
N ASP A 241 19.42 16.82 12.92
CA ASP A 241 19.17 15.76 13.89
C ASP A 241 18.27 16.25 15.03
N ASN A 242 18.52 17.47 15.51
CA ASN A 242 17.65 18.07 16.51
C ASN A 242 16.29 18.38 15.94
N VAL A 243 16.25 18.87 14.70
CA VAL A 243 14.98 19.22 14.06
C VAL A 243 14.06 18.03 13.93
N GLY A 244 14.61 16.83 13.76
CA GLY A 244 13.78 15.68 13.47
C GLY A 244 13.20 14.95 14.67
N ASP A 245 14.06 14.40 15.52
CA ASP A 245 13.58 13.52 16.59
C ASP A 245 13.19 14.27 17.86
N VAL A 246 13.49 15.56 17.94
CA VAL A 246 13.09 16.36 19.10
C VAL A 246 11.80 17.11 18.74
N ALA A 247 11.86 17.93 17.68
CA ALA A 247 10.69 18.72 17.30
C ALA A 247 9.70 17.88 16.50
N GLY A 248 10.15 17.28 15.39
CA GLY A 248 9.21 16.59 14.52
C GLY A 248 8.54 15.39 15.17
N LEU A 249 9.33 14.47 15.72
CA LEU A 249 8.75 13.27 16.30
C LEU A 249 7.92 13.61 17.53
N GLY A 250 8.38 14.56 18.35
CA GLY A 250 7.59 14.99 19.48
C GLY A 250 6.25 15.57 19.06
N ALA A 251 6.27 16.43 18.04
CA ALA A 251 5.02 17.00 17.55
C ALA A 251 4.10 15.92 16.99
N ASP A 252 4.67 14.90 16.35
CA ASP A 252 3.85 13.82 15.80
C ASP A 252 3.17 13.03 16.91
N LEU A 253 3.92 12.68 17.95
CA LEU A 253 3.32 11.96 19.07
C LEU A 253 2.27 12.82 19.76
N LEU A 254 2.55 14.11 19.94
CA LEU A 254 1.56 15.03 20.50
C LEU A 254 0.29 15.02 19.66
N GLU A 255 0.43 15.09 18.34
CA GLU A 255 -0.72 15.12 17.46
C GLU A 255 -1.54 13.85 17.59
N SER A 256 -0.88 12.69 17.62
CA SER A 256 -1.60 11.43 17.73
C SER A 256 -2.37 11.37 19.05
N PHE A 257 -1.73 11.77 20.15
CA PHE A 257 -2.37 11.72 21.46
C PHE A 257 -3.59 12.67 21.52
N VAL A 258 -3.40 13.92 21.08
CA VAL A 258 -4.50 14.86 21.03
C VAL A 258 -5.62 14.35 20.14
N GLY A 259 -5.26 13.71 19.01
CA GLY A 259 -6.27 13.17 18.11
C GLY A 259 -7.08 12.07 18.74
N ALA A 260 -6.43 11.18 19.50
CA ALA A 260 -7.17 10.15 20.20
C ALA A 260 -8.18 10.78 21.15
N ILE A 261 -7.73 11.78 21.93
CA ILE A 261 -8.64 12.43 22.87
C ILE A 261 -9.81 13.08 22.13
N VAL A 262 -9.51 13.79 21.04
CA VAL A 262 -10.55 14.49 20.29
C VAL A 262 -11.52 13.50 19.66
N SER A 263 -11.03 12.34 19.23
CA SER A 263 -11.91 11.33 18.69
C SER A 263 -12.87 10.81 19.76
N SER A 264 -12.36 10.54 20.95
CA SER A 264 -13.25 10.14 22.03
C SER A 264 -14.31 11.20 22.28
N ILE A 265 -13.91 12.47 22.33
CA ILE A 265 -14.85 13.54 22.66
C ILE A 265 -15.90 13.69 21.56
N ILE A 266 -15.47 13.68 20.30
CA ILE A 266 -16.41 13.77 19.19
C ILE A 266 -17.39 12.61 19.22
N LEU A 267 -16.88 11.39 19.45
CA LEU A 267 -17.74 10.23 19.49
C LEU A 267 -18.82 10.40 20.56
N ALA A 268 -18.44 10.88 21.74
CA ALA A 268 -19.44 11.10 22.79
C ALA A 268 -20.45 12.16 22.38
N SER A 269 -19.96 13.30 21.88
CA SER A 269 -20.84 14.41 21.53
C SER A 269 -21.87 13.99 20.49
N TYR A 270 -21.46 13.20 19.50
CA TYR A 270 -22.40 12.76 18.48
C TYR A 270 -23.20 11.52 18.85
N MET A 271 -22.74 10.73 19.81
CA MET A 271 -23.56 9.65 20.34
C MET A 271 -24.70 10.18 21.19
N PHE A 272 -24.55 11.39 21.73
CA PHE A 272 -25.70 12.00 22.40
C PHE A 272 -26.89 12.14 21.47
N PRO A 273 -26.78 12.77 20.31
CA PRO A 273 -27.97 12.99 19.46
C PRO A 273 -28.38 11.79 18.62
N ILE A 274 -27.43 10.90 18.30
CA ILE A 274 -27.71 9.81 17.38
C ILE A 274 -28.65 8.79 18.01
N TYR A 275 -28.60 8.62 19.33
CA TYR A 275 -29.44 7.64 20.03
C TYR A 275 -30.66 8.38 20.58
N VAL A 276 -31.66 8.53 19.72
CA VAL A 276 -32.93 9.14 20.11
C VAL A 276 -34.05 8.25 19.59
N GLN A 277 -35.19 8.30 20.28
CA GLN A 277 -36.33 7.45 19.98
C GLN A 277 -37.63 8.23 20.20
N LYS A 278 -38.53 8.20 19.23
CA LYS A 278 -39.81 8.87 19.40
C LYS A 278 -40.82 8.00 20.16
N ILE A 279 -40.37 6.86 20.70
CA ILE A 279 -41.21 6.07 21.58
C ILE A 279 -41.53 6.89 22.83
N GLY A 280 -42.51 6.42 23.58
CA GLY A 280 -42.93 7.15 24.76
C GLY A 280 -43.70 8.42 24.45
N GLU A 281 -44.02 8.67 23.18
CA GLU A 281 -44.85 9.78 22.74
C GLU A 281 -44.10 11.10 22.68
N ASN A 282 -42.78 11.06 22.56
CA ASN A 282 -41.97 12.27 22.48
C ASN A 282 -40.53 11.84 22.27
N LEU A 283 -39.77 12.71 21.63
CA LEU A 283 -38.36 12.46 21.36
C LEU A 283 -37.59 12.29 22.66
N VAL A 284 -37.09 11.08 22.87
CA VAL A 284 -36.39 10.69 24.09
C VAL A 284 -34.94 10.41 23.72
N HIS A 285 -34.01 11.14 24.33
CA HIS A 285 -32.60 10.84 24.15
C HIS A 285 -32.27 9.55 24.88
N GLN A 286 -31.86 8.53 24.12
CA GLN A 286 -31.58 7.23 24.72
C GLN A 286 -30.34 7.24 25.59
N VAL A 287 -29.37 8.09 25.29
CA VAL A 287 -28.18 8.30 26.11
C VAL A 287 -28.32 9.64 26.81
N PRO A 288 -28.42 9.68 28.14
CA PRO A 288 -28.68 10.95 28.82
C PRO A 288 -27.57 11.96 28.59
N LYS A 289 -27.93 13.24 28.70
CA LYS A 289 -26.95 14.31 28.51
C LYS A 289 -25.84 14.24 29.56
N GLU A 290 -26.18 13.80 30.78
CA GLU A 290 -25.16 13.67 31.81
C GLU A 290 -24.13 12.61 31.42
N THR A 291 -24.58 11.47 30.90
CA THR A 291 -23.66 10.44 30.46
C THR A 291 -22.78 10.95 29.32
N ILE A 292 -23.36 11.70 28.39
CA ILE A 292 -22.58 12.23 27.28
C ILE A 292 -21.53 13.21 27.80
N GLN A 293 -21.90 14.02 28.78
CA GLN A 293 -20.95 14.96 29.38
C GLN A 293 -19.80 14.21 30.04
N ALA A 294 -20.13 13.18 30.83
CA ALA A 294 -19.10 12.40 31.51
C ALA A 294 -18.18 11.72 30.50
N LEU A 295 -18.73 11.23 29.40
CA LEU A 295 -17.92 10.58 28.38
C LEU A 295 -17.06 11.58 27.62
N ILE A 296 -17.55 12.81 27.46
CA ILE A 296 -16.75 13.85 26.85
C ILE A 296 -15.59 14.23 27.76
N SER A 297 -15.79 14.17 29.08
CA SER A 297 -14.75 14.58 30.00
C SER A 297 -13.76 13.46 30.30
N TYR A 298 -14.19 12.20 30.22
CA TYR A 298 -13.33 11.10 30.67
C TYR A 298 -12.01 11.02 29.93
N PRO A 299 -11.96 11.13 28.59
CA PRO A 299 -10.66 11.04 27.92
C PRO A 299 -9.68 12.12 28.37
N ILE A 300 -10.18 13.33 28.62
CA ILE A 300 -9.30 14.42 29.07
C ILE A 300 -8.68 14.06 30.42
N PHE A 301 -9.51 13.57 31.35
CA PHE A 301 -8.98 13.19 32.67
C PHE A 301 -8.03 12.00 32.56
N PHE A 302 -8.32 11.06 31.66
CA PHE A 302 -7.41 9.94 31.45
C PHE A 302 -6.05 10.44 30.96
N ALA A 303 -6.06 11.36 30.01
CA ALA A 303 -4.79 11.91 29.51
C ALA A 303 -4.06 12.68 30.60
N LEU A 304 -4.80 13.40 31.44
CA LEU A 304 -4.17 14.13 32.54
C LEU A 304 -3.52 13.16 33.53
N VAL A 305 -4.22 12.08 33.87
CA VAL A 305 -3.63 11.05 34.72
C VAL A 305 -2.38 10.47 34.09
N GLY A 306 -2.42 10.23 32.78
CA GLY A 306 -1.25 9.72 32.09
C GLY A 306 -0.06 10.68 32.18
N LEU A 307 -0.33 11.98 31.98
CA LEU A 307 0.74 12.97 32.09
C LEU A 307 1.31 13.00 33.51
N GLY A 308 0.45 12.91 34.52
CA GLY A 308 0.92 12.86 35.89
C GLY A 308 1.82 11.65 36.14
N CYS A 309 1.39 10.48 35.70
CA CYS A 309 2.20 9.27 35.86
C CYS A 309 3.54 9.40 35.14
N SER A 310 3.52 10.01 33.94
CA SER A 310 4.76 10.21 33.21
C SER A 310 5.72 11.11 33.98
N MET A 311 5.20 12.21 34.55
CA MET A 311 6.04 13.09 35.35
C MET A 311 6.59 12.35 36.57
N LEU A 312 5.76 11.53 37.22
CA LEU A 312 6.23 10.77 38.37
C LEU A 312 7.36 9.81 37.96
N GLY A 313 7.18 9.12 36.84
CA GLY A 313 8.21 8.21 36.38
C GLY A 313 9.52 8.92 36.05
N ILE A 314 9.42 10.05 35.34
CA ILE A 314 10.63 10.80 35.01
C ILE A 314 11.31 11.30 36.27
N LEU A 315 10.52 11.70 37.28
CA LEU A 315 11.09 12.14 38.54
C LEU A 315 11.86 11.00 39.22
N TYR A 316 11.26 9.81 39.26
CA TYR A 316 11.97 8.67 39.84
C TYR A 316 13.24 8.35 39.06
N VAL A 317 13.20 8.53 37.74
CA VAL A 317 14.37 8.21 36.93
C VAL A 317 15.51 9.19 37.21
N ILE A 318 15.20 10.48 37.28
CA ILE A 318 16.24 11.50 37.40
C ILE A 318 16.88 11.52 38.79
N VAL A 319 16.20 11.02 39.82
CA VAL A 319 16.71 11.19 41.19
C VAL A 319 17.92 10.29 41.42
N LYS A 320 17.80 8.99 41.13
CA LYS A 320 18.90 8.10 41.43
C LYS A 320 20.05 8.35 40.45
N LYS A 321 21.27 8.16 40.92
CA LYS A 321 22.43 8.29 40.05
C LYS A 321 22.42 7.23 38.97
N ASN A 325 23.94 0.69 32.63
CA ASN A 325 23.32 0.54 31.32
C ASN A 325 22.18 1.55 31.15
N PRO A 326 22.37 2.51 30.23
CA PRO A 326 21.36 3.56 30.10
C PRO A 326 20.02 3.07 29.57
N GLN A 327 20.01 2.15 28.61
CA GLN A 327 18.74 1.73 28.02
C GLN A 327 17.82 1.11 29.06
N ARG A 328 18.37 0.29 29.96
CA ARG A 328 17.54 -0.31 31.00
C ARG A 328 16.88 0.77 31.86
N GLU A 329 17.58 1.87 32.09
CA GLU A 329 17.02 2.96 32.90
C GLU A 329 15.86 3.65 32.17
N LEU A 330 16.06 3.99 30.89
CA LEU A 330 14.99 4.63 30.12
C LEU A 330 13.82 3.68 29.93
N ASN A 331 14.10 2.39 29.72
CA ASN A 331 13.03 1.40 29.62
C ASN A 331 12.24 1.35 30.92
N ILE A 332 12.93 1.46 32.06
CA ILE A 332 12.23 1.46 33.34
C ILE A 332 11.43 2.73 33.53
N SER A 333 11.91 3.87 33.01
CA SER A 333 11.10 5.09 33.03
C SER A 333 9.79 4.87 32.26
N LEU A 334 9.90 4.33 31.04
CA LEU A 334 8.71 4.06 30.24
C LEU A 334 7.77 3.10 30.97
N TRP A 335 8.31 2.01 31.51
CA TRP A 335 7.46 1.04 32.21
C TRP A 335 6.78 1.66 33.42
N THR A 336 7.52 2.45 34.20
CA THR A 336 6.93 3.12 35.36
C THR A 336 5.76 3.99 34.94
N SER A 337 6.01 4.90 33.99
CA SER A 337 4.92 5.77 33.52
C SER A 337 3.73 4.95 33.07
N ALA A 338 3.96 3.96 32.21
CA ALA A 338 2.86 3.20 31.61
C ALA A 338 2.06 2.46 32.67
N LEU A 339 2.73 1.67 33.50
CA LEU A 339 2.00 0.86 34.47
C LEU A 339 1.36 1.71 35.55
N LEU A 340 1.96 2.85 35.91
CA LEU A 340 1.34 3.76 36.86
C LEU A 340 0.05 4.33 36.28
N THR A 341 0.11 4.78 35.02
CA THR A 341 -1.12 5.21 34.35
C THR A 341 -2.15 4.10 34.35
N VAL A 342 -1.73 2.88 34.04
CA VAL A 342 -2.65 1.73 34.04
C VAL A 342 -3.36 1.64 35.39
N VAL A 343 -2.59 1.49 36.46
CA VAL A 343 -3.16 1.20 37.77
C VAL A 343 -3.99 2.38 38.28
N LEU A 344 -3.65 3.60 37.86
CA LEU A 344 -4.39 4.76 38.37
C LEU A 344 -5.67 4.98 37.58
N THR A 345 -5.59 5.00 36.25
CA THR A 345 -6.79 5.01 35.44
C THR A 345 -7.69 3.84 35.76
N ALA A 346 -7.16 2.76 36.37
CA ALA A 346 -8.03 1.71 36.89
C ALA A 346 -9.12 2.29 37.79
N PHE A 347 -8.71 2.90 38.91
CA PHE A 347 -9.70 3.50 39.81
C PHE A 347 -10.41 4.66 39.12
N LEU A 348 -9.70 5.42 38.30
CA LEU A 348 -10.34 6.53 37.59
C LEU A 348 -11.52 5.96 36.81
N THR A 349 -11.27 4.88 36.05
CA THR A 349 -12.33 4.27 35.26
C THR A 349 -13.42 3.64 36.13
N TYR A 350 -13.02 2.98 37.22
CA TYR A 350 -14.02 2.36 38.09
C TYR A 350 -14.98 3.30 38.81
N PHE A 351 -14.51 4.49 39.21
CA PHE A 351 -15.36 5.41 39.95
C PHE A 351 -16.05 6.43 39.04
N TYR A 352 -15.32 7.04 38.11
CA TYR A 352 -15.91 8.09 37.29
C TYR A 352 -17.10 7.57 36.49
N LEU A 353 -16.98 6.36 35.94
CA LEU A 353 -18.00 5.79 35.07
C LEU A 353 -18.91 4.79 35.78
N LYS A 354 -18.84 4.69 37.11
CA LYS A 354 -19.69 3.74 37.81
C LYS A 354 -21.15 4.17 37.78
N ASP A 355 -21.40 5.48 37.84
CA ASP A 355 -22.74 6.02 37.89
C ASP A 355 -23.32 6.32 36.50
N LEU A 356 -22.53 6.21 35.44
CA LEU A 356 -23.00 6.56 34.11
C LEU A 356 -24.16 5.66 33.69
N GLN A 357 -25.03 6.20 32.83
CA GLN A 357 -26.22 5.52 32.38
C GLN A 357 -26.21 5.40 30.86
N GLY A 358 -26.55 4.22 30.36
CA GLY A 358 -26.65 3.99 28.94
C GLY A 358 -25.44 3.37 28.27
N LEU A 359 -24.53 2.77 29.04
CA LEU A 359 -23.33 2.19 28.44
C LEU A 359 -23.63 0.97 27.59
N ASP A 360 -24.78 0.33 27.79
CA ASP A 360 -25.15 -0.79 26.94
C ASP A 360 -25.47 -0.33 25.53
N VAL A 361 -25.91 0.92 25.36
CA VAL A 361 -26.15 1.46 24.04
C VAL A 361 -24.84 1.83 23.35
N LEU A 362 -23.86 2.32 24.12
CA LEU A 362 -22.56 2.65 23.55
C LEU A 362 -21.77 1.41 23.16
N GLY A 363 -22.08 0.26 23.74
CA GLY A 363 -21.38 -0.97 23.46
C GLY A 363 -20.44 -1.47 24.53
N PHE A 364 -20.60 -1.02 25.78
CA PHE A 364 -19.73 -1.48 26.87
C PHE A 364 -20.25 -2.83 27.36
N ARG A 365 -19.44 -3.87 27.18
CA ARG A 365 -19.79 -5.22 27.62
C ARG A 365 -19.38 -5.51 29.06
N PHE A 366 -18.82 -4.52 29.76
CA PHE A 366 -18.42 -4.72 31.14
C PHE A 366 -18.82 -3.54 32.04
N GLY A 367 -19.56 -2.57 31.52
CA GLY A 367 -20.04 -1.45 32.30
C GLY A 367 -19.06 -0.33 32.55
N ALA A 368 -18.70 -0.13 33.82
CA ALA A 368 -17.90 1.04 34.19
C ALA A 368 -16.44 0.89 33.77
N ILE A 369 -15.79 -0.21 34.14
CA ILE A 369 -14.36 -0.36 33.89
C ILE A 369 -14.05 -0.83 32.48
N SER A 370 -15.08 -1.12 31.68
CA SER A 370 -14.91 -1.65 30.33
C SER A 370 -13.89 -0.83 29.56
N PRO A 371 -14.11 0.46 29.34
CA PRO A 371 -13.16 1.24 28.53
C PRO A 371 -11.76 1.25 29.10
N TRP A 372 -11.60 1.11 30.42
CA TRP A 372 -10.26 1.08 30.99
C TRP A 372 -9.45 -0.03 30.35
N PHE A 373 -10.07 -1.20 30.13
CA PHE A 373 -9.37 -2.28 29.45
C PHE A 373 -8.83 -1.79 28.11
N SER A 374 -9.67 -1.14 27.32
CA SER A 374 -9.22 -0.59 26.05
C SER A 374 -7.96 0.24 26.25
N ALA A 375 -7.97 1.11 27.25
CA ALA A 375 -6.80 1.96 27.50
C ALA A 375 -5.55 1.09 27.66
N ILE A 376 -5.62 0.11 28.55
CA ILE A 376 -4.44 -0.72 28.78
C ILE A 376 -4.12 -1.50 27.51
N ILE A 377 -5.14 -1.92 26.78
CA ILE A 377 -4.91 -2.66 25.54
C ILE A 377 -4.12 -1.79 24.57
N GLY A 378 -4.34 -0.48 24.59
CA GLY A 378 -3.50 0.40 23.80
C GLY A 378 -2.08 0.45 24.33
N ILE A 379 -1.93 0.63 25.64
CA ILE A 379 -0.60 0.76 26.24
C ILE A 379 0.26 -0.45 25.89
N PHE A 380 -0.19 -1.64 26.31
CA PHE A 380 0.58 -2.84 26.01
C PHE A 380 0.79 -3.09 24.54
N SER A 381 -0.13 -2.62 23.69
CA SER A 381 0.08 -2.73 22.26
C SER A 381 1.23 -1.83 21.81
N GLY A 382 1.23 -0.58 22.25
CA GLY A 382 2.29 0.34 21.86
C GLY A 382 3.63 -0.27 22.19
N ILE A 383 3.80 -0.70 23.44
CA ILE A 383 5.04 -1.37 23.83
C ILE A 383 5.37 -2.45 22.82
N LEU A 384 4.42 -3.37 22.58
CA LEU A 384 4.71 -4.46 21.67
C LEU A 384 5.11 -3.91 20.30
N ILE A 385 4.35 -2.95 19.80
CA ILE A 385 4.68 -2.40 18.49
C ILE A 385 6.09 -1.83 18.50
N GLY A 386 6.43 -1.10 19.57
CA GLY A 386 7.80 -0.62 19.68
C GLY A 386 8.79 -1.75 19.57
N PHE A 387 8.63 -2.78 20.41
CA PHE A 387 9.54 -3.91 20.35
C PHE A 387 9.62 -4.45 18.94
N TRP A 388 8.49 -4.51 18.24
CA TRP A 388 8.49 -5.06 16.89
C TRP A 388 9.43 -4.28 15.99
N ALA A 389 9.30 -2.95 15.99
CA ALA A 389 10.23 -2.14 15.21
C ALA A 389 11.66 -2.53 15.53
N GLU A 390 11.98 -2.61 16.82
CA GLU A 390 13.33 -2.98 17.22
C GLU A 390 13.75 -4.27 16.54
N TYR A 391 12.91 -5.30 16.64
CA TYR A 391 13.27 -6.61 16.12
C TYR A 391 13.69 -6.53 14.66
N TYR A 392 12.97 -5.72 13.87
CA TYR A 392 13.26 -5.67 12.44
C TYR A 392 14.31 -4.63 12.07
N THR A 393 14.66 -3.72 12.97
CA THR A 393 15.49 -2.59 12.60
C THR A 393 16.85 -2.56 13.27
N SER A 394 17.18 -3.53 14.11
CA SER A 394 18.45 -3.54 14.84
C SER A 394 19.26 -4.75 14.43
N TYR A 395 20.59 -4.58 14.45
CA TYR A 395 21.49 -5.68 14.14
C TYR A 395 21.66 -6.65 15.29
N ARG A 396 21.15 -6.31 16.47
CA ARG A 396 21.16 -7.25 17.60
C ARG A 396 20.17 -8.39 17.42
N TYR A 397 19.43 -8.43 16.32
CA TYR A 397 18.49 -9.50 16.02
C TYR A 397 18.76 -10.03 14.62
N LYS A 398 18.01 -11.06 14.23
CA LYS A 398 18.40 -11.82 13.04
C LYS A 398 18.30 -11.01 11.74
N PRO A 399 17.24 -10.24 11.45
CA PRO A 399 17.12 -9.66 10.10
C PRO A 399 18.27 -8.75 9.70
N THR A 400 18.64 -7.81 10.58
CA THR A 400 19.76 -6.91 10.26
C THR A 400 21.06 -7.68 10.10
N GLN A 401 21.23 -8.76 10.86
CA GLN A 401 22.42 -9.58 10.72
C GLN A 401 22.46 -10.23 9.34
N PHE A 402 21.31 -10.74 8.87
CA PHE A 402 21.29 -11.32 7.52
C PHE A 402 21.62 -10.26 6.48
N LEU A 403 21.11 -9.04 6.66
CA LEU A 403 21.42 -7.98 5.69
C LEU A 403 22.92 -7.69 5.68
N GLY A 404 23.52 -7.56 6.85
CA GLY A 404 24.95 -7.30 6.92
C GLY A 404 25.74 -8.40 6.25
N LYS A 405 25.33 -9.65 6.46
CA LYS A 405 26.02 -10.75 5.79
C LYS A 405 25.81 -10.74 4.28
N SER A 406 24.63 -10.30 3.81
CA SER A 406 24.40 -10.22 2.37
C SER A 406 25.23 -9.13 1.73
N SER A 407 25.79 -8.25 2.57
CA SER A 407 26.67 -7.24 2.02
C SER A 407 27.74 -7.88 1.15
N ILE A 408 28.14 -9.12 1.48
CA ILE A 408 29.21 -9.78 0.74
C ILE A 408 28.78 -10.13 -0.68
N GLU A 409 27.51 -10.52 -0.87
CA GLU A 409 27.11 -11.05 -2.17
C GLU A 409 27.00 -9.96 -3.22
N GLY A 410 26.60 -8.75 -2.83
CA GLY A 410 26.52 -7.65 -3.78
C GLY A 410 25.78 -6.48 -3.18
N THR A 411 25.85 -5.36 -3.88
CA THR A 411 25.13 -4.16 -3.47
C THR A 411 23.64 -4.24 -3.83
N GLY A 412 23.34 -4.62 -5.06
CA GLY A 412 21.94 -4.81 -5.44
C GLY A 412 21.26 -5.83 -4.54
N MET A 413 22.00 -6.87 -4.14
CA MET A 413 21.45 -7.81 -3.17
C MET A 413 21.12 -7.14 -1.86
N VAL A 414 21.98 -6.21 -1.42
CA VAL A 414 21.70 -5.47 -0.20
C VAL A 414 20.42 -4.66 -0.34
N ILE A 415 20.27 -3.98 -1.47
CA ILE A 415 19.08 -3.16 -1.69
C ILE A 415 17.82 -4.03 -1.69
N SER A 416 17.87 -5.14 -2.45
CA SER A 416 16.71 -6.01 -2.54
C SER A 416 16.37 -6.61 -1.19
N ASN A 417 17.38 -7.02 -0.43
CA ASN A 417 17.13 -7.61 0.88
C ASN A 417 16.55 -6.57 1.84
N GLY A 418 16.99 -5.32 1.74
CA GLY A 418 16.39 -4.28 2.57
C GLY A 418 14.92 -4.05 2.25
N LEU A 419 14.61 -3.95 0.96
CA LEU A 419 13.21 -3.75 0.58
C LEU A 419 12.35 -4.93 1.02
N SER A 420 12.85 -6.16 0.82
CA SER A 420 12.11 -7.33 1.25
C SER A 420 11.93 -7.35 2.75
N LEU A 421 12.95 -6.94 3.50
CA LEU A 421 12.84 -6.91 4.96
C LEU A 421 11.76 -5.94 5.40
N GLY A 422 11.69 -4.76 4.79
CA GLY A 422 10.62 -3.84 5.16
C GLY A 422 9.25 -4.38 4.82
N MET A 423 9.10 -4.90 3.60
CA MET A 423 7.82 -5.43 3.18
C MET A 423 7.35 -6.53 4.13
N LYS A 424 8.27 -7.39 4.56
CA LYS A 424 7.89 -8.44 5.51
C LYS A 424 7.67 -7.90 6.92
N SER A 425 8.42 -6.89 7.32
CA SER A 425 8.31 -6.31 8.65
C SER A 425 6.96 -5.66 8.88
N VAL A 426 6.29 -5.25 7.80
CA VAL A 426 4.97 -4.65 7.96
C VAL A 426 4.06 -5.53 8.81
N PHE A 427 4.16 -6.86 8.65
CA PHE A 427 3.11 -7.76 9.18
C PHE A 427 3.05 -7.78 10.71
N PRO A 428 4.14 -7.99 11.44
CA PRO A 428 4.02 -8.21 12.89
C PRO A 428 3.31 -7.05 13.58
N PRO A 429 3.77 -5.81 13.36
CA PRO A 429 3.08 -4.68 14.01
C PRO A 429 1.65 -4.50 13.54
N THR A 430 1.38 -4.76 12.25
CA THR A 430 0.01 -4.65 11.76
C THR A 430 -0.90 -5.66 12.42
N LEU A 431 -0.40 -6.88 12.64
CA LEU A 431 -1.19 -7.89 13.34
C LEU A 431 -1.44 -7.46 14.78
N THR A 432 -0.42 -6.87 15.42
CA THR A 432 -0.62 -6.34 16.75
C THR A 432 -1.75 -5.30 16.76
N LEU A 433 -1.71 -4.37 15.80
CA LEU A 433 -2.74 -3.33 15.74
C LEU A 433 -4.11 -3.91 15.46
N VAL A 434 -4.19 -4.91 14.59
CA VAL A 434 -5.46 -5.53 14.24
C VAL A 434 -6.08 -6.20 15.46
N LEU A 435 -5.27 -7.00 16.17
CA LEU A 435 -5.80 -7.67 17.36
C LEU A 435 -6.20 -6.66 18.41
N GLY A 436 -5.40 -5.61 18.59
CA GLY A 436 -5.76 -4.58 19.55
C GLY A 436 -7.08 -3.92 19.20
N ILE A 437 -7.26 -3.55 17.93
CA ILE A 437 -8.52 -2.92 17.52
C ILE A 437 -9.68 -3.87 17.76
N LEU A 438 -9.51 -5.14 17.42
CA LEU A 438 -10.61 -6.09 17.57
C LEU A 438 -11.02 -6.22 19.03
N PHE A 439 -10.03 -6.36 19.92
CA PHE A 439 -10.34 -6.52 21.34
C PHE A 439 -10.92 -5.23 21.92
N ALA A 440 -10.42 -4.08 21.48
CA ALA A 440 -10.96 -2.81 21.97
C ALA A 440 -12.41 -2.64 21.54
N ASP A 441 -12.73 -3.02 20.30
CA ASP A 441 -14.13 -2.98 19.89
C ASP A 441 -14.97 -3.90 20.75
N TYR A 442 -14.55 -5.16 20.89
CA TYR A 442 -15.30 -6.10 21.72
C TYR A 442 -15.57 -5.52 23.11
N PHE A 443 -14.59 -4.82 23.69
CA PHE A 443 -14.77 -4.28 25.03
C PHE A 443 -15.76 -3.11 25.04
N ALA A 444 -15.49 -2.08 24.24
CA ALA A 444 -16.24 -0.83 24.43
C ALA A 444 -16.46 -0.09 23.11
N GLY A 445 -16.74 -0.80 22.03
CA GLY A 445 -17.05 -0.11 20.79
C GLY A 445 -15.98 0.81 20.24
N LEU A 446 -16.45 1.73 19.39
CA LEU A 446 -15.57 2.70 18.73
C LEU A 446 -15.03 3.69 19.75
N TYR A 447 -15.86 4.06 20.72
CA TYR A 447 -15.38 4.90 21.82
C TYR A 447 -14.21 4.26 22.52
N GLY A 448 -14.24 2.94 22.72
CA GLY A 448 -13.15 2.25 23.36
C GLY A 448 -11.93 2.12 22.48
N VAL A 449 -12.13 2.05 21.16
CA VAL A 449 -10.98 2.11 20.27
C VAL A 449 -10.26 3.44 20.44
N ALA A 450 -11.02 4.54 20.49
CA ALA A 450 -10.39 5.84 20.70
C ALA A 450 -9.74 5.92 22.08
N ILE A 451 -10.40 5.36 23.10
CA ILE A 451 -9.83 5.36 24.44
C ILE A 451 -8.52 4.57 24.47
N ALA A 452 -8.45 3.51 23.67
CA ALA A 452 -7.22 2.72 23.60
C ALA A 452 -6.11 3.52 22.90
N ALA A 453 -6.45 4.28 21.88
CA ALA A 453 -5.46 5.18 21.29
C ALA A 453 -4.93 6.15 22.34
N LEU A 454 -5.84 6.73 23.13
CA LEU A 454 -5.42 7.65 24.19
C LEU A 454 -4.49 6.96 25.18
N GLY A 455 -4.86 5.75 25.62
CA GLY A 455 -4.01 5.02 26.55
C GLY A 455 -2.64 4.71 25.97
N MET A 456 -2.61 4.23 24.72
CA MET A 456 -1.35 4.03 24.03
C MET A 456 -0.47 5.27 24.07
N LEU A 457 -1.08 6.44 23.87
CA LEU A 457 -0.32 7.68 23.89
C LEU A 457 -0.46 8.42 25.20
N SER A 458 -0.90 7.74 26.26
CA SER A 458 -1.00 8.36 27.57
C SER A 458 0.36 8.85 28.06
N PHE A 459 1.42 8.04 27.89
CA PHE A 459 2.76 8.44 28.29
C PHE A 459 3.50 9.14 27.16
N VAL A 460 2.82 10.03 26.44
CA VAL A 460 3.46 10.70 25.32
C VAL A 460 4.64 11.52 25.78
N ALA A 461 4.58 12.05 27.01
CA ALA A 461 5.69 12.87 27.50
C ALA A 461 6.97 12.04 27.60
N THR A 462 6.88 10.84 28.18
CA THR A 462 8.04 9.99 28.31
C THR A 462 8.57 9.53 26.95
N SER A 463 7.66 9.16 26.04
CA SER A 463 8.09 8.74 24.71
C SER A 463 8.81 9.87 24.00
N VAL A 464 8.23 11.06 24.02
CA VAL A 464 8.85 12.22 23.38
C VAL A 464 10.17 12.56 24.06
N SER A 465 10.25 12.33 25.38
CA SER A 465 11.48 12.65 26.10
C SER A 465 12.63 11.74 25.67
N VAL A 466 12.38 10.43 25.59
CA VAL A 466 13.42 9.53 25.12
C VAL A 466 13.76 9.84 23.67
N ASP A 467 12.74 10.18 22.88
CA ASP A 467 12.98 10.48 21.47
C ASP A 467 13.87 11.71 21.33
N SER A 468 13.64 12.72 22.17
CA SER A 468 14.49 13.91 22.16
C SER A 468 15.88 13.61 22.69
N TYR A 469 15.98 12.73 23.70
CA TYR A 469 17.29 12.32 24.20
C TYR A 469 18.17 11.83 23.06
N GLY A 470 17.60 11.03 22.17
CA GLY A 470 18.37 10.46 21.09
C GLY A 470 19.38 11.30 20.32
N PRO A 471 18.90 12.34 19.61
CA PRO A 471 19.86 13.23 18.94
C PRO A 471 20.68 14.27 19.79
N ILE A 472 20.19 14.42 21.02
CA ILE A 472 20.90 15.25 21.99
C ILE A 472 22.18 14.43 22.10
N ALA A 473 22.05 13.11 22.25
CA ALA A 473 23.22 12.25 22.32
C ALA A 473 23.98 12.21 21.01
N ASP A 474 23.27 12.14 19.87
CA ASP A 474 23.96 12.09 18.59
C ASP A 474 24.84 13.30 18.29
N ASN A 475 24.27 14.50 18.43
CA ASN A 475 25.08 15.69 18.21
C ASN A 475 26.08 15.94 19.33
N ALA A 476 25.81 15.44 20.55
CA ALA A 476 26.78 15.58 21.63
C ALA A 476 27.99 14.73 21.26
N GLY A 477 27.75 13.53 20.74
CA GLY A 477 28.84 12.73 20.22
C GLY A 477 29.55 13.43 19.09
N GLY A 478 28.80 14.09 18.22
CA GLY A 478 29.44 14.95 17.24
C GLY A 478 30.20 16.04 17.96
N ILE A 479 29.63 16.58 19.05
CA ILE A 479 30.31 17.61 19.83
C ILE A 479 31.61 17.06 20.44
N SER A 480 31.54 15.86 21.01
CA SER A 480 32.76 15.20 21.48
C SER A 480 33.81 15.00 20.41
N GLU A 481 33.38 14.64 19.19
CA GLU A 481 34.30 14.54 18.07
C GLU A 481 34.62 15.89 17.46
N MET A 482 33.77 16.91 17.67
CA MET A 482 34.17 18.23 17.23
C MET A 482 35.52 18.50 17.87
N CYS A 483 36.19 19.55 17.41
CA CYS A 483 37.61 19.76 17.74
C CYS A 483 38.35 18.42 17.63
N GLU A 484 39.04 18.00 18.69
CA GLU A 484 39.58 16.66 18.81
C GLU A 484 39.26 16.46 20.28
N LEU A 485 39.21 15.20 20.70
CA LEU A 485 38.91 14.86 22.08
C LEU A 485 39.52 13.50 22.42
N ASP A 486 39.65 13.25 23.71
CA ASP A 486 40.28 12.02 24.18
C ASP A 486 39.56 10.80 23.61
N PRO A 487 40.28 9.78 23.14
CA PRO A 487 39.60 8.58 22.64
C PRO A 487 38.76 7.90 23.70
N GLU A 488 39.27 7.81 24.92
CA GLU A 488 38.48 7.25 26.02
C GLU A 488 37.24 8.10 26.27
N VAL A 489 37.38 9.43 26.25
CA VAL A 489 36.24 10.31 26.42
C VAL A 489 35.25 10.12 25.28
N ARG A 490 35.77 9.96 24.04
CA ARG A 490 34.91 9.79 22.89
C ARG A 490 34.06 8.52 23.00
N LYS A 491 34.65 7.45 23.55
CA LYS A 491 33.92 6.19 23.64
C LYS A 491 32.67 6.32 24.53
N ILE A 492 32.79 7.01 25.66
CA ILE A 492 31.65 7.12 26.56
C ILE A 492 30.53 7.92 25.91
N THR A 493 30.85 9.05 25.27
CA THR A 493 29.83 9.80 24.55
C THR A 493 29.32 9.04 23.33
N ASP A 494 30.22 8.32 22.64
CA ASP A 494 29.80 7.55 21.47
C ASP A 494 28.81 6.45 21.85
N HIS A 495 29.00 5.83 23.01
CA HIS A 495 28.07 4.80 23.46
C HIS A 495 26.68 5.39 23.67
N LEU A 496 26.61 6.63 24.15
CA LEU A 496 25.32 7.28 24.34
C LEU A 496 24.58 7.47 23.02
N ASP A 497 25.31 7.77 21.94
CA ASP A 497 24.68 8.03 20.65
C ASP A 497 24.01 6.78 20.09
N ALA A 498 24.65 5.61 20.21
CA ALA A 498 24.06 4.38 19.68
C ALA A 498 22.77 4.02 20.40
N VAL A 499 22.78 4.14 21.74
CA VAL A 499 21.55 3.91 22.50
C VAL A 499 20.45 4.85 22.00
N GLY A 500 20.83 6.10 21.70
CA GLY A 500 19.87 7.04 21.16
C GLY A 500 19.33 6.62 19.81
N ASN A 501 20.19 6.06 18.95
CA ASN A 501 19.71 5.63 17.64
C ASN A 501 18.71 4.49 17.77
N THR A 502 19.03 3.49 18.60
CA THR A 502 18.09 2.38 18.79
C THR A 502 16.77 2.87 19.38
N THR A 503 16.84 3.70 20.42
CA THR A 503 15.62 4.21 21.03
C THR A 503 14.83 5.05 20.05
N ALA A 504 15.51 5.80 19.18
CA ALA A 504 14.81 6.60 18.19
C ALA A 504 14.08 5.73 17.17
N ALA A 505 14.69 4.61 16.77
CA ALA A 505 13.98 3.69 15.89
C ALA A 505 12.72 3.17 16.58
N ILE A 506 12.85 2.78 17.85
CA ILE A 506 11.68 2.31 18.59
C ILE A 506 10.62 3.41 18.64
N GLY A 507 11.04 4.65 18.86
CA GLY A 507 10.10 5.75 18.93
C GLY A 507 9.40 6.00 17.62
N LYS A 508 10.12 5.88 16.51
CA LYS A 508 9.48 6.01 15.20
C LYS A 508 8.43 4.93 15.01
N GLY A 509 8.73 3.70 15.42
CA GLY A 509 7.73 2.65 15.33
C GLY A 509 6.50 2.96 16.17
N PHE A 510 6.72 3.38 17.42
CA PHE A 510 5.62 3.73 18.31
C PHE A 510 4.78 4.86 17.73
N ALA A 511 5.45 5.86 17.15
CA ALA A 511 4.73 6.99 16.57
C ALA A 511 3.89 6.56 15.37
N ILE A 512 4.45 5.73 14.49
CA ILE A 512 3.70 5.28 13.33
C ILE A 512 2.48 4.48 13.77
N GLY A 513 2.67 3.57 14.73
CA GLY A 513 1.54 2.77 15.19
C GLY A 513 0.46 3.61 15.83
N SER A 514 0.85 4.49 16.76
CA SER A 514 -0.12 5.36 17.39
C SER A 514 -0.80 6.28 16.38
N ALA A 515 -0.08 6.72 15.35
CA ALA A 515 -0.71 7.57 14.35
C ALA A 515 -1.74 6.80 13.54
N ILE A 516 -1.45 5.56 13.19
CA ILE A 516 -2.45 4.75 12.51
C ILE A 516 -3.67 4.56 13.39
N PHE A 517 -3.46 4.25 14.67
CA PHE A 517 -4.57 4.04 15.59
C PHE A 517 -5.41 5.31 15.73
N ALA A 518 -4.74 6.45 15.90
CA ALA A 518 -5.45 7.72 16.04
C ALA A 518 -6.19 8.08 14.76
N ALA A 519 -5.59 7.83 13.59
CA ALA A 519 -6.26 8.12 12.34
C ALA A 519 -7.51 7.25 12.18
N LEU A 520 -7.45 6.01 12.65
CA LEU A 520 -8.63 5.16 12.62
C LEU A 520 -9.72 5.73 13.53
N SER A 521 -9.33 6.17 14.73
CA SER A 521 -10.31 6.80 15.61
C SER A 521 -10.90 8.04 14.96
N LEU A 522 -10.08 8.78 14.21
CA LEU A 522 -10.55 9.99 13.53
C LEU A 522 -11.48 9.67 12.38
N PHE A 523 -11.28 8.54 11.69
CA PHE A 523 -12.25 8.12 10.68
C PHE A 523 -13.58 7.76 11.32
N ALA A 524 -13.54 7.09 12.47
CA ALA A 524 -14.78 6.82 13.19
C ALA A 524 -15.48 8.12 13.56
N SER A 525 -14.70 9.10 14.02
CA SER A 525 -15.26 10.41 14.33
C SER A 525 -15.82 11.08 13.08
N TYR A 526 -15.17 10.87 11.93
CA TYR A 526 -15.70 11.40 10.67
C TYR A 526 -17.09 10.84 10.38
N MET A 527 -17.24 9.52 10.50
CA MET A 527 -18.56 8.92 10.29
C MET A 527 -19.59 9.43 11.29
N PHE A 528 -19.18 9.64 12.54
CA PHE A 528 -20.13 10.20 13.50
C PHE A 528 -20.45 11.66 13.21
N SER A 529 -19.48 12.41 12.68
CA SER A 529 -19.73 13.79 12.27
C SER A 529 -20.64 13.83 11.05
N GLN A 530 -20.73 12.73 10.31
CA GLN A 530 -21.61 12.67 9.14
C GLN A 530 -23.08 12.68 9.53
N ILE A 531 -23.39 12.72 10.83
CA ILE A 531 -24.78 12.80 11.28
C ILE A 531 -25.39 14.13 10.84
N SER A 532 -26.66 14.08 10.47
CA SER A 532 -27.42 15.25 10.05
C SER A 532 -28.72 15.28 10.82
N PRO A 533 -29.35 16.45 10.95
CA PRO A 533 -30.62 16.49 11.69
C PRO A 533 -31.66 15.58 11.09
N SER A 534 -31.71 15.47 9.75
CA SER A 534 -32.67 14.56 9.14
C SER A 534 -32.31 13.12 9.41
N ASP A 535 -31.01 12.82 9.50
CA ASP A 535 -30.60 11.49 9.88
C ASP A 535 -30.85 11.21 11.34
N ILE A 536 -31.36 12.18 12.11
CA ILE A 536 -31.62 11.94 13.53
C ILE A 536 -32.73 10.92 13.70
N GLY A 537 -33.77 10.99 12.87
CA GLY A 537 -34.84 10.01 12.89
C GLY A 537 -34.44 8.64 12.38
N LYS A 538 -33.38 8.57 11.59
CA LYS A 538 -32.97 7.29 11.01
C LYS A 538 -32.37 6.39 12.09
N PRO A 539 -32.36 5.08 11.86
CA PRO A 539 -31.85 4.14 12.86
C PRO A 539 -30.35 4.31 13.06
N PRO A 540 -29.82 3.85 14.19
CA PRO A 540 -28.37 4.01 14.42
C PRO A 540 -27.52 3.29 13.39
N SER A 541 -27.95 2.11 12.95
CA SER A 541 -27.14 1.34 12.01
C SER A 541 -27.08 2.02 10.64
N LEU A 542 -28.15 2.72 10.25
CA LEU A 542 -28.18 3.35 8.94
C LEU A 542 -27.33 4.61 8.88
N VAL A 543 -27.27 5.37 9.98
CA VAL A 543 -26.55 6.64 9.96
C VAL A 543 -25.04 6.40 9.92
N LEU A 544 -24.56 5.48 10.77
CA LEU A 544 -23.13 5.15 10.85
C LEU A 544 -22.80 4.04 9.86
N LEU A 545 -22.70 4.42 8.59
CA LEU A 545 -22.51 3.43 7.53
C LEU A 545 -21.66 3.99 6.41
N LEU A 546 -20.64 3.22 6.00
CA LEU A 546 -19.83 3.50 4.82
C LEU A 546 -19.70 2.20 4.01
N ASN A 547 -20.68 1.92 3.17
CA ASN A 547 -20.66 0.69 2.38
C ASN A 547 -19.46 0.67 1.44
N MET A 548 -18.76 -0.46 1.41
CA MET A 548 -17.60 -0.61 0.55
C MET A 548 -17.97 -1.09 -0.85
N LEU A 549 -19.23 -1.46 -1.06
CA LEU A 549 -19.72 -1.85 -2.37
C LEU A 549 -20.15 -0.67 -3.23
N ASP A 550 -20.20 0.53 -2.64
CA ASP A 550 -20.50 1.73 -3.41
C ASP A 550 -19.30 2.10 -4.28
N ALA A 551 -19.54 2.27 -5.58
CA ALA A 551 -18.43 2.54 -6.50
C ALA A 551 -17.71 3.82 -6.12
N ARG A 552 -18.45 4.82 -5.63
CA ARG A 552 -17.81 6.06 -5.18
C ARG A 552 -16.78 5.76 -4.11
N VAL A 553 -17.13 4.90 -3.15
CA VAL A 553 -16.24 4.57 -2.06
C VAL A 553 -15.00 3.84 -2.56
N ILE A 554 -15.18 2.88 -3.47
CA ILE A 554 -14.05 2.11 -3.98
C ILE A 554 -13.11 3.01 -4.76
N ALA A 555 -13.66 3.86 -5.63
CA ALA A 555 -12.83 4.79 -6.37
C ALA A 555 -12.10 5.74 -5.43
N GLY A 556 -12.76 6.16 -4.36
CA GLY A 556 -12.11 7.02 -3.38
C GLY A 556 -10.95 6.33 -2.69
N ALA A 557 -11.12 5.05 -2.38
CA ALA A 557 -10.02 4.30 -1.77
C ALA A 557 -8.83 4.20 -2.73
N LEU A 558 -9.11 3.88 -3.99
CA LEU A 558 -8.02 3.80 -4.97
C LEU A 558 -7.31 5.15 -5.09
N LEU A 559 -8.09 6.23 -5.16
CA LEU A 559 -7.50 7.56 -5.29
C LEU A 559 -6.66 7.91 -4.06
N GLY A 560 -7.14 7.58 -2.87
CA GLY A 560 -6.38 7.88 -1.67
C GLY A 560 -5.06 7.12 -1.63
N ALA A 561 -5.09 5.84 -2.01
CA ALA A 561 -3.84 5.09 -2.03
C ALA A 561 -2.88 5.69 -3.04
N ALA A 562 -3.38 6.04 -4.23
CA ALA A 562 -2.52 6.65 -5.23
C ALA A 562 -1.93 7.95 -4.71
N ILE A 563 -2.72 8.74 -3.99
CA ILE A 563 -2.23 10.00 -3.45
C ILE A 563 -1.16 9.76 -2.41
N THR A 564 -1.31 8.72 -1.60
CA THR A 564 -0.28 8.42 -0.60
C THR A 564 1.04 8.07 -1.28
N TYR A 565 0.98 7.20 -2.29
CA TYR A 565 2.22 6.85 -3.00
C TYR A 565 2.85 8.07 -3.66
N TYR A 566 2.03 8.91 -4.29
CA TYR A 566 2.55 10.10 -4.95
C TYR A 566 3.19 11.05 -3.93
N PHE A 567 2.57 11.17 -2.77
CA PHE A 567 3.10 12.00 -1.70
C PHE A 567 4.50 11.52 -1.30
N SER A 568 4.64 10.21 -1.11
CA SER A 568 5.94 9.66 -0.74
C SER A 568 6.98 9.93 -1.82
N GLY A 569 6.61 9.73 -3.08
CA GLY A 569 7.55 9.98 -4.16
C GLY A 569 7.97 11.44 -4.25
N TYR A 570 7.01 12.35 -4.05
CA TYR A 570 7.34 13.77 -4.06
C TYR A 570 8.27 14.11 -2.92
N LEU A 571 8.07 13.50 -1.75
CA LEU A 571 8.96 13.77 -0.63
C LEU A 571 10.38 13.32 -0.96
N ILE A 572 10.51 12.18 -1.62
CA ILE A 572 11.85 11.72 -2.02
C ILE A 572 12.49 12.74 -2.95
N SER A 573 11.77 13.13 -4.00
CA SER A 573 12.33 14.07 -4.96
C SER A 573 12.66 15.42 -4.31
N ALA A 574 11.85 15.85 -3.35
CA ALA A 574 12.10 17.12 -2.68
C ALA A 574 13.38 17.06 -1.84
N VAL A 575 13.58 15.95 -1.13
CA VAL A 575 14.83 15.79 -0.39
C VAL A 575 16.01 15.90 -1.34
N THR A 576 15.93 15.21 -2.49
CA THR A 576 17.05 15.25 -3.43
C THR A 576 17.27 16.67 -3.95
N LYS A 577 16.19 17.38 -4.29
CA LYS A 577 16.34 18.73 -4.84
C LYS A 577 16.94 19.69 -3.83
N ALA A 578 16.50 19.61 -2.57
CA ALA A 578 17.05 20.48 -1.54
C ALA A 578 18.54 20.18 -1.32
N ALA A 579 18.90 18.90 -1.34
CA ALA A 579 20.32 18.56 -1.20
C ALA A 579 21.14 19.14 -2.34
N MET A 580 20.62 19.06 -3.57
CA MET A 580 21.33 19.63 -4.70
C MET A 580 21.48 21.13 -4.56
N LYS A 581 20.43 21.81 -4.07
CA LYS A 581 20.52 23.25 -3.87
C LYS A 581 21.58 23.60 -2.83
N MET A 582 21.64 22.86 -1.73
CA MET A 582 22.69 23.11 -0.74
C MET A 582 24.08 22.86 -1.32
N VAL A 583 24.22 21.82 -2.15
CA VAL A 583 25.53 21.55 -2.74
C VAL A 583 25.95 22.70 -3.66
N ASP A 584 25.01 23.20 -4.46
CA ASP A 584 25.33 24.31 -5.35
C ASP A 584 25.68 25.58 -4.57
N GLU A 585 24.96 25.85 -3.47
CA GLU A 585 25.32 27.00 -2.64
C GLU A 585 26.67 26.81 -1.97
N ILE A 586 26.99 25.57 -1.56
CA ILE A 586 28.28 25.32 -0.95
C ILE A 586 29.39 25.55 -1.97
N ARG A 587 29.12 25.24 -3.24
CA ARG A 587 30.08 25.56 -4.29
C ARG A 587 30.39 27.05 -4.31
N ARG A 588 29.35 27.89 -4.14
CA ARG A 588 29.57 29.34 -4.09
C ARG A 588 30.51 29.70 -2.94
N GLN A 589 30.31 29.10 -1.78
CA GLN A 589 31.13 29.41 -0.61
C GLN A 589 32.59 29.02 -0.88
N ALA A 590 33.50 29.80 -0.33
CA ALA A 590 34.93 29.58 -0.53
C ALA A 590 35.75 30.10 0.65
N TYR A 605 28.31 29.77 6.78
CA TYR A 605 27.77 30.19 8.06
C TYR A 605 26.35 29.67 8.28
N ASN A 606 25.39 30.60 8.26
CA ASN A 606 23.97 30.26 8.35
C ASN A 606 23.25 30.52 7.04
N ARG A 607 23.98 30.94 6.01
CA ARG A 607 23.37 31.20 4.71
C ARG A 607 22.91 29.90 4.06
N CYS A 608 23.69 28.83 4.21
CA CYS A 608 23.31 27.57 3.59
C CYS A 608 22.06 26.98 4.24
N ILE A 609 21.92 27.14 5.56
CA ILE A 609 20.73 26.62 6.24
C ILE A 609 19.47 27.32 5.71
N GLU A 610 19.54 28.64 5.59
CA GLU A 610 18.39 29.41 5.11
C GLU A 610 17.98 28.97 3.71
N ILE A 611 18.94 28.80 2.81
CA ILE A 611 18.64 28.37 1.45
C ILE A 611 17.84 27.07 1.47
N THR A 612 18.30 26.12 2.29
CA THR A 612 17.59 24.84 2.40
C THR A 612 16.20 25.05 2.98
N SER A 613 16.08 25.89 4.01
CA SER A 613 14.77 26.12 4.61
C SER A 613 13.78 26.67 3.59
N ASP A 614 14.20 27.68 2.83
CA ASP A 614 13.34 28.25 1.81
C ASP A 614 12.93 27.20 0.78
N ASN A 615 13.90 26.46 0.24
CA ASN A 615 13.57 25.43 -0.75
C ASN A 615 12.61 24.39 -0.16
N ALA A 616 12.86 23.97 1.08
CA ALA A 616 12.02 22.97 1.72
C ALA A 616 10.59 23.47 1.92
N LEU A 617 10.43 24.72 2.37
CA LEU A 617 9.08 25.24 2.58
C LEU A 617 8.32 25.34 1.26
N LYS A 618 9.02 25.74 0.20
CA LYS A 618 8.37 25.77 -1.11
C LYS A 618 7.98 24.36 -1.54
N GLN A 619 8.86 23.39 -1.27
CA GLN A 619 8.58 22.01 -1.65
C GLN A 619 7.41 21.46 -0.85
N MET A 620 7.30 21.84 0.43
CA MET A 620 6.20 21.36 1.26
C MET A 620 4.88 22.02 0.88
N GLY A 621 4.93 23.11 0.12
CA GLY A 621 3.67 23.70 -0.33
C GLY A 621 2.80 22.69 -1.07
N TYR A 622 3.40 21.94 -2.02
CA TYR A 622 2.61 21.05 -2.86
C TYR A 622 2.08 19.85 -2.12
N PRO A 623 2.88 19.06 -1.39
CA PRO A 623 2.31 17.93 -0.65
C PRO A 623 1.32 18.36 0.41
N ALA A 624 1.62 19.45 1.12
CA ALA A 624 0.66 19.97 2.08
C ALA A 624 -0.66 20.34 1.41
N PHE A 625 -0.58 21.04 0.27
CA PHE A 625 -1.80 21.37 -0.45
C PHE A 625 -2.56 20.12 -0.85
N ILE A 626 -1.83 19.06 -1.23
CA ILE A 626 -2.49 17.78 -1.50
C ILE A 626 -3.26 17.34 -0.26
N ALA A 627 -2.53 17.18 0.85
CA ALA A 627 -3.13 16.62 2.06
C ALA A 627 -4.32 17.44 2.52
N ILE A 628 -4.27 18.75 2.35
CA ILE A 628 -5.33 19.62 2.87
C ILE A 628 -6.52 19.65 1.93
N LEU A 629 -6.29 19.81 0.63
CA LEU A 629 -7.38 20.09 -0.29
C LEU A 629 -7.95 18.83 -0.93
N THR A 630 -7.29 17.68 -0.80
CA THR A 630 -7.86 16.47 -1.36
C THR A 630 -9.23 16.17 -0.77
N PRO A 631 -9.43 16.23 0.56
CA PRO A 631 -10.78 15.99 1.07
C PRO A 631 -11.81 16.96 0.55
N LEU A 632 -11.45 18.25 0.48
CA LEU A 632 -12.40 19.27 0.03
C LEU A 632 -12.78 19.04 -1.42
N VAL A 633 -11.79 18.92 -2.31
CA VAL A 633 -12.08 18.72 -3.73
C VAL A 633 -12.88 17.45 -3.93
N THR A 634 -12.41 16.34 -3.37
CA THR A 634 -13.10 15.07 -3.57
C THR A 634 -14.50 15.06 -2.97
N GLY A 635 -14.73 15.80 -1.89
CA GLY A 635 -16.05 15.85 -1.29
C GLY A 635 -17.02 16.75 -2.02
N PHE A 636 -16.54 17.90 -2.48
CA PHE A 636 -17.41 18.83 -3.20
C PHE A 636 -17.68 18.34 -4.61
N LEU A 637 -16.75 17.61 -5.21
CA LEU A 637 -16.97 17.03 -6.52
C LEU A 637 -17.89 15.81 -6.43
N LEU A 638 -17.58 14.87 -5.54
CA LEU A 638 -18.28 13.59 -5.51
C LEU A 638 -19.13 13.38 -4.27
N GLY A 639 -18.63 13.65 -3.07
CA GLY A 639 -19.49 13.56 -1.92
C GLY A 639 -18.78 12.95 -0.73
N ALA A 640 -19.57 12.67 0.30
CA ALA A 640 -19.02 12.20 1.58
C ALA A 640 -18.61 10.74 1.56
N GLU A 641 -19.31 9.89 0.80
CA GLU A 641 -18.92 8.49 0.76
C GLU A 641 -17.58 8.32 0.03
N PHE A 642 -17.39 9.07 -1.06
CA PHE A 642 -16.11 9.06 -1.75
C PHE A 642 -15.01 9.57 -0.83
N VAL A 643 -15.32 10.56 0.00
CA VAL A 643 -14.31 11.09 0.93
C VAL A 643 -13.97 10.04 1.99
N GLY A 644 -14.97 9.33 2.50
CA GLY A 644 -14.68 8.25 3.43
C GLY A 644 -13.80 7.17 2.82
N GLY A 645 -14.08 6.82 1.57
CA GLY A 645 -13.22 5.86 0.89
C GLY A 645 -11.81 6.37 0.71
N VAL A 646 -11.66 7.64 0.33
CA VAL A 646 -10.34 8.23 0.22
C VAL A 646 -9.61 8.13 1.56
N LEU A 647 -10.31 8.40 2.65
CA LEU A 647 -9.69 8.35 3.96
C LEU A 647 -9.21 6.94 4.29
N ILE A 648 -10.07 5.94 4.08
CA ILE A 648 -9.67 4.58 4.44
C ILE A 648 -8.51 4.10 3.58
N GLY A 649 -8.57 4.37 2.27
CA GLY A 649 -7.47 3.96 1.41
C GLY A 649 -6.17 4.65 1.77
N THR A 650 -6.24 5.95 2.07
CA THR A 650 -5.05 6.67 2.46
C THR A 650 -4.48 6.12 3.76
N VAL A 651 -5.34 5.80 4.72
CA VAL A 651 -4.85 5.25 5.98
C VAL A 651 -4.13 3.93 5.74
N LEU A 652 -4.74 3.05 4.94
CA LEU A 652 -4.12 1.76 4.69
C LEU A 652 -2.77 1.92 4.01
N SER A 653 -2.75 2.65 2.88
CA SER A 653 -1.51 2.80 2.12
C SER A 653 -0.45 3.52 2.93
N GLY A 654 -0.84 4.53 3.69
CA GLY A 654 0.13 5.28 4.48
C GLY A 654 0.70 4.45 5.60
N ALA A 655 -0.14 3.70 6.31
CA ALA A 655 0.37 2.82 7.35
C ALA A 655 1.40 1.86 6.77
N MET A 656 1.04 1.20 5.67
CA MET A 656 1.95 0.21 5.10
C MET A 656 3.24 0.87 4.62
N LEU A 657 3.13 1.97 3.89
CA LEU A 657 4.32 2.62 3.33
C LEU A 657 5.21 3.18 4.43
N ALA A 658 4.61 3.77 5.47
CA ALA A 658 5.40 4.31 6.56
C ALA A 658 6.15 3.20 7.28
N ILE A 659 5.46 2.10 7.58
CA ILE A 659 6.13 0.99 8.22
C ILE A 659 7.29 0.52 7.36
N LEU A 660 7.03 0.29 6.07
CA LEU A 660 8.07 -0.21 5.18
C LEU A 660 9.27 0.72 5.15
N THR A 661 9.04 2.02 4.89
CA THR A 661 10.14 2.94 4.74
C THR A 661 10.93 3.08 6.04
N ALA A 662 10.25 3.28 7.16
CA ALA A 662 10.95 3.47 8.42
C ALA A 662 11.78 2.25 8.77
N ASN A 663 11.18 1.06 8.70
CA ASN A 663 11.91 -0.14 9.09
C ASN A 663 13.06 -0.42 8.13
N SER A 664 12.84 -0.22 6.82
CA SER A 664 13.92 -0.47 5.87
C SER A 664 15.10 0.45 6.13
N GLY A 665 14.84 1.74 6.30
CA GLY A 665 15.92 2.67 6.54
C GLY A 665 16.67 2.37 7.82
N GLY A 666 15.92 2.16 8.91
CA GLY A 666 16.57 1.85 10.17
C GLY A 666 17.40 0.58 10.12
N ALA A 667 16.87 -0.46 9.48
CA ALA A 667 17.60 -1.71 9.37
C ALA A 667 18.86 -1.54 8.54
N TRP A 668 18.78 -0.79 7.44
CA TRP A 668 19.98 -0.53 6.64
C TRP A 668 21.04 0.18 7.48
N ASP A 669 20.62 1.14 8.30
CA ASP A 669 21.56 1.88 9.14
C ASP A 669 22.24 0.95 10.13
N ASN A 670 21.45 0.11 10.80
CA ASN A 670 22.04 -0.78 11.80
C ASN A 670 22.90 -1.87 11.18
N ALA A 671 22.57 -2.33 9.96
CA ALA A 671 23.43 -3.30 9.28
C ALA A 671 24.76 -2.66 8.90
N LYS A 672 24.73 -1.41 8.45
CA LYS A 672 25.98 -0.71 8.19
C LYS A 672 26.80 -0.63 9.47
N LYS A 673 26.13 -0.38 10.61
CA LYS A 673 26.83 -0.40 11.89
C LYS A 673 27.41 -1.78 12.19
N TYR A 674 26.68 -2.83 11.84
CA TYR A 674 27.15 -4.20 12.04
C TYR A 674 28.47 -4.42 11.32
N LEU A 675 28.55 -3.97 10.06
CA LEU A 675 29.81 -4.09 9.34
C LEU A 675 30.89 -3.19 9.94
N GLU A 676 30.52 -1.96 10.29
CA GLU A 676 31.49 -1.03 10.90
C GLU A 676 31.96 -1.52 12.26
N ALA A 677 31.04 -2.06 13.06
CA ALA A 677 31.37 -2.54 14.40
C ALA A 677 32.38 -3.66 14.39
N GLY A 678 32.60 -4.30 13.25
CA GLY A 678 33.48 -5.44 13.19
C GLY A 678 32.84 -6.75 13.53
N ASN A 679 31.51 -6.78 13.71
CA ASN A 679 30.84 -8.05 13.94
C ASN A 679 31.05 -8.97 12.74
N LEU A 680 30.99 -8.40 11.54
CA LEU A 680 31.38 -9.11 10.35
C LEU A 680 32.90 -9.21 10.32
N GLU A 681 33.41 -10.38 9.94
CA GLU A 681 34.84 -10.63 9.97
C GLU A 681 35.41 -10.73 8.55
N GLY A 682 36.62 -10.20 8.38
CA GLY A 682 37.25 -10.10 7.09
C GLY A 682 37.00 -8.78 6.41
N TYR A 683 35.89 -8.12 6.74
CA TYR A 683 35.48 -6.88 6.12
C TYR A 683 35.45 -5.76 7.16
N GLY A 684 36.21 -4.69 6.91
CA GLY A 684 36.22 -3.52 7.75
C GLY A 684 35.71 -2.30 7.00
N LYS A 685 35.66 -1.18 7.71
CA LYS A 685 35.20 0.06 7.11
C LYS A 685 35.95 0.33 5.80
N GLY A 686 35.22 0.83 4.81
CA GLY A 686 35.75 1.11 3.50
C GLY A 686 35.90 -0.09 2.59
N SER A 687 35.33 -1.24 2.95
CA SER A 687 35.39 -2.42 2.11
C SER A 687 34.24 -2.42 1.11
N GLU A 688 34.28 -3.35 0.16
CA GLU A 688 33.20 -3.43 -0.84
C GLU A 688 31.86 -3.78 -0.20
N PRO A 689 31.75 -4.79 0.67
CA PRO A 689 30.46 -4.99 1.36
C PRO A 689 30.00 -3.75 2.10
N HIS A 690 30.91 -3.05 2.78
CA HIS A 690 30.55 -1.82 3.45
C HIS A 690 30.07 -0.77 2.45
N LYS A 691 30.64 -0.76 1.24
CA LYS A 691 30.17 0.17 0.22
C LYS A 691 28.71 -0.14 -0.14
N ALA A 692 28.40 -1.41 -0.36
CA ALA A 692 27.03 -1.79 -0.64
C ALA A 692 26.10 -1.35 0.49
N LEU A 693 26.51 -1.62 1.73
CA LEU A 693 25.65 -1.28 2.87
C LEU A 693 25.45 0.23 2.99
N VAL A 694 26.50 1.01 2.76
CA VAL A 694 26.39 2.46 2.91
C VAL A 694 25.53 3.04 1.80
N ILE A 695 25.62 2.49 0.59
CA ILE A 695 24.75 2.97 -0.48
C ILE A 695 23.30 2.68 -0.14
N GLY A 696 23.04 1.47 0.36
CA GLY A 696 21.68 1.14 0.76
C GLY A 696 21.20 2.05 1.87
N ASP A 697 22.11 2.48 2.75
CA ASP A 697 21.73 3.38 3.83
C ASP A 697 21.42 4.79 3.32
N THR A 698 22.20 5.29 2.36
CA THR A 698 21.87 6.57 1.76
C THR A 698 20.50 6.51 1.09
N VAL A 699 20.12 5.34 0.58
CA VAL A 699 18.77 5.22 0.02
C VAL A 699 17.75 5.18 1.15
N GLY A 700 18.07 4.49 2.25
CA GLY A 700 17.11 4.34 3.33
C GLY A 700 16.85 5.61 4.12
N ASP A 701 17.86 6.47 4.25
CA ASP A 701 17.77 7.68 5.07
C ASP A 701 16.55 8.51 4.73
N PRO A 702 16.43 8.99 3.50
CA PRO A 702 15.27 9.82 3.16
C PRO A 702 13.95 9.08 3.35
N LEU A 703 13.96 7.77 3.17
CA LEU A 703 12.72 7.01 3.30
C LEU A 703 12.30 6.90 4.76
N LYS A 704 13.25 6.70 5.67
CA LYS A 704 12.91 6.49 7.06
C LYS A 704 12.73 7.78 7.85
N ASP A 705 13.39 8.86 7.43
CA ASP A 705 13.34 10.10 8.18
C ASP A 705 12.43 11.16 7.57
N THR A 706 11.93 10.94 6.35
CA THR A 706 11.02 11.87 5.70
C THR A 706 9.74 11.19 5.24
N VAL A 707 9.85 10.14 4.43
CA VAL A 707 8.66 9.53 3.84
C VAL A 707 7.73 8.98 4.93
N GLY A 708 8.27 8.16 5.83
CA GLY A 708 7.46 7.57 6.88
C GLY A 708 6.76 8.57 7.79
N PRO A 709 7.52 9.43 8.45
CA PRO A 709 6.89 10.38 9.38
C PRO A 709 5.92 11.31 8.68
N SER A 710 6.20 11.65 7.42
CA SER A 710 5.30 12.52 6.71
C SER A 710 4.05 11.77 6.30
N LEU A 711 4.17 10.46 6.11
CA LEU A 711 2.99 9.66 5.83
C LEU A 711 2.09 9.60 7.05
N ASP A 712 2.70 9.49 8.25
CA ASP A 712 1.88 9.53 9.46
C ASP A 712 1.10 10.83 9.53
N ILE A 713 1.81 11.94 9.30
CA ILE A 713 1.17 13.26 9.32
C ILE A 713 0.08 13.33 8.26
N LEU A 714 0.35 12.84 7.06
CA LEU A 714 -0.64 12.88 5.99
C LEU A 714 -1.93 12.19 6.40
N ILE A 715 -1.82 10.93 6.87
CA ILE A 715 -3.03 10.18 7.17
C ILE A 715 -3.84 10.91 8.24
N LYS A 716 -3.17 11.35 9.31
CA LYS A 716 -3.94 11.95 10.39
C LYS A 716 -4.57 13.28 9.97
N ILE A 717 -3.81 14.12 9.27
CA ILE A 717 -4.33 15.43 8.88
C ILE A 717 -5.48 15.30 7.87
N MET A 718 -5.38 14.33 6.96
CA MET A 718 -6.48 14.14 6.03
C MET A 718 -7.73 13.69 6.79
N SER A 719 -7.57 12.81 7.78
CA SER A 719 -8.72 12.43 8.59
C SER A 719 -9.35 13.66 9.23
N VAL A 720 -8.53 14.56 9.78
CA VAL A 720 -9.07 15.73 10.47
C VAL A 720 -9.80 16.66 9.50
N VAL A 721 -9.13 16.99 8.39
CA VAL A 721 -9.73 17.91 7.42
C VAL A 721 -11.05 17.36 6.91
N SER A 722 -11.13 16.05 6.65
CA SER A 722 -12.39 15.48 6.21
C SER A 722 -13.44 15.55 7.31
N VAL A 723 -13.05 15.25 8.55
CA VAL A 723 -14.01 15.32 9.65
C VAL A 723 -14.61 16.71 9.75
N ILE A 724 -13.81 17.74 9.47
CA ILE A 724 -14.33 19.10 9.56
C ILE A 724 -15.22 19.43 8.35
N ALA A 725 -14.72 19.19 7.14
CA ALA A 725 -15.42 19.65 5.94
C ALA A 725 -16.63 18.79 5.58
N VAL A 726 -16.80 17.61 6.18
CA VAL A 726 -17.98 16.81 5.91
C VAL A 726 -19.25 17.54 6.33
N SER A 727 -19.15 18.45 7.30
CA SER A 727 -20.32 19.24 7.69
C SER A 727 -20.82 20.09 6.54
N ILE A 728 -19.93 20.52 5.65
CA ILE A 728 -20.30 21.42 4.55
C ILE A 728 -20.57 20.64 3.27
N PHE A 729 -19.74 19.67 2.91
CA PHE A 729 -19.94 18.94 1.66
C PHE A 729 -20.63 17.59 1.87
N LYS A 730 -21.21 17.36 3.05
CA LYS A 730 -22.01 16.15 3.25
C LYS A 730 -23.13 16.06 2.23
N HIS A 731 -23.90 17.14 2.07
CA HIS A 731 -24.94 17.23 1.07
C HIS A 731 -24.56 18.13 -0.10
N VAL A 732 -23.46 18.88 0.02
CA VAL A 732 -23.01 19.76 -1.05
C VAL A 732 -21.89 19.08 -1.83
N HIS A 733 -22.27 18.19 -2.74
CA HIS A 733 -21.33 17.56 -3.66
C HIS A 733 -21.83 17.83 -5.06
N LEU A 734 -20.98 18.48 -5.86
CA LEU A 734 -21.42 19.08 -7.11
C LEU A 734 -21.52 18.10 -8.28
N PHE A 735 -20.94 16.91 -8.17
CA PHE A 735 -21.04 15.95 -9.26
C PHE A 735 -21.70 14.65 -8.79
N VAL B 12 -28.19 -19.37 -34.33
CA VAL B 12 -27.08 -18.44 -34.35
C VAL B 12 -26.15 -18.69 -33.17
N ALA B 13 -26.73 -19.07 -32.03
CA ALA B 13 -25.90 -19.40 -30.88
C ALA B 13 -25.00 -20.59 -31.17
N ALA B 14 -25.44 -21.50 -32.04
CA ALA B 14 -24.58 -22.59 -32.48
C ALA B 14 -23.43 -22.08 -33.35
N LEU B 15 -23.61 -20.93 -34.00
CA LEU B 15 -22.56 -20.30 -34.77
C LEU B 15 -21.65 -19.41 -33.93
N PHE B 16 -22.10 -19.03 -32.73
CA PHE B 16 -21.19 -18.39 -31.78
C PHE B 16 -20.39 -19.44 -31.01
N PHE B 17 -21.04 -20.53 -30.60
CA PHE B 17 -20.33 -21.65 -29.99
C PHE B 17 -19.20 -22.14 -30.87
N LEU B 18 -19.27 -21.88 -32.18
CA LEU B 18 -18.25 -22.32 -33.11
C LEU B 18 -16.98 -21.47 -33.06
N ILE B 19 -17.09 -20.26 -32.49
CA ILE B 19 -15.92 -19.38 -32.45
C ILE B 19 -14.79 -19.99 -31.66
N PRO B 20 -15.01 -20.62 -30.50
CA PRO B 20 -13.88 -21.23 -29.78
C PRO B 20 -13.17 -22.31 -30.57
N LEU B 21 -13.93 -23.21 -31.20
CA LEU B 21 -13.32 -24.25 -32.02
C LEU B 21 -12.62 -23.65 -33.23
N VAL B 22 -13.20 -22.61 -33.83
CA VAL B 22 -12.55 -21.93 -34.94
C VAL B 22 -11.20 -21.36 -34.50
N ALA B 23 -11.19 -20.68 -33.36
CA ALA B 23 -9.96 -20.08 -32.86
C ALA B 23 -8.92 -21.15 -32.53
N LEU B 24 -9.36 -22.25 -31.90
CA LEU B 24 -8.42 -23.32 -31.56
C LEU B 24 -7.82 -23.92 -32.82
N GLY B 25 -8.66 -24.20 -33.81
CA GLY B 25 -8.16 -24.74 -35.06
C GLY B 25 -7.24 -23.79 -35.79
N PHE B 26 -7.55 -22.49 -35.76
CA PHE B 26 -6.72 -21.51 -36.45
C PHE B 26 -5.38 -21.35 -35.75
N ALA B 27 -5.37 -21.43 -34.41
CA ALA B 27 -4.11 -21.39 -33.69
C ALA B 27 -3.28 -22.64 -33.96
N ALA B 28 -3.92 -23.82 -33.99
CA ALA B 28 -3.20 -25.04 -34.33
C ALA B 28 -2.63 -24.96 -35.75
N ALA B 29 -3.40 -24.40 -36.68
CA ALA B 29 -2.92 -24.24 -38.05
C ALA B 29 -1.75 -23.27 -38.13
N ASN B 30 -1.81 -22.19 -37.35
CA ASN B 30 -0.67 -21.28 -37.29
C ASN B 30 0.56 -21.99 -36.73
N PHE B 31 0.36 -22.84 -35.72
CA PHE B 31 1.47 -23.62 -35.20
C PHE B 31 2.07 -24.51 -36.27
N ALA B 32 1.21 -25.20 -37.04
CA ALA B 32 1.69 -26.09 -38.08
C ALA B 32 2.42 -25.32 -39.17
N ALA B 33 1.88 -24.15 -39.56
CA ALA B 33 2.54 -23.33 -40.56
C ALA B 33 3.92 -22.81 -40.18
N VAL B 34 4.11 -22.48 -38.90
CA VAL B 34 5.44 -22.06 -38.43
C VAL B 34 6.37 -23.26 -38.28
N VAL B 35 5.80 -24.43 -38.03
CA VAL B 35 6.60 -25.65 -38.01
C VAL B 35 7.10 -25.81 -39.44
N ARG B 36 6.24 -25.47 -40.40
CA ARG B 36 6.66 -25.48 -41.80
C ARG B 36 7.75 -24.45 -42.06
N LYS B 37 7.72 -23.33 -41.34
CA LYS B 37 8.71 -22.29 -41.58
C LYS B 37 10.12 -22.85 -41.33
N PRO B 38 11.10 -22.48 -42.15
CA PRO B 38 12.43 -23.08 -42.01
C PRO B 38 13.20 -22.53 -40.82
N GLU B 39 14.11 -23.36 -40.32
CA GLU B 39 14.97 -22.99 -39.18
C GLU B 39 16.39 -22.65 -39.64
N GLU B 42 22.60 -24.77 -39.63
CA GLU B 42 22.36 -25.97 -38.84
C GLU B 42 22.81 -25.76 -37.40
N ARG B 43 23.91 -25.02 -37.23
CA ARG B 43 24.42 -24.77 -35.89
C ARG B 43 23.41 -24.01 -35.04
N MET B 44 22.71 -23.05 -35.65
CA MET B 44 21.73 -22.27 -34.89
C MET B 44 20.56 -23.12 -34.39
N LYS B 45 20.11 -24.10 -35.20
CA LYS B 45 18.94 -24.90 -34.82
C LYS B 45 19.16 -25.65 -33.51
N GLU B 46 20.41 -26.06 -33.24
CA GLU B 46 20.66 -26.85 -32.04
C GLU B 46 20.27 -26.10 -30.77
N ILE B 47 20.62 -24.82 -30.68
CA ILE B 47 20.30 -24.04 -29.48
C ILE B 47 18.80 -23.94 -29.30
N SER B 48 18.06 -23.77 -30.39
CA SER B 48 16.61 -23.75 -30.27
C SER B 48 16.11 -25.09 -29.72
N SER B 49 16.71 -26.20 -30.16
CA SER B 49 16.32 -27.49 -29.62
C SER B 49 16.70 -27.49 -28.14
N TYR B 50 17.86 -26.91 -27.80
CA TYR B 50 18.28 -26.87 -26.39
C TYR B 50 17.18 -26.23 -25.54
N ILE B 51 16.78 -25.02 -25.94
CA ILE B 51 15.75 -24.28 -25.21
C ILE B 51 14.39 -24.96 -25.15
N ARG B 52 13.97 -25.56 -26.28
CA ARG B 52 12.68 -26.24 -26.28
C ARG B 52 12.65 -27.38 -25.26
N SER B 53 13.74 -28.16 -25.19
CA SER B 53 13.77 -29.29 -24.26
C SER B 53 13.74 -28.80 -22.81
N GLY B 54 14.51 -27.76 -22.50
CA GLY B 54 14.47 -27.22 -21.15
C GLY B 54 13.08 -26.73 -20.77
N ALA B 55 12.43 -26.01 -21.69
CA ALA B 55 11.08 -25.53 -21.43
C ALA B 55 10.13 -26.70 -21.20
N ASP B 56 10.30 -27.78 -21.97
CA ASP B 56 9.42 -28.94 -21.79
C ASP B 56 9.63 -29.60 -20.43
N SER B 57 10.88 -29.68 -19.97
CA SER B 57 11.13 -30.24 -18.64
C SER B 57 10.47 -29.39 -17.56
N PHE B 58 10.65 -28.06 -17.65
CA PHE B 58 10.01 -27.18 -16.68
C PHE B 58 8.49 -27.34 -16.72
N LEU B 59 7.92 -27.41 -17.92
CA LEU B 59 6.48 -27.56 -18.06
C LEU B 59 6.00 -28.88 -17.47
N ALA B 60 6.77 -29.95 -17.65
CA ALA B 60 6.35 -31.25 -17.12
C ALA B 60 6.36 -31.23 -15.60
N HIS B 61 7.43 -30.70 -14.99
CA HIS B 61 7.48 -30.61 -13.53
C HIS B 61 6.30 -29.81 -13.01
N GLU B 62 6.10 -28.62 -13.58
CA GLU B 62 5.01 -27.75 -13.14
C GLU B 62 3.66 -28.43 -13.30
N THR B 63 3.45 -29.08 -14.45
CA THR B 63 2.16 -29.71 -14.73
C THR B 63 1.88 -30.83 -13.75
N LYS B 64 2.88 -31.65 -13.44
CA LYS B 64 2.67 -32.70 -12.45
C LYS B 64 2.23 -32.09 -11.12
N ALA B 65 2.97 -31.09 -10.65
CA ALA B 65 2.61 -30.50 -9.36
C ALA B 65 1.22 -29.88 -9.41
N ILE B 66 0.92 -29.14 -10.47
CA ILE B 66 -0.35 -28.42 -10.56
C ILE B 66 -1.52 -29.39 -10.64
N PHE B 67 -1.36 -30.50 -11.37
CA PHE B 67 -2.46 -31.45 -11.46
C PHE B 67 -2.66 -32.23 -10.18
N LYS B 68 -1.60 -32.52 -9.43
CA LYS B 68 -1.82 -33.10 -8.10
C LYS B 68 -2.62 -32.13 -7.23
N VAL B 69 -2.21 -30.85 -7.21
CA VAL B 69 -2.91 -29.86 -6.41
C VAL B 69 -4.36 -29.72 -6.87
N ALA B 70 -4.58 -29.78 -8.18
CA ALA B 70 -5.92 -29.67 -8.73
C ALA B 70 -6.77 -30.88 -8.37
N ILE B 71 -6.16 -32.06 -8.27
CA ILE B 71 -6.91 -33.23 -7.80
C ILE B 71 -7.41 -32.97 -6.40
N VAL B 72 -6.53 -32.50 -5.52
CA VAL B 72 -6.94 -32.22 -4.15
C VAL B 72 -8.04 -31.15 -4.13
N ILE B 73 -7.88 -30.11 -4.96
CA ILE B 73 -8.85 -29.02 -4.98
C ILE B 73 -10.22 -29.52 -5.43
N ALA B 74 -10.26 -30.34 -6.48
CA ALA B 74 -11.53 -30.84 -6.99
C ALA B 74 -12.19 -31.77 -5.97
N ILE B 75 -11.40 -32.60 -5.28
CA ILE B 75 -11.97 -33.47 -4.25
C ILE B 75 -12.60 -32.63 -3.15
N LEU B 76 -11.88 -31.62 -2.65
CA LEU B 76 -12.45 -30.77 -1.61
C LEU B 76 -13.70 -30.05 -2.09
N LEU B 77 -13.69 -29.59 -3.35
CA LEU B 77 -14.84 -28.87 -3.89
C LEU B 77 -16.07 -29.77 -3.92
N MET B 78 -15.91 -30.99 -4.45
CA MET B 78 -17.05 -31.90 -4.53
C MET B 78 -17.53 -32.31 -3.15
N ILE B 79 -16.62 -32.51 -2.20
CA ILE B 79 -17.02 -32.91 -0.86
C ILE B 79 -17.80 -31.80 -0.16
N PHE B 80 -17.27 -30.57 -0.18
CA PHE B 80 -17.87 -29.47 0.57
C PHE B 80 -18.88 -28.66 -0.22
N THR B 81 -18.99 -28.85 -1.52
CA THR B 81 -19.95 -28.13 -2.34
C THR B 81 -20.54 -29.18 -3.27
N THR B 82 -21.38 -28.73 -4.20
CA THR B 82 -21.94 -29.66 -5.18
C THR B 82 -20.83 -30.03 -6.17
N TRP B 83 -20.87 -31.27 -6.66
CA TRP B 83 -19.81 -31.79 -7.52
C TRP B 83 -19.54 -31.12 -8.86
N GLN B 84 -20.59 -30.56 -9.48
CA GLN B 84 -20.41 -29.93 -10.79
C GLN B 84 -19.35 -28.83 -10.73
N THR B 85 -19.21 -28.17 -9.58
CA THR B 85 -18.18 -27.14 -9.45
C THR B 85 -16.79 -27.77 -9.56
N GLY B 86 -16.59 -28.92 -8.93
CA GLY B 86 -15.31 -29.60 -9.07
C GLY B 86 -15.05 -30.02 -10.51
N VAL B 87 -16.09 -30.55 -11.18
CA VAL B 87 -15.90 -30.94 -12.57
C VAL B 87 -15.54 -29.72 -13.43
N ALA B 88 -16.22 -28.60 -13.20
CA ALA B 88 -15.92 -27.38 -13.95
C ALA B 88 -14.51 -26.87 -13.63
N PHE B 89 -14.08 -27.04 -12.38
CA PHE B 89 -12.72 -26.67 -12.00
C PHE B 89 -11.72 -27.45 -12.83
N LEU B 90 -11.93 -28.76 -12.95
CA LEU B 90 -11.03 -29.58 -13.76
C LEU B 90 -11.05 -29.13 -15.21
N LEU B 91 -12.24 -28.83 -15.74
CA LEU B 91 -12.34 -28.35 -17.11
C LEU B 91 -11.51 -27.09 -17.33
N GLY B 92 -11.68 -26.09 -16.45
CA GLY B 92 -10.96 -24.84 -16.63
C GLY B 92 -9.46 -25.01 -16.47
N ALA B 93 -9.03 -25.79 -15.48
CA ALA B 93 -7.61 -26.02 -15.28
C ALA B 93 -7.00 -26.67 -16.51
N VAL B 94 -7.69 -27.66 -17.08
CA VAL B 94 -7.18 -28.31 -18.28
C VAL B 94 -7.12 -27.32 -19.43
N MET B 95 -8.13 -26.46 -19.55
CA MET B 95 -8.12 -25.46 -20.62
C MET B 95 -6.89 -24.57 -20.52
N SER B 96 -6.64 -24.02 -19.33
CA SER B 96 -5.52 -23.10 -19.16
C SER B 96 -4.19 -23.81 -19.39
N ALA B 97 -4.05 -25.03 -18.86
CA ALA B 97 -2.82 -25.77 -19.08
C ALA B 97 -2.59 -26.04 -20.56
N SER B 98 -3.65 -26.37 -21.29
CA SER B 98 -3.54 -26.61 -22.72
C SER B 98 -3.07 -25.35 -23.45
N ALA B 99 -3.69 -24.20 -23.13
CA ALA B 99 -3.29 -22.97 -23.78
C ALA B 99 -1.80 -22.68 -23.53
N GLY B 100 -1.37 -22.79 -22.27
CA GLY B 100 0.01 -22.49 -21.95
C GLY B 100 0.98 -23.43 -22.66
N ILE B 101 0.70 -24.73 -22.62
CA ILE B 101 1.58 -25.69 -23.26
C ILE B 101 1.66 -25.44 -24.75
N VAL B 102 0.52 -25.17 -25.37
CA VAL B 102 0.51 -24.92 -26.82
C VAL B 102 1.37 -23.72 -27.14
N GLY B 103 1.16 -22.61 -26.43
CA GLY B 103 1.94 -21.42 -26.73
C GLY B 103 3.43 -21.63 -26.55
N MET B 104 3.82 -22.27 -25.44
CA MET B 104 5.25 -22.46 -25.19
C MET B 104 5.86 -23.43 -26.20
N LYS B 105 5.16 -24.51 -26.53
CA LYS B 105 5.68 -25.45 -27.50
C LYS B 105 5.76 -24.70 -28.82
N MET B 106 4.70 -23.95 -29.16
CA MET B 106 4.76 -23.16 -30.40
C MET B 106 6.03 -22.28 -30.46
N ALA B 107 6.24 -21.49 -29.40
CA ALA B 107 7.39 -20.58 -29.36
C ALA B 107 8.80 -21.15 -29.31
N THR B 108 9.01 -22.22 -28.55
CA THR B 108 10.36 -22.76 -28.40
C THR B 108 10.96 -23.13 -29.75
N ARG B 109 10.13 -23.65 -30.65
CA ARG B 109 10.57 -23.96 -32.00
C ARG B 109 10.35 -22.80 -32.97
N ALA B 110 9.84 -21.66 -32.50
CA ALA B 110 9.54 -20.56 -33.40
C ALA B 110 10.60 -19.49 -33.19
N ASN B 111 11.37 -19.59 -32.10
CA ASN B 111 12.38 -18.57 -31.82
C ASN B 111 13.40 -18.43 -32.96
N VAL B 112 13.99 -19.55 -33.38
CA VAL B 112 14.92 -19.55 -34.49
C VAL B 112 14.34 -19.35 -35.89
N ARG B 113 13.09 -19.80 -36.10
CA ARG B 113 12.46 -19.65 -37.40
C ARG B 113 12.39 -18.19 -37.82
N VAL B 114 12.04 -17.29 -36.92
CA VAL B 114 11.96 -15.88 -37.26
C VAL B 114 13.33 -15.35 -37.65
N ALA B 115 14.37 -15.81 -36.94
CA ALA B 115 15.73 -15.41 -37.29
C ALA B 115 16.06 -15.84 -38.72
N GLU B 116 15.75 -17.09 -39.06
CA GLU B 116 15.95 -17.53 -40.43
C GLU B 116 15.10 -16.73 -41.40
N ALA B 117 13.91 -16.31 -40.97
CA ALA B 117 13.08 -15.43 -41.80
C ALA B 117 13.74 -14.07 -41.98
N ALA B 118 14.36 -13.54 -40.92
CA ALA B 118 15.00 -12.24 -41.01
C ALA B 118 16.13 -12.23 -42.03
N ARG B 119 16.96 -13.28 -42.04
CA ARG B 119 18.04 -13.36 -43.02
C ARG B 119 17.52 -13.60 -44.43
N THR B 120 16.57 -14.52 -44.58
CA THR B 120 16.05 -14.83 -45.91
C THR B 120 15.22 -13.68 -46.47
N THR B 121 14.45 -13.02 -45.60
CA THR B 121 13.61 -11.89 -45.99
C THR B 121 14.29 -10.55 -45.76
N LYS B 122 15.51 -10.55 -45.24
CA LYS B 122 16.25 -9.31 -44.99
C LYS B 122 15.48 -8.36 -44.09
N ILE B 124 14.00 -8.07 -41.02
CA ILE B 124 13.10 -6.94 -41.23
C ILE B 124 11.99 -7.28 -42.24
N GLY B 125 10.81 -6.69 -42.05
CA GLY B 125 9.69 -6.92 -42.92
C GLY B 125 9.02 -8.29 -42.77
N PRO B 126 9.32 -9.21 -43.70
CA PRO B 126 8.65 -10.52 -43.68
C PRO B 126 8.92 -11.35 -42.44
N ALA B 127 10.11 -11.25 -41.85
CA ALA B 127 10.42 -12.04 -40.66
C ALA B 127 9.44 -11.75 -39.53
N LEU B 128 8.99 -10.50 -39.41
CA LEU B 128 8.05 -10.15 -38.36
C LEU B 128 6.73 -10.90 -38.51
N LYS B 129 6.30 -11.16 -39.76
CA LYS B 129 5.08 -11.93 -39.98
C LYS B 129 5.17 -13.30 -39.30
N VAL B 130 6.33 -13.95 -39.37
CA VAL B 130 6.49 -15.26 -38.74
C VAL B 130 6.35 -15.15 -37.22
N ALA B 131 6.99 -14.16 -36.63
CA ALA B 131 6.93 -14.01 -35.18
C ALA B 131 5.51 -13.71 -34.71
N TYR B 132 4.78 -12.89 -35.48
CA TYR B 132 3.41 -12.57 -35.08
C TYR B 132 2.49 -13.77 -35.29
N GLN B 133 2.69 -14.54 -36.37
CA GLN B 133 1.93 -15.77 -36.53
C GLN B 133 2.23 -16.75 -35.39
N GLY B 134 3.42 -16.67 -34.82
CA GLY B 134 3.74 -17.46 -33.64
C GLY B 134 2.95 -17.00 -32.43
N GLY B 135 3.11 -15.72 -32.07
CA GLY B 135 2.41 -15.19 -30.91
C GLY B 135 0.90 -15.35 -31.00
N SER B 136 0.34 -15.32 -32.21
CA SER B 136 -1.09 -15.49 -32.37
C SER B 136 -1.50 -16.87 -31.91
N VAL B 137 -0.60 -17.85 -32.00
CA VAL B 137 -0.90 -19.19 -31.52
C VAL B 137 -1.27 -19.14 -30.04
N MET B 138 -0.40 -18.55 -29.22
CA MET B 138 -0.68 -18.46 -27.79
C MET B 138 -1.90 -17.60 -27.48
N GLY B 139 -2.01 -16.45 -28.16
CA GLY B 139 -3.16 -15.58 -27.89
C GLY B 139 -4.49 -16.26 -28.15
N LEU B 140 -4.65 -16.82 -29.35
CA LEU B 140 -5.87 -17.51 -29.70
C LEU B 140 -6.07 -18.76 -28.84
N SER B 141 -4.99 -19.41 -28.41
CA SER B 141 -5.15 -20.56 -27.53
C SER B 141 -5.76 -20.14 -26.21
N VAL B 142 -5.18 -19.13 -25.57
CA VAL B 142 -5.77 -18.57 -24.35
C VAL B 142 -7.25 -18.29 -24.56
N GLY B 143 -7.55 -17.43 -25.55
CA GLY B 143 -8.93 -17.00 -25.73
C GLY B 143 -9.87 -18.17 -25.98
N GLY B 144 -9.52 -19.03 -26.94
CA GLY B 144 -10.39 -20.12 -27.30
C GLY B 144 -10.59 -21.12 -26.18
N PHE B 145 -9.51 -21.48 -25.48
CA PHE B 145 -9.65 -22.43 -24.38
C PHE B 145 -10.52 -21.87 -23.26
N ALA B 146 -10.31 -20.60 -22.91
CA ALA B 146 -11.13 -20.00 -21.85
C ALA B 146 -12.60 -19.99 -22.25
N LEU B 147 -12.91 -19.45 -23.43
CA LEU B 147 -14.30 -19.37 -23.84
C LEU B 147 -14.91 -20.74 -24.07
N LEU B 148 -14.11 -21.72 -24.48
CA LEU B 148 -14.60 -23.07 -24.65
C LEU B 148 -15.01 -23.67 -23.31
N GLY B 149 -14.13 -23.56 -22.32
CA GLY B 149 -14.51 -24.02 -20.99
C GLY B 149 -15.78 -23.35 -20.50
N LEU B 150 -15.88 -22.04 -20.69
CA LEU B 150 -17.06 -21.33 -20.20
C LEU B 150 -18.33 -21.77 -20.92
N VAL B 151 -18.26 -21.95 -22.24
CA VAL B 151 -19.43 -22.35 -23.00
C VAL B 151 -19.85 -23.77 -22.62
N LEU B 152 -18.86 -24.65 -22.45
CA LEU B 152 -19.18 -26.01 -22.01
C LEU B 152 -19.85 -26.00 -20.65
N VAL B 153 -19.39 -25.14 -19.74
CA VAL B 153 -20.02 -25.05 -18.44
C VAL B 153 -21.44 -24.54 -18.56
N TYR B 154 -21.65 -23.54 -19.42
CA TYR B 154 -23.00 -22.98 -19.57
C TYR B 154 -23.95 -23.96 -20.25
N LEU B 155 -23.43 -24.86 -21.08
CA LEU B 155 -24.29 -25.81 -21.81
C LEU B 155 -24.47 -27.08 -20.99
N ILE B 156 -23.39 -27.83 -20.79
CA ILE B 156 -23.50 -29.12 -20.10
C ILE B 156 -24.11 -28.93 -18.72
N PHE B 157 -23.66 -27.91 -17.99
CA PHE B 157 -24.21 -27.65 -16.67
C PHE B 157 -25.35 -26.63 -16.72
N GLY B 158 -25.16 -25.53 -17.46
CA GLY B 158 -26.15 -24.47 -17.48
C GLY B 158 -27.48 -24.87 -18.07
N LYS B 159 -27.46 -25.31 -19.33
CA LYS B 159 -28.69 -25.63 -20.05
C LYS B 159 -29.01 -27.12 -19.98
N TRP B 160 -28.01 -27.99 -20.20
CA TRP B 160 -28.24 -29.43 -20.18
C TRP B 160 -28.85 -29.85 -18.85
N MET B 161 -28.16 -29.53 -17.75
CA MET B 161 -28.60 -29.91 -16.42
C MET B 161 -29.66 -28.98 -15.83
N GLY B 162 -29.96 -27.86 -16.47
CA GLY B 162 -30.95 -26.95 -15.95
C GLY B 162 -30.46 -26.11 -14.79
N GLN B 163 -29.19 -25.72 -14.81
CA GLN B 163 -28.66 -24.85 -13.76
C GLN B 163 -29.21 -23.43 -13.86
N VAL B 164 -29.58 -23.00 -15.07
CA VAL B 164 -30.29 -21.74 -15.25
C VAL B 164 -31.80 -21.89 -15.14
N ASP B 165 -32.32 -23.14 -15.12
CA ASP B 165 -33.75 -23.33 -14.99
C ASP B 165 -34.18 -23.07 -13.54
N ASN B 166 -33.37 -23.53 -12.58
CA ASN B 166 -33.72 -23.33 -11.17
C ASN B 166 -33.51 -21.88 -10.73
N LEU B 167 -32.25 -21.43 -10.75
CA LEU B 167 -31.87 -20.07 -10.38
C LEU B 167 -32.31 -19.70 -8.97
N ASN B 168 -32.60 -20.69 -8.15
CA ASN B 168 -32.97 -20.47 -6.76
C ASN B 168 -31.88 -21.06 -5.86
N ILE B 169 -31.92 -20.67 -4.58
CA ILE B 169 -30.87 -21.08 -3.66
C ILE B 169 -30.98 -22.59 -3.47
N TYR B 170 -29.98 -23.32 -3.95
CA TYR B 170 -29.84 -24.74 -3.70
C TYR B 170 -28.97 -24.94 -2.47
N THR B 171 -29.37 -25.91 -1.65
CA THR B 171 -28.68 -26.21 -0.40
C THR B 171 -27.92 -27.53 -0.52
N ASN B 172 -26.63 -27.48 -0.22
CA ASN B 172 -25.80 -28.67 -0.30
C ASN B 172 -26.25 -29.69 0.73
N TRP B 173 -25.73 -30.92 0.61
CA TRP B 173 -26.14 -31.97 1.55
C TRP B 173 -25.67 -31.66 2.97
N LEU B 174 -24.49 -31.05 3.10
CA LEU B 174 -24.02 -30.63 4.42
C LEU B 174 -24.80 -29.44 4.95
N GLY B 175 -25.49 -28.70 4.09
CA GLY B 175 -26.25 -27.55 4.47
C GLY B 175 -25.77 -26.22 3.93
N ILE B 176 -25.01 -26.21 2.84
CA ILE B 176 -24.47 -24.98 2.26
C ILE B 176 -25.47 -24.42 1.25
N ASN B 177 -25.72 -23.12 1.33
CA ASN B 177 -26.66 -22.44 0.44
C ASN B 177 -25.91 -21.69 -0.64
N PHE B 178 -26.42 -21.76 -1.86
CA PHE B 178 -25.80 -20.99 -2.94
C PHE B 178 -26.65 -21.13 -4.19
N VAL B 179 -26.52 -20.16 -5.10
CA VAL B 179 -27.09 -20.32 -6.43
C VAL B 179 -26.18 -21.29 -7.17
N PRO B 180 -26.71 -22.39 -7.72
CA PRO B 180 -25.82 -23.46 -8.21
C PRO B 180 -24.91 -23.01 -9.35
N PHE B 181 -25.47 -22.34 -10.35
CA PHE B 181 -24.67 -21.98 -11.52
C PHE B 181 -23.57 -20.98 -11.15
N ALA B 182 -23.87 -20.07 -10.21
CA ALA B 182 -22.83 -19.17 -9.72
C ALA B 182 -21.69 -19.96 -9.10
N MET B 183 -22.02 -20.99 -8.31
CA MET B 183 -20.99 -21.81 -7.70
C MET B 183 -20.16 -22.51 -8.76
N THR B 184 -20.81 -22.98 -9.83
CA THR B 184 -20.08 -23.68 -10.89
C THR B 184 -19.11 -22.75 -11.61
N VAL B 185 -19.60 -21.56 -12.01
CA VAL B 185 -18.73 -20.61 -12.67
C VAL B 185 -17.59 -20.19 -11.74
N SER B 186 -17.87 -20.13 -10.44
CA SER B 186 -16.81 -19.81 -9.49
C SER B 186 -15.75 -20.90 -9.46
N GLY B 187 -16.19 -22.17 -9.52
CA GLY B 187 -15.22 -23.26 -9.59
C GLY B 187 -14.36 -23.18 -10.84
N TYR B 188 -14.97 -22.86 -11.98
CA TYR B 188 -14.20 -22.68 -13.21
C TYR B 188 -13.16 -21.58 -13.04
N ALA B 189 -13.58 -20.43 -12.51
CA ALA B 189 -12.64 -19.33 -12.29
C ALA B 189 -11.54 -19.76 -11.32
N LEU B 190 -11.87 -20.59 -10.34
CA LEU B 190 -10.86 -21.07 -9.39
C LEU B 190 -9.82 -21.94 -10.09
N GLY B 191 -10.26 -22.81 -10.99
CA GLY B 191 -9.30 -23.61 -11.75
C GLY B 191 -8.36 -22.73 -12.55
N CYS B 192 -8.93 -21.77 -13.29
CA CYS B 192 -8.07 -20.86 -14.05
C CYS B 192 -7.09 -20.17 -13.12
N SER B 193 -7.56 -19.74 -11.95
CA SER B 193 -6.70 -19.03 -11.01
C SER B 193 -5.58 -19.92 -10.49
N ILE B 194 -5.87 -21.18 -10.21
CA ILE B 194 -4.84 -22.08 -9.70
C ILE B 194 -3.74 -22.26 -10.75
N ILE B 195 -4.12 -22.52 -11.99
CA ILE B 195 -3.10 -22.71 -13.02
C ILE B 195 -2.32 -21.42 -13.23
N ALA B 196 -3.01 -20.28 -13.24
CA ALA B 196 -2.33 -19.01 -13.44
C ALA B 196 -1.38 -18.70 -12.28
N MET B 197 -1.80 -18.99 -11.05
CA MET B 197 -0.93 -18.76 -9.91
C MET B 197 0.32 -19.62 -10.02
N PHE B 198 0.16 -20.91 -10.31
CA PHE B 198 1.35 -21.74 -10.40
C PHE B 198 2.26 -21.21 -11.49
N ASP B 199 1.71 -20.99 -12.68
CA ASP B 199 2.53 -20.54 -13.80
C ASP B 199 3.27 -19.26 -13.44
N ARG B 200 2.55 -18.25 -12.96
CA ARG B 200 3.22 -16.96 -12.80
C ARG B 200 4.09 -16.91 -11.56
N VAL B 201 3.59 -17.34 -10.41
CA VAL B 201 4.41 -17.29 -9.21
C VAL B 201 5.66 -18.15 -9.38
N GLY B 202 5.47 -19.43 -9.71
CA GLY B 202 6.61 -20.31 -9.81
C GLY B 202 7.53 -19.92 -10.95
N GLY B 203 6.94 -19.66 -12.13
CA GLY B 203 7.74 -19.30 -13.28
C GLY B 203 8.48 -18.00 -13.11
N GLY B 204 7.86 -17.01 -12.45
CA GLY B 204 8.55 -15.78 -12.17
C GLY B 204 9.68 -15.96 -11.18
N VAL B 205 9.45 -16.76 -10.13
CA VAL B 205 10.54 -17.04 -9.21
C VAL B 205 11.71 -17.66 -9.98
N TYR B 206 11.40 -18.63 -10.83
CA TYR B 206 12.44 -19.28 -11.63
C TYR B 206 13.06 -18.31 -12.64
N THR B 207 12.26 -17.46 -13.25
CA THR B 207 12.72 -16.53 -14.27
C THR B 207 13.74 -15.56 -13.69
N LYS B 208 13.40 -14.93 -12.57
CA LYS B 208 14.31 -13.97 -12.01
C LYS B 208 15.45 -14.63 -11.24
N ALA B 209 15.26 -15.87 -10.79
CA ALA B 209 16.40 -16.63 -10.28
C ALA B 209 17.37 -16.95 -11.39
N ALA B 210 16.86 -17.20 -12.60
CA ALA B 210 17.72 -17.49 -13.75
C ALA B 210 18.44 -16.24 -14.23
N ASP B 211 17.74 -15.10 -14.25
CA ASP B 211 18.42 -13.85 -14.61
C ASP B 211 19.48 -13.50 -13.57
N MET B 212 19.16 -13.64 -12.28
CA MET B 212 20.13 -13.32 -11.24
C MET B 212 21.30 -14.28 -11.27
N ALA B 213 21.04 -15.58 -11.47
CA ALA B 213 22.14 -16.53 -11.53
C ALA B 213 22.99 -16.31 -12.77
N ALA B 214 22.38 -15.99 -13.90
CA ALA B 214 23.15 -15.75 -15.13
C ALA B 214 24.03 -14.52 -14.98
N ASP B 215 23.44 -13.39 -14.58
CA ASP B 215 24.21 -12.16 -14.43
C ASP B 215 25.21 -12.23 -13.29
N LEU B 216 24.98 -13.08 -12.29
CA LEU B 216 25.96 -13.24 -11.23
C LEU B 216 27.06 -14.20 -11.63
N VAL B 217 26.73 -15.27 -12.36
CA VAL B 217 27.72 -16.24 -12.80
C VAL B 217 28.65 -15.61 -13.81
N GLY B 218 28.12 -14.76 -14.69
CA GLY B 218 28.98 -13.97 -15.54
C GLY B 218 30.01 -13.21 -14.74
N LYS B 219 29.59 -12.65 -13.60
CA LYS B 219 30.50 -11.99 -12.68
C LYS B 219 31.24 -12.95 -11.76
N THR B 220 30.68 -14.15 -11.53
CA THR B 220 31.27 -15.08 -10.57
C THR B 220 32.65 -15.54 -11.02
N GLU B 221 32.76 -15.98 -12.27
CA GLU B 221 34.03 -16.48 -12.77
C GLU B 221 34.37 -15.88 -14.14
N PRO B 225 32.46 -10.61 -17.52
CA PRO B 225 31.90 -11.40 -18.62
C PRO B 225 30.37 -11.26 -18.75
N GLU B 226 29.74 -10.67 -17.73
CA GLU B 226 28.30 -10.40 -17.73
C GLU B 226 27.51 -11.59 -18.27
N ASP B 227 26.65 -11.36 -19.26
CA ASP B 227 25.81 -12.41 -19.83
C ASP B 227 26.63 -13.23 -20.82
N ASP B 228 27.20 -14.33 -20.32
CA ASP B 228 27.91 -15.20 -21.24
C ASP B 228 26.90 -15.99 -22.08
N PRO B 229 27.25 -16.32 -23.31
CA PRO B 229 26.33 -17.07 -24.15
C PRO B 229 26.24 -18.52 -23.72
N ARG B 230 27.40 -19.15 -23.49
CA ARG B 230 27.47 -20.54 -23.07
C ARG B 230 27.13 -20.73 -21.60
N ASN B 231 26.66 -19.69 -20.93
CA ASN B 231 26.18 -19.86 -19.57
C ASN B 231 24.91 -20.70 -19.58
N PRO B 232 24.81 -21.76 -18.77
CA PRO B 232 23.54 -22.50 -18.72
C PRO B 232 22.39 -21.64 -18.27
N ALA B 233 22.63 -20.75 -17.31
CA ALA B 233 21.59 -19.84 -16.86
C ALA B 233 21.15 -18.88 -17.94
N THR B 234 21.98 -18.62 -18.95
CA THR B 234 21.54 -17.79 -20.08
C THR B 234 20.44 -18.49 -20.86
N ILE B 235 20.64 -19.77 -21.16
CA ILE B 235 19.59 -20.56 -21.81
C ILE B 235 18.36 -20.59 -20.91
N ALA B 236 18.57 -20.78 -19.61
CA ALA B 236 17.46 -20.75 -18.68
C ALA B 236 16.74 -19.41 -18.71
N ASP B 237 17.49 -18.32 -18.91
CA ASP B 237 16.90 -16.98 -18.96
C ASP B 237 16.03 -16.80 -20.18
N ASN B 238 16.47 -17.29 -21.34
CA ASN B 238 15.59 -17.26 -22.51
C ASN B 238 14.32 -18.06 -22.23
N VAL B 239 14.49 -19.23 -21.58
CA VAL B 239 13.33 -20.04 -21.24
C VAL B 239 12.42 -19.30 -20.29
N GLY B 240 13.00 -18.54 -19.35
CA GLY B 240 12.19 -17.81 -18.40
C GLY B 240 11.44 -16.66 -19.05
N ASP B 241 12.06 -15.97 -20.00
CA ASP B 241 11.34 -14.94 -20.73
C ASP B 241 10.08 -15.54 -21.37
N ASN B 242 10.23 -16.72 -21.98
CA ASN B 242 9.04 -17.35 -22.55
C ASN B 242 8.06 -17.80 -21.48
N VAL B 243 8.56 -18.37 -20.38
CA VAL B 243 7.68 -18.84 -19.31
C VAL B 243 6.88 -17.71 -18.71
N GLY B 244 7.46 -16.51 -18.68
CA GLY B 244 6.86 -15.38 -18.01
C GLY B 244 5.91 -14.61 -18.91
N ASP B 245 6.41 -14.07 -20.02
CA ASP B 245 5.58 -13.18 -20.82
C ASP B 245 4.72 -13.90 -21.86
N VAL B 246 4.97 -15.18 -22.12
CA VAL B 246 4.15 -15.94 -23.05
C VAL B 246 3.17 -16.82 -22.28
N ALA B 247 3.70 -17.73 -21.46
CA ALA B 247 2.84 -18.66 -20.72
C ALA B 247 2.24 -17.98 -19.50
N GLY B 248 3.09 -17.41 -18.63
CA GLY B 248 2.58 -16.81 -17.41
C GLY B 248 1.62 -15.67 -17.68
N LEU B 249 2.04 -14.72 -18.51
CA LEU B 249 1.21 -13.55 -18.79
C LEU B 249 -0.08 -13.96 -19.49
N GLY B 250 -0.01 -14.94 -20.40
CA GLY B 250 -1.22 -15.42 -21.04
C GLY B 250 -2.19 -16.00 -20.05
N ALA B 251 -1.69 -16.82 -19.11
CA ALA B 251 -2.55 -17.37 -18.07
C ALA B 251 -3.13 -16.28 -17.18
N ASP B 252 -2.34 -15.24 -16.90
CA ASP B 252 -2.83 -14.15 -16.06
C ASP B 252 -3.96 -13.39 -16.74
N LEU B 253 -3.79 -13.05 -18.02
CA LEU B 253 -4.87 -12.40 -18.75
C LEU B 253 -6.09 -13.30 -18.85
N LEU B 254 -5.87 -14.59 -19.07
CA LEU B 254 -6.99 -15.53 -19.08
C LEU B 254 -7.73 -15.50 -17.76
N GLU B 255 -6.99 -15.50 -16.65
CA GLU B 255 -7.62 -15.47 -15.34
C GLU B 255 -8.44 -14.20 -15.15
N SER B 256 -7.86 -13.05 -15.52
CA SER B 256 -8.59 -11.79 -15.34
C SER B 256 -9.86 -11.77 -16.17
N PHE B 257 -9.77 -12.21 -17.42
CA PHE B 257 -10.94 -12.21 -18.30
C PHE B 257 -12.02 -13.16 -17.79
N VAL B 258 -11.63 -14.39 -17.48
CA VAL B 258 -12.57 -15.35 -16.92
C VAL B 258 -13.19 -14.81 -15.63
N GLY B 259 -12.37 -14.14 -14.80
CA GLY B 259 -12.89 -13.60 -13.55
C GLY B 259 -13.92 -12.51 -13.78
N ALA B 260 -13.68 -11.63 -14.75
CA ALA B 260 -14.68 -10.61 -15.08
C ALA B 260 -15.98 -11.27 -15.50
N ILE B 261 -15.91 -12.25 -16.41
CA ILE B 261 -17.13 -12.92 -16.87
C ILE B 261 -17.84 -13.61 -15.71
N VAL B 262 -17.08 -14.33 -14.88
CA VAL B 262 -17.68 -15.06 -13.78
C VAL B 262 -18.30 -14.11 -12.77
N SER B 263 -17.69 -12.95 -12.57
CA SER B 263 -18.27 -11.95 -11.68
C SER B 263 -19.60 -11.43 -12.23
N SER B 264 -19.64 -11.14 -13.54
CA SER B 264 -20.90 -10.74 -14.16
C SER B 264 -21.97 -11.80 -13.95
N ILE B 265 -21.61 -13.07 -14.18
CA ILE B 265 -22.59 -14.15 -14.07
C ILE B 265 -23.06 -14.32 -12.63
N ILE B 266 -22.13 -14.28 -11.67
CA ILE B 266 -22.50 -14.38 -10.26
C ILE B 266 -23.44 -13.24 -9.89
N LEU B 267 -23.11 -12.02 -10.32
CA LEU B 267 -23.95 -10.88 -9.99
C LEU B 267 -25.37 -11.07 -10.53
N ALA B 268 -25.51 -11.52 -11.78
CA ALA B 268 -26.84 -11.74 -12.31
C ALA B 268 -27.58 -12.83 -11.53
N SER B 269 -26.91 -13.98 -11.33
CA SER B 269 -27.55 -15.09 -10.66
C SER B 269 -28.02 -14.70 -9.27
N TYR B 270 -27.23 -13.91 -8.55
CA TYR B 270 -27.62 -13.50 -7.21
C TYR B 270 -28.54 -12.30 -7.19
N MET B 271 -28.59 -11.51 -8.26
CA MET B 271 -29.62 -10.50 -8.38
C MET B 271 -30.97 -11.15 -8.60
N PHE B 272 -30.98 -12.38 -9.09
CA PHE B 272 -32.24 -13.13 -9.15
C PHE B 272 -32.89 -13.25 -7.78
N PRO B 273 -32.21 -13.76 -6.73
CA PRO B 273 -32.86 -13.91 -5.43
C PRO B 273 -32.92 -12.63 -4.61
N ILE B 274 -31.96 -11.72 -4.82
CA ILE B 274 -31.90 -10.53 -3.97
C ILE B 274 -33.05 -9.59 -4.30
N TYR B 275 -33.48 -9.54 -5.57
CA TYR B 275 -34.57 -8.66 -5.98
C TYR B 275 -35.86 -9.48 -6.02
N VAL B 276 -36.42 -9.70 -4.82
CA VAL B 276 -37.69 -10.38 -4.65
C VAL B 276 -38.49 -9.60 -3.60
N GLN B 277 -39.81 -9.76 -3.65
CA GLN B 277 -40.68 -9.03 -2.73
C GLN B 277 -41.80 -9.96 -2.28
N LYS B 278 -41.87 -10.19 -0.97
CA LYS B 278 -42.92 -11.00 -0.36
C LYS B 278 -44.04 -10.08 0.14
N ILE B 279 -44.89 -9.65 -0.78
CA ILE B 279 -46.07 -8.87 -0.38
C ILE B 279 -46.97 -9.73 0.51
N GLY B 280 -47.09 -11.01 0.19
CA GLY B 280 -47.91 -11.93 0.95
C GLY B 280 -47.14 -13.22 1.18
N GLU B 281 -47.85 -14.33 1.45
CA GLU B 281 -47.16 -15.61 1.54
C GLU B 281 -46.33 -15.96 0.32
N ASN B 282 -46.85 -15.64 -0.86
CA ASN B 282 -46.11 -15.88 -2.10
C ASN B 282 -44.99 -14.87 -2.23
N LEU B 283 -43.95 -15.25 -2.95
CA LEU B 283 -42.79 -14.40 -3.20
C LEU B 283 -42.69 -14.13 -4.70
N VAL B 284 -42.72 -12.86 -5.07
CA VAL B 284 -42.72 -12.45 -6.47
C VAL B 284 -41.35 -11.87 -6.79
N HIS B 285 -40.67 -12.49 -7.74
CA HIS B 285 -39.35 -12.04 -8.17
C HIS B 285 -39.48 -10.71 -8.91
N GLN B 286 -38.86 -9.66 -8.36
CA GLN B 286 -38.94 -8.35 -9.01
C GLN B 286 -38.19 -8.35 -10.34
N VAL B 287 -37.14 -9.17 -10.43
CA VAL B 287 -36.43 -9.39 -11.68
C VAL B 287 -36.79 -10.81 -12.16
N PRO B 288 -37.50 -10.95 -13.28
CA PRO B 288 -37.94 -12.28 -13.71
C PRO B 288 -36.77 -13.20 -14.02
N LYS B 289 -37.03 -14.50 -13.96
CA LYS B 289 -35.99 -15.48 -14.24
C LYS B 289 -35.45 -15.32 -15.66
N GLU B 290 -36.27 -14.83 -16.58
CA GLU B 290 -35.81 -14.58 -17.94
C GLU B 290 -34.72 -13.50 -17.96
N THR B 291 -34.93 -12.41 -17.21
CA THR B 291 -33.93 -11.35 -17.15
C THR B 291 -32.64 -11.86 -16.55
N ILE B 292 -32.73 -12.67 -15.49
CA ILE B 292 -31.53 -13.20 -14.85
C ILE B 292 -30.79 -14.13 -15.81
N GLN B 293 -31.53 -14.94 -16.57
CA GLN B 293 -30.90 -15.82 -17.56
C GLN B 293 -30.18 -15.02 -18.63
N ALA B 294 -30.85 -13.99 -19.16
CA ALA B 294 -30.23 -13.17 -20.20
C ALA B 294 -28.99 -12.46 -19.68
N LEU B 295 -29.03 -11.99 -18.43
CA LEU B 295 -27.87 -11.31 -17.87
C LEU B 295 -26.75 -12.29 -17.57
N ILE B 296 -27.09 -13.53 -17.23
CA ILE B 296 -26.07 -14.56 -17.05
C ILE B 296 -25.40 -14.90 -18.37
N SER B 297 -26.16 -14.84 -19.47
CA SER B 297 -25.62 -15.25 -20.76
C SER B 297 -24.86 -14.13 -21.47
N TYR B 298 -25.23 -12.87 -21.24
CA TYR B 298 -24.70 -11.78 -22.06
C TYR B 298 -23.18 -11.66 -22.05
N PRO B 299 -22.48 -11.76 -20.91
CA PRO B 299 -21.02 -11.59 -20.94
C PRO B 299 -20.32 -12.61 -21.83
N ILE B 300 -20.83 -13.84 -21.88
CA ILE B 300 -20.24 -14.85 -22.76
C ILE B 300 -20.34 -14.41 -24.21
N PHE B 301 -21.50 -13.89 -24.60
CA PHE B 301 -21.66 -13.40 -25.97
C PHE B 301 -20.71 -12.25 -26.25
N PHE B 302 -20.52 -11.39 -25.26
CA PHE B 302 -19.58 -10.27 -25.41
C PHE B 302 -18.16 -10.77 -25.65
N ALA B 303 -17.73 -11.75 -24.85
CA ALA B 303 -16.37 -12.29 -25.01
C ALA B 303 -16.20 -12.98 -26.35
N LEU B 304 -17.24 -13.69 -26.81
CA LEU B 304 -17.17 -14.35 -28.10
C LEU B 304 -17.06 -13.34 -29.24
N VAL B 305 -17.84 -12.27 -29.17
CA VAL B 305 -17.72 -11.21 -30.17
C VAL B 305 -16.32 -10.63 -30.16
N GLY B 306 -15.75 -10.43 -28.97
CA GLY B 306 -14.39 -9.93 -28.88
C GLY B 306 -13.40 -10.86 -29.56
N LEU B 307 -13.53 -12.16 -29.32
CA LEU B 307 -12.64 -13.13 -29.96
C LEU B 307 -12.76 -13.08 -31.48
N GLY B 308 -13.99 -12.98 -31.99
CA GLY B 308 -14.18 -12.88 -33.44
C GLY B 308 -13.51 -11.66 -34.03
N CYS B 309 -13.73 -10.49 -33.42
CA CYS B 309 -13.11 -9.27 -33.92
C CYS B 309 -11.59 -9.36 -33.85
N SER B 310 -11.06 -9.96 -32.78
CA SER B 310 -9.61 -10.11 -32.66
C SER B 310 -9.06 -11.00 -33.77
N MET B 311 -9.74 -12.12 -34.06
CA MET B 311 -9.30 -12.97 -35.16
C MET B 311 -9.31 -12.22 -36.47
N LEU B 312 -10.35 -11.42 -36.72
CA LEU B 312 -10.41 -10.66 -37.97
C LEU B 312 -9.24 -9.69 -38.06
N GLY B 313 -8.95 -8.97 -36.98
CA GLY B 313 -7.83 -8.04 -36.99
C GLY B 313 -6.50 -8.75 -37.21
N ILE B 314 -6.29 -9.88 -36.53
CA ILE B 314 -5.05 -10.63 -36.69
C ILE B 314 -4.90 -11.12 -38.12
N LEU B 315 -6.01 -11.55 -38.73
CA LEU B 315 -5.97 -12.00 -40.12
C LEU B 315 -5.56 -10.86 -41.05
N TYR B 316 -6.16 -9.68 -40.86
CA TYR B 316 -5.78 -8.55 -41.70
C TYR B 316 -4.30 -8.20 -41.49
N VAL B 317 -3.81 -8.32 -40.25
CA VAL B 317 -2.43 -7.94 -39.97
C VAL B 317 -1.45 -8.91 -40.63
N ILE B 318 -1.70 -10.21 -40.50
CA ILE B 318 -0.74 -11.19 -41.00
C ILE B 318 -0.76 -11.28 -42.51
N VAL B 319 -1.91 -11.01 -43.13
CA VAL B 319 -2.06 -11.17 -44.58
C VAL B 319 -1.44 -10.00 -45.33
N LYS B 320 -1.73 -8.78 -44.89
CA LYS B 320 -1.38 -7.57 -45.61
C LYS B 320 0.13 -7.33 -45.66
N LYS B 321 0.55 -6.52 -46.63
CA LYS B 321 1.93 -6.15 -46.88
C LYS B 321 2.58 -5.58 -45.62
N PRO B 322 3.52 -6.29 -45.01
CA PRO B 322 4.11 -5.84 -43.74
C PRO B 322 4.95 -4.59 -43.93
N SER B 323 4.59 -3.53 -43.22
CA SER B 323 5.40 -2.32 -43.23
C SER B 323 6.68 -2.53 -42.43
N ASP B 324 7.58 -1.56 -42.51
CA ASP B 324 8.85 -1.67 -41.80
C ASP B 324 8.65 -1.48 -40.30
N ASN B 325 7.79 -0.55 -39.90
CA ASN B 325 7.58 -0.28 -38.48
C ASN B 325 6.70 -1.35 -37.85
N PRO B 326 7.26 -2.21 -37.00
CA PRO B 326 6.45 -3.30 -36.42
C PRO B 326 5.42 -2.81 -35.42
N GLN B 327 5.77 -1.83 -34.59
CA GLN B 327 4.88 -1.41 -33.52
C GLN B 327 3.56 -0.89 -34.06
N ARG B 328 3.60 -0.13 -35.15
CA ARG B 328 2.36 0.38 -35.74
C ARG B 328 1.44 -0.75 -36.16
N GLU B 329 1.99 -1.87 -36.63
CA GLU B 329 1.15 -2.97 -37.09
C GLU B 329 0.38 -3.60 -35.94
N LEU B 330 1.07 -3.92 -34.84
CA LEU B 330 0.40 -4.51 -33.69
C LEU B 330 -0.54 -3.51 -33.04
N ASN B 331 -0.16 -2.23 -32.99
CA ASN B 331 -1.05 -1.21 -32.45
C ASN B 331 -2.34 -1.11 -33.27
N ILE B 332 -2.23 -1.22 -34.59
CA ILE B 332 -3.42 -1.17 -35.42
C ILE B 332 -4.25 -2.44 -35.25
N SER B 333 -3.59 -3.58 -35.05
CA SER B 333 -4.33 -4.79 -34.71
C SER B 333 -5.15 -4.60 -33.45
N LEU B 334 -4.53 -4.06 -32.40
CA LEU B 334 -5.23 -3.81 -31.14
C LEU B 334 -6.40 -2.84 -31.35
N TRP B 335 -6.14 -1.74 -32.07
CA TRP B 335 -7.20 -0.76 -32.31
C TRP B 335 -8.36 -1.39 -33.08
N THR B 336 -8.05 -2.16 -34.12
CA THR B 336 -9.09 -2.84 -34.89
C THR B 336 -9.92 -3.73 -33.98
N SER B 337 -9.27 -4.64 -33.26
CA SER B 337 -10.01 -5.54 -32.37
C SER B 337 -10.90 -4.75 -31.43
N ALA B 338 -10.33 -3.75 -30.75
CA ALA B 338 -11.08 -3.02 -29.73
C ALA B 338 -12.28 -2.30 -30.33
N LEU B 339 -12.04 -1.46 -31.35
CA LEU B 339 -13.13 -0.65 -31.88
C LEU B 339 -14.15 -1.48 -32.64
N LEU B 340 -13.71 -2.57 -33.29
CA LEU B 340 -14.65 -3.46 -33.95
C LEU B 340 -15.54 -4.17 -32.94
N THR B 341 -14.95 -4.68 -31.86
CA THR B 341 -15.76 -5.23 -30.78
C THR B 341 -16.73 -4.19 -30.25
N VAL B 342 -16.25 -2.95 -30.06
CA VAL B 342 -17.12 -1.87 -29.61
C VAL B 342 -18.35 -1.78 -30.51
N VAL B 343 -18.12 -1.57 -31.81
CA VAL B 343 -19.22 -1.29 -32.73
C VAL B 343 -20.14 -2.50 -32.90
N LEU B 344 -19.61 -3.72 -32.77
CA LEU B 344 -20.44 -4.90 -33.01
C LEU B 344 -21.27 -5.28 -31.79
N THR B 345 -20.61 -5.44 -30.64
CA THR B 345 -21.37 -5.61 -29.40
C THR B 345 -22.27 -4.40 -29.14
N ALA B 346 -22.08 -3.31 -29.86
CA ALA B 346 -23.06 -2.23 -29.85
C ALA B 346 -24.42 -2.86 -30.18
N PHE B 347 -24.53 -3.46 -31.36
CA PHE B 347 -25.78 -4.12 -31.74
C PHE B 347 -26.13 -5.30 -30.84
N LEU B 348 -25.13 -6.08 -30.44
CA LEU B 348 -25.40 -7.22 -29.56
C LEU B 348 -26.02 -6.72 -28.26
N THR B 349 -25.42 -5.70 -27.67
CA THR B 349 -25.94 -5.10 -26.45
C THR B 349 -27.30 -4.44 -26.72
N TYR B 350 -27.41 -3.78 -27.88
CA TYR B 350 -28.63 -3.09 -28.27
C TYR B 350 -29.88 -3.95 -28.45
N PHE B 351 -29.71 -5.15 -28.98
CA PHE B 351 -30.83 -6.06 -29.22
C PHE B 351 -31.01 -7.10 -28.12
N TYR B 352 -29.91 -7.70 -27.64
CA TYR B 352 -30.02 -8.79 -26.69
C TYR B 352 -30.75 -8.36 -25.43
N LEU B 353 -30.48 -7.15 -24.95
CA LEU B 353 -31.05 -6.67 -23.70
C LEU B 353 -32.27 -5.78 -23.91
N LYS B 354 -32.77 -5.70 -25.15
CA LYS B 354 -33.92 -4.85 -25.43
C LYS B 354 -35.21 -5.39 -24.83
N ASP B 355 -35.37 -6.71 -24.78
CA ASP B 355 -36.61 -7.32 -24.31
C ASP B 355 -36.64 -7.56 -22.81
N LEU B 356 -35.52 -7.38 -22.11
CA LEU B 356 -35.50 -7.65 -20.68
C LEU B 356 -36.41 -6.68 -19.93
N GLN B 357 -36.93 -7.14 -18.79
CA GLN B 357 -37.85 -6.36 -17.97
C GLN B 357 -37.25 -6.20 -16.58
N GLY B 358 -37.28 -4.97 -16.08
CA GLY B 358 -36.78 -4.68 -14.74
C GLY B 358 -35.36 -4.18 -14.66
N LEU B 359 -34.78 -3.73 -15.77
CA LEU B 359 -33.39 -3.28 -15.77
C LEU B 359 -33.20 -1.99 -14.97
N ASP B 360 -34.27 -1.24 -14.72
CA ASP B 360 -34.16 -0.04 -13.91
C ASP B 360 -33.86 -0.38 -12.45
N VAL B 361 -34.24 -1.57 -12.00
CA VAL B 361 -33.94 -1.98 -10.63
C VAL B 361 -32.46 -2.37 -10.50
N LEU B 362 -31.88 -2.95 -11.55
CA LEU B 362 -30.46 -3.29 -11.54
C LEU B 362 -29.57 -2.06 -11.62
N GLY B 363 -30.08 -0.94 -12.11
CA GLY B 363 -29.29 0.27 -12.26
C GLY B 363 -28.91 0.62 -13.68
N PHE B 364 -29.62 0.10 -14.67
CA PHE B 364 -29.32 0.38 -16.07
C PHE B 364 -29.88 1.76 -16.44
N ARG B 365 -29.00 2.68 -16.79
CA ARG B 365 -29.38 4.03 -17.18
C ARG B 365 -29.71 4.14 -18.67
N PHE B 366 -29.61 3.04 -19.42
CA PHE B 366 -29.93 3.06 -20.85
C PHE B 366 -30.75 1.87 -21.32
N GLY B 367 -31.18 0.98 -20.42
CA GLY B 367 -31.97 -0.15 -20.86
C GLY B 367 -31.10 -1.23 -21.46
N ALA B 368 -31.23 -1.43 -22.77
CA ALA B 368 -30.51 -2.51 -23.44
C ALA B 368 -29.03 -2.18 -23.60
N ILE B 369 -28.73 -0.99 -24.12
CA ILE B 369 -27.34 -0.63 -24.44
C ILE B 369 -26.54 -0.15 -23.25
N SER B 370 -27.15 -0.08 -22.06
CA SER B 370 -26.48 0.42 -20.87
C SER B 370 -25.11 -0.22 -20.67
N PRO B 371 -25.03 -1.54 -20.52
CA PRO B 371 -23.73 -2.16 -20.24
C PRO B 371 -22.71 -1.97 -21.34
N TRP B 372 -23.16 -1.76 -22.58
CA TRP B 372 -22.22 -1.54 -23.68
C TRP B 372 -21.33 -0.33 -23.41
N PHE B 373 -21.92 0.74 -22.88
CA PHE B 373 -21.13 1.90 -22.49
C PHE B 373 -20.06 1.53 -21.46
N SER B 374 -20.46 0.81 -20.42
CA SER B 374 -19.49 0.33 -19.44
C SER B 374 -18.35 -0.42 -20.12
N ALA B 375 -18.71 -1.32 -21.03
CA ALA B 375 -17.71 -2.11 -21.76
C ALA B 375 -16.72 -1.20 -22.50
N ILE B 376 -17.25 -0.26 -23.28
CA ILE B 376 -16.38 0.59 -24.09
C ILE B 376 -15.51 1.47 -23.21
N ILE B 377 -16.07 1.99 -22.11
CA ILE B 377 -15.28 2.82 -21.21
C ILE B 377 -14.19 1.98 -20.55
N GLY B 378 -14.45 0.70 -20.28
CA GLY B 378 -13.41 -0.16 -19.79
C GLY B 378 -12.33 -0.37 -20.82
N ILE B 379 -12.73 -0.55 -22.09
CA ILE B 379 -11.76 -0.70 -23.18
C ILE B 379 -10.82 0.49 -23.19
N PHE B 380 -11.38 1.70 -23.29
CA PHE B 380 -10.57 2.90 -23.33
C PHE B 380 -9.77 3.08 -22.03
N SER B 381 -10.29 2.59 -20.91
CA SER B 381 -9.53 2.63 -19.67
C SER B 381 -8.27 1.79 -19.79
N GLY B 382 -8.42 0.55 -20.26
CA GLY B 382 -7.26 -0.28 -20.48
C GLY B 382 -6.25 0.36 -21.42
N ILE B 383 -6.74 0.87 -22.55
CA ILE B 383 -5.87 1.56 -23.50
C ILE B 383 -5.09 2.67 -22.80
N LEU B 384 -5.80 3.55 -22.09
CA LEU B 384 -5.17 4.67 -21.41
C LEU B 384 -4.14 4.21 -20.39
N ILE B 385 -4.48 3.20 -19.58
CA ILE B 385 -3.53 2.73 -18.57
C ILE B 385 -2.28 2.18 -19.25
N GLY B 386 -2.45 1.46 -20.36
CA GLY B 386 -1.29 1.04 -21.14
C GLY B 386 -0.43 2.22 -21.54
N PHE B 387 -1.05 3.24 -22.14
CA PHE B 387 -0.33 4.45 -22.50
C PHE B 387 0.40 5.05 -21.31
N TRP B 388 -0.23 5.03 -20.13
CA TRP B 388 0.37 5.59 -18.93
C TRP B 388 1.63 4.83 -18.55
N ALA B 389 1.52 3.50 -18.48
CA ALA B 389 2.69 2.66 -18.24
C ALA B 389 3.81 3.01 -19.23
N GLU B 390 3.46 3.11 -20.51
CA GLU B 390 4.44 3.48 -21.53
C GLU B 390 5.13 4.79 -21.17
N TYR B 391 4.35 5.82 -20.87
CA TYR B 391 4.92 7.14 -20.57
C TYR B 391 5.88 7.07 -19.41
N TYR B 392 5.55 6.31 -18.37
CA TYR B 392 6.39 6.29 -17.18
C TYR B 392 7.53 5.30 -17.23
N THR B 393 7.54 4.36 -18.18
CA THR B 393 8.53 3.28 -18.18
C THR B 393 9.46 3.30 -19.39
N SER B 394 9.35 4.28 -20.28
CA SER B 394 10.11 4.28 -21.53
C SER B 394 11.07 5.45 -21.58
N TYR B 395 12.17 5.26 -22.31
CA TYR B 395 13.18 6.30 -22.47
C TYR B 395 12.77 7.39 -23.46
N ARG B 396 11.71 7.16 -24.23
CA ARG B 396 11.19 8.15 -25.15
C ARG B 396 10.40 9.25 -24.45
N TYR B 397 10.25 9.20 -23.14
CA TYR B 397 9.50 10.22 -22.41
C TYR B 397 10.33 10.76 -21.25
N LYS B 398 9.78 11.77 -20.57
CA LYS B 398 10.59 12.60 -19.66
C LYS B 398 11.07 11.85 -18.42
N PRO B 399 10.24 11.10 -17.69
CA PRO B 399 10.70 10.57 -16.39
C PRO B 399 11.89 9.63 -16.49
N THR B 400 11.83 8.65 -17.40
CA THR B 400 12.95 7.75 -17.57
C THR B 400 14.20 8.50 -17.99
N GLN B 401 14.05 9.56 -18.79
CA GLN B 401 15.19 10.38 -19.17
C GLN B 401 15.80 11.07 -17.95
N PHE B 402 14.96 11.58 -17.05
CA PHE B 402 15.50 12.17 -15.83
C PHE B 402 16.31 11.14 -15.06
N LEU B 403 15.78 9.92 -14.93
CA LEU B 403 16.52 8.89 -14.20
C LEU B 403 17.84 8.58 -14.90
N GLY B 404 17.80 8.41 -16.22
CA GLY B 404 19.02 8.07 -16.96
C GLY B 404 20.08 9.15 -16.85
N LYS B 405 19.69 10.41 -16.97
CA LYS B 405 20.66 11.49 -16.84
C LYS B 405 21.14 11.62 -15.40
N SER B 406 20.28 11.34 -14.41
CA SER B 406 20.69 11.39 -13.02
C SER B 406 21.63 10.24 -12.66
N SER B 407 21.69 9.20 -13.48
CA SER B 407 22.61 8.09 -13.22
C SER B 407 24.01 8.59 -12.90
N ILE B 408 24.41 9.73 -13.46
CA ILE B 408 25.72 10.29 -13.18
C ILE B 408 25.80 10.71 -11.71
N GLU B 409 24.66 11.11 -11.12
CA GLU B 409 24.67 11.72 -9.79
C GLU B 409 25.03 10.73 -8.69
N GLY B 410 24.61 9.47 -8.82
CA GLY B 410 24.98 8.47 -7.84
C GLY B 410 24.20 7.19 -8.03
N THR B 411 24.65 6.16 -7.34
CA THR B 411 23.92 4.89 -7.33
C THR B 411 22.72 4.98 -6.40
N GLY B 412 22.94 5.48 -5.18
CA GLY B 412 21.82 5.72 -4.29
C GLY B 412 20.81 6.68 -4.90
N MET B 413 21.31 7.65 -5.67
CA MET B 413 20.41 8.53 -6.40
C MET B 413 19.59 7.74 -7.42
N VAL B 414 20.21 6.77 -8.09
CA VAL B 414 19.48 5.96 -9.06
C VAL B 414 18.36 5.20 -8.36
N ILE B 415 18.68 4.55 -7.23
CA ILE B 415 17.68 3.75 -6.53
C ILE B 415 16.55 4.63 -6.01
N SER B 416 16.90 5.75 -5.37
CA SER B 416 15.88 6.62 -4.82
C SER B 416 15.00 7.22 -5.92
N ASN B 417 15.61 7.60 -7.04
CA ASN B 417 14.84 8.16 -8.13
C ASN B 417 13.93 7.10 -8.75
N GLY B 418 14.37 5.86 -8.83
CA GLY B 418 13.50 4.81 -9.32
C GLY B 418 12.31 4.58 -8.41
N LEU B 419 12.55 4.50 -7.10
CA LEU B 419 11.46 4.32 -6.15
C LEU B 419 10.48 5.48 -6.22
N SER B 420 11.00 6.71 -6.25
CA SER B 420 10.14 7.88 -6.35
C SER B 420 9.35 7.87 -7.65
N LEU B 421 9.99 7.47 -8.75
CA LEU B 421 9.30 7.44 -10.03
C LEU B 421 8.14 6.45 -9.99
N GLY B 422 8.36 5.27 -9.39
CA GLY B 422 7.26 4.33 -9.27
C GLY B 422 6.14 4.86 -8.40
N MET B 423 6.50 5.43 -7.25
CA MET B 423 5.48 5.97 -6.35
C MET B 423 4.65 7.04 -7.04
N LYS B 424 5.29 7.89 -7.84
CA LYS B 424 4.55 8.94 -8.54
C LYS B 424 3.71 8.35 -9.68
N SER B 425 4.23 7.33 -10.36
CA SER B 425 3.51 6.71 -11.47
C SER B 425 2.25 6.01 -10.99
N VAL B 426 2.21 5.63 -9.71
CA VAL B 426 1.02 4.96 -9.18
C VAL B 426 -0.25 5.77 -9.51
N PHE B 427 -0.16 7.10 -9.47
CA PHE B 427 -1.37 7.91 -9.49
C PHE B 427 -2.11 7.87 -10.82
N PRO B 428 -1.50 8.15 -11.96
CA PRO B 428 -2.26 8.35 -13.21
C PRO B 428 -3.14 7.15 -13.54
N PRO B 429 -2.58 5.94 -13.56
CA PRO B 429 -3.42 4.78 -13.88
C PRO B 429 -4.51 4.57 -12.84
N THR B 430 -4.24 4.87 -11.57
CA THR B 430 -5.28 4.74 -10.56
C THR B 430 -6.42 5.72 -10.82
N LEU B 431 -6.09 6.93 -11.25
CA LEU B 431 -7.14 7.89 -11.60
C LEU B 431 -7.93 7.42 -12.80
N THR B 432 -7.24 6.86 -13.80
CA THR B 432 -7.94 6.30 -14.95
C THR B 432 -8.93 5.23 -14.51
N LEU B 433 -8.47 4.31 -13.64
CA LEU B 433 -9.33 3.25 -13.15
C LEU B 433 -10.48 3.82 -12.33
N VAL B 434 -10.22 4.86 -11.54
CA VAL B 434 -11.27 5.45 -10.72
C VAL B 434 -12.37 6.02 -11.62
N LEU B 435 -11.98 6.77 -12.65
CA LEU B 435 -12.97 7.34 -13.56
C LEU B 435 -13.72 6.25 -14.31
N GLY B 436 -13.01 5.22 -14.76
CA GLY B 436 -13.68 4.13 -15.45
C GLY B 436 -14.71 3.45 -14.56
N ILE B 437 -14.34 3.16 -13.32
CA ILE B 437 -15.26 2.54 -12.37
C ILE B 437 -16.46 3.43 -12.13
N LEU B 438 -16.22 4.73 -11.94
CA LEU B 438 -17.32 5.66 -11.64
C LEU B 438 -18.32 5.70 -12.78
N PHE B 439 -17.83 5.83 -14.02
CA PHE B 439 -18.75 5.92 -15.15
C PHE B 439 -19.43 4.58 -15.42
N ALA B 440 -18.72 3.46 -15.25
CA ALA B 440 -19.35 2.16 -15.42
C ALA B 440 -20.46 1.95 -14.41
N ASP B 441 -20.22 2.39 -13.17
CA ASP B 441 -21.28 2.34 -12.16
C ASP B 441 -22.44 3.22 -12.58
N TYR B 442 -22.17 4.47 -12.94
CA TYR B 442 -23.23 5.35 -13.37
C TYR B 442 -24.08 4.69 -14.45
N PHE B 443 -23.44 3.95 -15.36
CA PHE B 443 -24.17 3.31 -16.45
C PHE B 443 -25.03 2.15 -15.94
N ALA B 444 -24.43 1.15 -15.29
CA ALA B 444 -25.16 -0.09 -15.04
C ALA B 444 -24.74 -0.72 -13.72
N GLY B 445 -24.51 0.07 -12.69
CA GLY B 445 -24.20 -0.55 -11.42
C GLY B 445 -22.95 -1.44 -11.43
N LEU B 446 -22.94 -2.35 -10.48
CA LEU B 446 -21.79 -3.26 -10.32
C LEU B 446 -21.73 -4.26 -11.47
N TYR B 447 -22.89 -4.71 -11.97
CA TYR B 447 -22.88 -5.55 -13.15
C TYR B 447 -22.18 -4.86 -14.30
N GLY B 448 -22.42 -3.56 -14.46
CA GLY B 448 -21.75 -2.80 -15.50
C GLY B 448 -20.29 -2.55 -15.21
N VAL B 449 -19.92 -2.45 -13.94
CA VAL B 449 -18.49 -2.38 -13.59
C VAL B 449 -17.78 -3.65 -14.08
N ALA B 450 -18.40 -4.81 -13.82
CA ALA B 450 -17.83 -6.06 -14.29
C ALA B 450 -17.84 -6.12 -15.82
N ILE B 451 -18.90 -5.63 -16.44
CA ILE B 451 -18.98 -5.57 -17.89
C ILE B 451 -17.91 -4.66 -18.45
N ALA B 452 -17.57 -3.59 -17.74
CA ALA B 452 -16.50 -2.70 -18.18
C ALA B 452 -15.16 -3.39 -18.08
N ALA B 453 -14.95 -4.17 -17.02
CA ALA B 453 -13.74 -5.00 -16.95
C ALA B 453 -13.67 -5.96 -18.13
N LEU B 454 -14.79 -6.62 -18.43
CA LEU B 454 -14.86 -7.53 -19.57
C LEU B 454 -14.53 -6.81 -20.87
N GLY B 455 -15.11 -5.62 -21.07
CA GLY B 455 -14.82 -4.85 -22.26
C GLY B 455 -13.36 -4.50 -22.36
N MET B 456 -12.77 -4.07 -21.24
CA MET B 456 -11.34 -3.87 -21.17
C MET B 456 -10.60 -5.09 -21.67
N LEU B 457 -11.08 -6.27 -21.29
CA LEU B 457 -10.49 -7.54 -21.72
C LEU B 457 -11.28 -8.21 -22.83
N SER B 458 -12.12 -7.47 -23.55
CA SER B 458 -12.85 -8.07 -24.66
C SER B 458 -11.90 -8.63 -25.70
N PHE B 459 -10.87 -7.86 -26.04
CA PHE B 459 -9.83 -8.31 -26.97
C PHE B 459 -8.68 -8.98 -26.26
N VAL B 460 -8.97 -9.83 -25.27
CA VAL B 460 -7.91 -10.47 -24.49
C VAL B 460 -7.03 -11.34 -25.38
N ALA B 461 -7.61 -11.94 -26.44
CA ALA B 461 -6.82 -12.78 -27.33
C ALA B 461 -5.74 -11.97 -28.04
N THR B 462 -6.11 -10.81 -28.59
CA THR B 462 -5.13 -9.97 -29.28
C THR B 462 -4.07 -9.48 -28.31
N SER B 463 -4.46 -9.11 -27.09
CA SER B 463 -3.49 -8.67 -26.09
C SER B 463 -2.50 -9.79 -25.78
N VAL B 464 -3.01 -11.00 -25.57
CA VAL B 464 -2.14 -12.13 -25.23
C VAL B 464 -1.19 -12.43 -26.40
N SER B 465 -1.68 -12.29 -27.64
CA SER B 465 -0.83 -12.58 -28.80
C SER B 465 0.28 -11.55 -28.92
N VAL B 466 -0.05 -10.27 -28.80
CA VAL B 466 0.98 -9.23 -28.86
C VAL B 466 1.97 -9.40 -27.71
N ASP B 467 1.48 -9.80 -26.54
CA ASP B 467 2.37 -10.01 -25.40
C ASP B 467 3.32 -11.18 -25.64
N SER B 468 2.81 -12.27 -26.24
CA SER B 468 3.66 -13.41 -26.56
C SER B 468 4.69 -13.04 -27.61
N TYR B 469 4.34 -12.13 -28.52
CA TYR B 469 5.31 -11.65 -29.50
C TYR B 469 6.61 -11.21 -28.85
N GLY B 470 6.53 -10.47 -27.75
CA GLY B 470 7.69 -9.91 -27.11
C GLY B 470 8.80 -10.91 -26.81
N PRO B 471 8.46 -11.98 -26.09
CA PRO B 471 9.49 -12.97 -25.74
C PRO B 471 10.14 -13.60 -26.96
N ILE B 472 9.38 -13.85 -28.02
CA ILE B 472 9.97 -14.42 -29.22
C ILE B 472 11.00 -13.46 -29.81
N ALA B 473 10.71 -12.16 -29.81
CA ALA B 473 11.67 -11.18 -30.31
C ALA B 473 12.91 -11.14 -29.41
N ASP B 474 12.72 -11.23 -28.09
CA ASP B 474 13.86 -11.24 -27.18
C ASP B 474 14.74 -12.46 -27.47
N ASN B 475 14.11 -13.62 -27.69
CA ASN B 475 14.86 -14.82 -28.02
C ASN B 475 15.56 -14.69 -29.35
N ALA B 476 14.96 -13.98 -30.32
CA ALA B 476 15.65 -13.77 -31.59
C ALA B 476 16.89 -12.90 -31.42
N GLY B 477 16.78 -11.84 -30.62
CA GLY B 477 17.97 -11.05 -30.34
C GLY B 477 19.05 -11.84 -29.63
N GLY B 478 18.66 -12.63 -28.64
CA GLY B 478 19.61 -13.51 -27.99
C GLY B 478 20.24 -14.50 -28.95
N ILE B 479 19.45 -15.00 -29.90
CA ILE B 479 19.97 -15.93 -30.90
C ILE B 479 21.02 -15.24 -31.76
N SER B 480 20.77 -13.98 -32.10
CA SER B 480 21.78 -13.19 -32.80
C SER B 480 23.05 -13.07 -31.94
N GLU B 481 22.88 -12.93 -30.63
CA GLU B 481 24.04 -12.81 -29.76
C GLU B 481 24.81 -14.12 -29.62
N MET B 482 24.16 -15.26 -29.88
CA MET B 482 24.86 -16.54 -29.88
C MET B 482 25.02 -17.12 -31.28
N ASP B 486 25.37 -13.15 -38.26
CA ASP B 486 25.32 -12.14 -39.32
C ASP B 486 25.12 -10.77 -38.67
N PRO B 487 25.91 -9.78 -39.10
CA PRO B 487 25.77 -8.45 -38.49
C PRO B 487 24.41 -7.81 -38.71
N GLU B 488 23.91 -7.85 -39.94
CA GLU B 488 22.58 -7.32 -40.20
C GLU B 488 21.52 -8.09 -39.44
N VAL B 489 21.64 -9.42 -39.39
CA VAL B 489 20.68 -10.23 -38.65
C VAL B 489 20.74 -9.91 -37.17
N ARG B 490 21.94 -9.75 -36.62
CA ARG B 490 22.04 -9.46 -35.18
C ARG B 490 21.43 -8.10 -34.87
N LYS B 491 21.68 -7.08 -35.69
CA LYS B 491 21.10 -5.78 -35.43
C LYS B 491 19.58 -5.81 -35.60
N ILE B 492 19.08 -6.49 -36.62
CA ILE B 492 17.63 -6.52 -36.84
C ILE B 492 16.94 -7.26 -35.69
N THR B 493 17.51 -8.38 -35.25
CA THR B 493 16.95 -9.08 -34.10
C THR B 493 17.03 -8.25 -32.84
N ASP B 494 18.10 -7.46 -32.69
CA ASP B 494 18.22 -6.60 -31.52
C ASP B 494 17.12 -5.55 -31.52
N HIS B 495 16.83 -4.96 -32.67
CA HIS B 495 15.77 -3.98 -32.76
C HIS B 495 14.41 -4.63 -32.50
N LEU B 496 14.23 -5.85 -33.02
CA LEU B 496 12.99 -6.59 -32.77
C LEU B 496 12.84 -6.88 -31.28
N ASP B 497 13.96 -7.19 -30.61
CA ASP B 497 13.93 -7.46 -29.19
C ASP B 497 13.55 -6.20 -28.41
N ALA B 498 14.06 -5.05 -28.83
CA ALA B 498 13.71 -3.80 -28.14
C ALA B 498 12.22 -3.49 -28.29
N VAL B 499 11.69 -3.63 -29.52
CA VAL B 499 10.26 -3.44 -29.71
C VAL B 499 9.47 -4.42 -28.86
N GLY B 500 9.94 -5.67 -28.78
CA GLY B 500 9.27 -6.65 -27.94
C GLY B 500 9.29 -6.26 -26.47
N ASN B 501 10.39 -5.67 -26.00
CA ASN B 501 10.46 -5.23 -24.61
C ASN B 501 9.45 -4.14 -24.33
N THR B 502 9.33 -3.17 -25.25
CA THR B 502 8.32 -2.13 -25.08
C THR B 502 6.92 -2.74 -25.03
N THR B 503 6.64 -3.67 -25.97
CA THR B 503 5.32 -4.29 -25.99
C THR B 503 5.06 -5.08 -24.70
N ALA B 504 6.09 -5.72 -24.16
CA ALA B 504 5.93 -6.48 -22.92
C ALA B 504 5.63 -5.56 -21.75
N ALA B 505 6.28 -4.39 -21.70
CA ALA B 505 5.95 -3.43 -20.65
C ALA B 505 4.50 -2.97 -20.76
N ILE B 506 4.06 -2.65 -21.98
CA ILE B 506 2.67 -2.25 -22.17
C ILE B 506 1.73 -3.36 -21.73
N GLY B 507 2.08 -4.61 -22.06
CA GLY B 507 1.23 -5.73 -21.68
C GLY B 507 1.15 -5.93 -20.19
N LYS B 508 2.29 -5.76 -19.49
CA LYS B 508 2.26 -5.86 -18.04
C LYS B 508 1.36 -4.80 -17.42
N GLY B 509 1.44 -3.57 -17.95
CA GLY B 509 0.55 -2.52 -17.44
C GLY B 509 -0.92 -2.84 -17.66
N PHE B 510 -1.26 -3.25 -18.89
CA PHE B 510 -2.65 -3.60 -19.19
C PHE B 510 -3.12 -4.76 -18.31
N ALA B 511 -2.25 -5.74 -18.07
CA ALA B 511 -2.61 -6.87 -17.23
C ALA B 511 -2.88 -6.42 -15.81
N ILE B 512 -2.05 -5.51 -15.27
CA ILE B 512 -2.29 -5.02 -13.92
C ILE B 512 -3.64 -4.31 -13.83
N GLY B 513 -3.94 -3.48 -14.83
CA GLY B 513 -5.22 -2.77 -14.81
C GLY B 513 -6.40 -3.72 -14.89
N SER B 514 -6.36 -4.67 -15.82
CA SER B 514 -7.42 -5.64 -15.92
C SER B 514 -7.54 -6.49 -14.65
N ALA B 515 -6.41 -6.76 -14.00
CA ALA B 515 -6.44 -7.53 -12.76
C ALA B 515 -7.13 -6.75 -11.65
N ILE B 516 -6.85 -5.44 -11.56
CA ILE B 516 -7.57 -4.63 -10.58
C ILE B 516 -9.07 -4.66 -10.87
N PHE B 517 -9.44 -4.52 -12.15
CA PHE B 517 -10.86 -4.55 -12.50
C PHE B 517 -11.50 -5.89 -12.14
N ALA B 518 -10.81 -6.98 -12.45
CA ALA B 518 -11.35 -8.31 -12.16
C ALA B 518 -11.46 -8.56 -10.68
N ALA B 519 -10.46 -8.13 -9.90
CA ALA B 519 -10.51 -8.33 -8.46
C ALA B 519 -11.64 -7.53 -7.84
N LEU B 520 -11.88 -6.31 -8.34
CA LEU B 520 -13.00 -5.53 -7.85
C LEU B 520 -14.33 -6.20 -8.19
N SER B 521 -14.48 -6.67 -9.43
CA SER B 521 -15.70 -7.39 -9.79
C SER B 521 -15.87 -8.64 -8.94
N LEU B 522 -14.78 -9.32 -8.62
CA LEU B 522 -14.87 -10.52 -7.80
C LEU B 522 -15.23 -10.17 -6.36
N PHE B 523 -14.76 -9.04 -5.86
CA PHE B 523 -15.22 -8.58 -4.55
C PHE B 523 -16.71 -8.29 -4.57
N ALA B 524 -17.19 -7.67 -5.65
CA ALA B 524 -18.62 -7.44 -5.79
C ALA B 524 -19.40 -8.74 -5.81
N SER B 525 -18.88 -9.75 -6.53
CA SER B 525 -19.52 -11.06 -6.53
C SER B 525 -19.48 -11.70 -5.14
N TYR B 526 -18.39 -11.49 -4.41
CA TYR B 526 -18.29 -12.00 -3.05
C TYR B 526 -19.40 -11.40 -2.19
N MET B 527 -19.59 -10.08 -2.26
CA MET B 527 -20.67 -9.46 -1.50
C MET B 527 -22.02 -9.97 -1.97
N PHE B 528 -22.18 -10.18 -3.28
CA PHE B 528 -23.43 -10.71 -3.81
C PHE B 528 -23.60 -12.18 -3.46
N SER B 529 -22.51 -12.94 -3.44
CA SER B 529 -22.58 -14.34 -3.07
C SER B 529 -22.94 -14.54 -1.59
N GLN B 530 -22.73 -13.51 -0.77
CA GLN B 530 -23.04 -13.58 0.66
C GLN B 530 -24.54 -13.55 0.95
N ILE B 531 -25.40 -13.51 -0.08
CA ILE B 531 -26.84 -13.56 0.15
C ILE B 531 -27.23 -14.88 0.80
N SER B 532 -28.22 -14.82 1.69
CA SER B 532 -28.71 -15.99 2.39
C SER B 532 -30.22 -16.09 2.24
N PRO B 533 -30.78 -17.30 2.37
CA PRO B 533 -32.23 -17.46 2.23
C PRO B 533 -33.03 -16.67 3.26
N SER B 534 -32.48 -16.43 4.45
CA SER B 534 -33.18 -15.65 5.47
C SER B 534 -33.26 -14.17 5.10
N ASP B 535 -32.25 -13.65 4.39
CA ASP B 535 -32.21 -12.26 3.92
C ASP B 535 -33.18 -11.99 2.77
N ILE B 536 -33.98 -12.96 2.34
CA ILE B 536 -34.88 -12.76 1.20
C ILE B 536 -35.89 -11.65 1.51
N GLY B 537 -36.41 -11.64 2.73
CA GLY B 537 -37.36 -10.60 3.12
C GLY B 537 -36.72 -9.22 3.29
N LYS B 538 -35.42 -9.17 3.53
CA LYS B 538 -34.75 -7.90 3.75
C LYS B 538 -34.58 -7.11 2.46
N PRO B 539 -34.52 -5.79 2.54
CA PRO B 539 -34.35 -4.96 1.34
C PRO B 539 -32.97 -5.15 0.75
N PRO B 540 -32.75 -4.71 -0.49
CA PRO B 540 -31.42 -4.84 -1.09
C PRO B 540 -30.34 -4.11 -0.29
N SER B 541 -30.68 -3.01 0.39
CA SER B 541 -29.68 -2.25 1.11
C SER B 541 -29.04 -3.04 2.23
N LEU B 542 -29.78 -3.96 2.86
CA LEU B 542 -29.25 -4.72 3.99
C LEU B 542 -28.32 -5.85 3.55
N VAL B 543 -28.66 -6.53 2.45
CA VAL B 543 -27.88 -7.70 2.04
C VAL B 543 -26.57 -7.28 1.40
N LEU B 544 -26.61 -6.33 0.46
CA LEU B 544 -25.41 -5.90 -0.24
C LEU B 544 -24.75 -4.78 0.57
N LEU B 545 -24.07 -5.17 1.64
CA LEU B 545 -23.49 -4.21 2.56
C LEU B 545 -22.22 -4.78 3.18
N LEU B 546 -21.14 -4.01 3.14
CA LEU B 546 -19.89 -4.29 3.84
C LEU B 546 -19.49 -2.99 4.53
N ASN B 547 -20.05 -2.77 5.72
CA ASN B 547 -19.83 -1.51 6.43
C ASN B 547 -18.37 -1.35 6.80
N MET B 548 -17.82 -0.16 6.53
CA MET B 548 -16.44 0.14 6.84
C MET B 548 -16.25 0.69 8.24
N LEU B 549 -17.33 1.00 8.94
CA LEU B 549 -17.25 1.47 10.32
C LEU B 549 -17.21 0.32 11.31
N ASP B 550 -17.46 -0.91 10.87
CA ASP B 550 -17.34 -2.07 11.74
C ASP B 550 -15.88 -2.39 11.97
N ALA B 551 -15.50 -2.52 13.25
CA ALA B 551 -14.09 -2.72 13.58
C ALA B 551 -13.54 -3.98 12.93
N ARG B 552 -14.35 -5.02 12.83
CA ARG B 552 -13.90 -6.25 12.17
C ARG B 552 -13.43 -5.97 10.76
N VAL B 553 -14.19 -5.15 10.01
CA VAL B 553 -13.82 -4.86 8.62
C VAL B 553 -12.51 -4.10 8.57
N ILE B 554 -12.30 -3.15 9.49
CA ILE B 554 -11.07 -2.37 9.49
C ILE B 554 -9.87 -3.26 9.79
N ALA B 555 -10.02 -4.13 10.78
CA ALA B 555 -8.93 -5.06 11.10
C ALA B 555 -8.65 -5.97 9.93
N GLY B 556 -9.70 -6.42 9.23
CA GLY B 556 -9.50 -7.28 8.07
C GLY B 556 -8.77 -6.57 6.95
N ALA B 557 -9.09 -5.29 6.72
CA ALA B 557 -8.39 -4.53 5.70
C ALA B 557 -6.92 -4.36 6.05
N LEU B 558 -6.62 -4.03 7.30
CA LEU B 558 -5.22 -3.89 7.71
C LEU B 558 -4.49 -5.21 7.52
N LEU B 559 -5.11 -6.33 7.92
CA LEU B 559 -4.48 -7.63 7.77
C LEU B 559 -4.24 -7.97 6.31
N GLY B 560 -5.21 -7.68 5.44
CA GLY B 560 -5.04 -7.97 4.03
C GLY B 560 -3.93 -7.16 3.39
N ALA B 561 -3.85 -5.87 3.73
CA ALA B 561 -2.77 -5.05 3.20
C ALA B 561 -1.42 -5.54 3.69
N ALA B 562 -1.31 -5.86 4.98
CA ALA B 562 -0.05 -6.38 5.50
C ALA B 562 0.32 -7.69 4.81
N ILE B 563 -0.67 -8.55 4.55
CA ILE B 563 -0.39 -9.83 3.90
C ILE B 563 0.09 -9.60 2.46
N THR B 564 -0.50 -8.62 1.77
CA THR B 564 -0.03 -8.31 0.42
C THR B 564 1.42 -7.84 0.45
N TYR B 565 1.75 -6.95 1.39
CA TYR B 565 3.13 -6.50 1.50
C TYR B 565 4.06 -7.67 1.83
N TYR B 566 3.61 -8.56 2.71
CA TYR B 566 4.44 -9.72 3.09
C TYR B 566 4.67 -10.63 1.90
N PHE B 567 3.63 -10.87 1.10
CA PHE B 567 3.77 -11.68 -0.10
C PHE B 567 4.77 -11.06 -1.07
N SER B 568 4.62 -9.76 -1.33
CA SER B 568 5.53 -9.09 -2.26
C SER B 568 6.97 -9.15 -1.74
N GLY B 569 7.17 -8.92 -0.45
CA GLY B 569 8.52 -8.98 0.11
C GLY B 569 9.11 -10.38 0.06
N TYR B 570 8.28 -11.39 0.31
CA TYR B 570 8.76 -12.77 0.28
C TYR B 570 9.20 -13.18 -1.11
N LEU B 571 8.51 -12.70 -2.14
CA LEU B 571 8.89 -13.07 -3.51
C LEU B 571 10.32 -12.66 -3.83
N ILE B 572 10.76 -11.51 -3.34
CA ILE B 572 12.12 -11.04 -3.59
C ILE B 572 13.13 -12.04 -3.02
N SER B 573 12.98 -12.39 -1.75
CA SER B 573 13.90 -13.32 -1.12
C SER B 573 13.84 -14.68 -1.79
N ALA B 574 12.65 -15.09 -2.27
CA ALA B 574 12.54 -16.37 -2.95
C ALA B 574 13.32 -16.38 -4.26
N VAL B 575 13.21 -15.31 -5.04
CA VAL B 575 13.98 -15.22 -6.28
C VAL B 575 15.47 -15.26 -5.97
N THR B 576 15.90 -14.51 -4.94
CA THR B 576 17.32 -14.51 -4.60
C THR B 576 17.80 -15.89 -4.16
N LYS B 577 17.01 -16.58 -3.34
CA LYS B 577 17.42 -17.90 -2.87
C LYS B 577 17.47 -18.91 -4.01
N ALA B 578 16.49 -18.90 -4.90
CA ALA B 578 16.54 -19.81 -6.03
C ALA B 578 17.73 -19.51 -6.93
N ALA B 579 18.03 -18.22 -7.14
CA ALA B 579 19.21 -17.88 -7.91
C ALA B 579 20.49 -18.38 -7.24
N MET B 580 20.55 -18.27 -5.90
CA MET B 580 21.71 -18.81 -5.19
C MET B 580 21.81 -20.32 -5.33
N LYS B 581 20.68 -21.01 -5.32
CA LYS B 581 20.70 -22.46 -5.54
C LYS B 581 21.26 -22.79 -6.92
N MET B 582 20.85 -22.02 -7.94
CA MET B 582 21.41 -22.21 -9.28
C MET B 582 22.91 -21.92 -9.29
N VAL B 583 23.34 -20.90 -8.54
CA VAL B 583 24.75 -20.56 -8.46
C VAL B 583 25.54 -21.70 -7.81
N ASP B 584 24.95 -22.32 -6.78
CA ASP B 584 25.66 -23.39 -6.08
C ASP B 584 25.98 -24.53 -7.03
N GLU B 585 25.03 -24.95 -7.85
CA GLU B 585 25.34 -25.86 -8.94
C GLU B 585 26.07 -25.07 -10.01
N ILE B 586 27.09 -25.70 -10.60
CA ILE B 586 27.88 -25.02 -11.61
C ILE B 586 28.69 -23.88 -10.99
N ALA B 601 32.78 -34.39 -26.15
CA ALA B 601 31.46 -33.85 -25.80
C ALA B 601 31.57 -32.83 -24.67
N LYS B 602 32.15 -31.67 -24.99
CA LYS B 602 32.34 -30.64 -23.97
C LYS B 602 31.01 -30.15 -23.40
N PRO B 603 29.99 -29.84 -24.22
CA PRO B 603 28.70 -29.40 -23.66
C PRO B 603 27.93 -30.54 -23.01
N ASP B 604 27.84 -31.68 -23.68
CA ASP B 604 27.11 -32.86 -23.19
C ASP B 604 25.68 -32.42 -22.89
N TYR B 605 25.12 -32.74 -21.71
CA TYR B 605 23.75 -32.39 -21.37
C TYR B 605 23.71 -31.65 -20.04
N ASN B 606 23.42 -30.36 -20.07
CA ASN B 606 23.23 -29.55 -18.87
C ASN B 606 21.79 -29.05 -18.82
N ARG B 607 21.04 -29.46 -17.80
CA ARG B 607 19.65 -29.02 -17.63
C ARG B 607 19.38 -28.73 -16.15
N CYS B 608 20.10 -27.73 -15.64
CA CYS B 608 19.99 -27.28 -14.25
C CYS B 608 18.64 -26.65 -13.94
N ILE B 609 17.86 -26.29 -14.97
CA ILE B 609 16.60 -25.60 -14.78
C ILE B 609 15.73 -26.33 -13.75
N GLU B 610 15.67 -27.66 -13.85
CA GLU B 610 14.82 -28.42 -12.92
C GLU B 610 15.21 -28.11 -11.49
N ILE B 611 16.51 -28.12 -11.19
CA ILE B 611 16.96 -27.82 -9.82
C ILE B 611 16.39 -26.49 -9.36
N THR B 612 16.46 -25.47 -10.23
CA THR B 612 15.83 -24.20 -9.88
C THR B 612 14.32 -24.33 -9.93
N SER B 613 13.78 -24.92 -11.00
CA SER B 613 12.33 -24.99 -11.16
C SER B 613 11.70 -25.72 -9.99
N ASP B 614 12.22 -26.90 -9.67
CA ASP B 614 11.71 -27.63 -8.52
C ASP B 614 11.81 -26.77 -7.28
N ASN B 615 12.97 -26.15 -7.07
CA ASN B 615 13.12 -25.26 -5.93
C ASN B 615 12.08 -24.16 -5.97
N ALA B 616 11.88 -23.56 -7.14
CA ALA B 616 10.88 -22.51 -7.25
C ALA B 616 9.51 -23.07 -6.90
N LEU B 617 9.19 -24.25 -7.42
CA LEU B 617 7.89 -24.85 -7.13
C LEU B 617 7.74 -25.09 -5.63
N LYS B 618 8.84 -25.46 -4.95
CA LYS B 618 8.77 -25.56 -3.50
C LYS B 618 8.68 -24.19 -2.86
N GLN B 619 9.48 -23.24 -3.34
CA GLN B 619 9.52 -21.93 -2.69
C GLN B 619 8.22 -21.16 -2.85
N MET B 620 7.55 -21.32 -3.99
CA MET B 620 6.25 -20.69 -4.21
C MET B 620 5.15 -21.36 -3.41
N GLY B 621 5.44 -22.52 -2.80
CA GLY B 621 4.44 -23.20 -2.00
C GLY B 621 3.88 -22.33 -0.89
N TYR B 622 4.77 -21.65 -0.16
CA TYR B 622 4.29 -20.88 1.01
C TYR B 622 3.46 -19.69 0.59
N PRO B 623 3.86 -18.87 -0.38
CA PRO B 623 3.00 -17.74 -0.77
C PRO B 623 1.63 -18.18 -1.26
N ALA B 624 1.59 -19.24 -2.06
CA ALA B 624 0.30 -19.76 -2.51
C ALA B 624 -0.57 -20.12 -1.32
N PHE B 625 0.00 -20.79 -0.32
CA PHE B 625 -0.77 -21.14 0.87
C PHE B 625 -1.39 -19.90 1.49
N ILE B 626 -0.68 -18.77 1.45
CA ILE B 626 -1.28 -17.51 1.88
C ILE B 626 -2.49 -17.19 1.02
N ALA B 627 -2.27 -17.02 -0.29
CA ALA B 627 -3.31 -16.49 -1.16
C ALA B 627 -4.58 -17.32 -1.08
N ILE B 628 -4.44 -18.63 -0.96
CA ILE B 628 -5.60 -19.50 -0.92
C ILE B 628 -6.19 -19.57 0.49
N LEU B 629 -5.34 -19.65 1.51
CA LEU B 629 -5.84 -19.99 2.84
C LEU B 629 -6.18 -18.79 3.71
N THR B 630 -5.77 -17.58 3.32
CA THR B 630 -6.12 -16.42 4.13
C THR B 630 -7.61 -16.23 4.28
N PRO B 631 -8.43 -16.36 3.23
CA PRO B 631 -9.89 -16.19 3.43
C PRO B 631 -10.49 -17.22 4.38
N LEU B 632 -10.05 -18.48 4.28
CA LEU B 632 -10.66 -19.53 5.09
C LEU B 632 -10.43 -19.31 6.59
N VAL B 633 -9.16 -19.22 6.99
CA VAL B 633 -8.87 -19.13 8.42
C VAL B 633 -9.55 -17.92 9.03
N THR B 634 -9.26 -16.73 8.49
CA THR B 634 -9.88 -15.52 9.01
C THR B 634 -11.40 -15.57 8.84
N GLY B 635 -11.89 -16.32 7.85
CA GLY B 635 -13.32 -16.45 7.67
C GLY B 635 -13.91 -17.38 8.71
N PHE B 636 -13.21 -18.47 9.02
CA PHE B 636 -13.69 -19.38 10.05
C PHE B 636 -13.40 -18.86 11.46
N LEU B 637 -12.36 -18.04 11.62
CA LEU B 637 -12.07 -17.45 12.91
C LEU B 637 -13.05 -16.32 13.24
N LEU B 638 -13.21 -15.37 12.31
CA LEU B 638 -13.98 -14.16 12.57
C LEU B 638 -15.27 -14.05 11.78
N GLY B 639 -15.25 -14.32 10.48
CA GLY B 639 -16.48 -14.38 9.72
C GLY B 639 -16.32 -13.76 8.34
N ALA B 640 -17.47 -13.62 7.67
CA ALA B 640 -17.52 -13.15 6.30
C ALA B 640 -17.28 -11.65 6.20
N GLU B 641 -17.67 -10.87 7.20
CA GLU B 641 -17.44 -9.43 7.14
C GLU B 641 -15.95 -9.10 7.23
N PHE B 642 -15.22 -9.81 8.10
CA PHE B 642 -13.76 -9.64 8.18
C PHE B 642 -13.09 -10.00 6.86
N VAL B 643 -13.57 -11.05 6.19
CA VAL B 643 -12.97 -11.48 4.94
C VAL B 643 -13.17 -10.42 3.86
N GLY B 644 -14.32 -9.77 3.84
CA GLY B 644 -14.51 -8.69 2.88
C GLY B 644 -13.50 -7.58 3.06
N GLY B 645 -13.24 -7.20 4.32
CA GLY B 645 -12.22 -6.20 4.57
C GLY B 645 -10.84 -6.67 4.13
N VAL B 646 -10.51 -7.92 4.41
CA VAL B 646 -9.23 -8.45 3.95
C VAL B 646 -9.15 -8.35 2.43
N LEU B 647 -10.25 -8.66 1.75
CA LEU B 647 -10.25 -8.62 0.29
C LEU B 647 -10.00 -7.20 -0.22
N ILE B 648 -10.71 -6.22 0.33
CA ILE B 648 -10.56 -4.86 -0.18
C ILE B 648 -9.17 -4.32 0.12
N GLY B 649 -8.66 -4.55 1.33
CA GLY B 649 -7.33 -4.08 1.65
C GLY B 649 -6.28 -4.74 0.78
N THR B 650 -6.41 -6.05 0.55
CA THR B 650 -5.47 -6.74 -0.31
C THR B 650 -5.56 -6.22 -1.73
N VAL B 651 -6.76 -5.97 -2.24
CA VAL B 651 -6.90 -5.45 -3.60
C VAL B 651 -6.19 -4.11 -3.73
N LEU B 652 -6.45 -3.21 -2.79
CA LEU B 652 -5.83 -1.89 -2.86
C LEU B 652 -4.31 -1.97 -2.77
N SER B 653 -3.80 -2.65 -1.73
CA SER B 653 -2.37 -2.73 -1.55
C SER B 653 -1.71 -3.44 -2.72
N GLY B 654 -2.35 -4.48 -3.25
CA GLY B 654 -1.76 -5.19 -4.36
C GLY B 654 -1.70 -4.37 -5.62
N ALA B 655 -2.78 -3.65 -5.93
CA ALA B 655 -2.75 -2.77 -7.09
C ALA B 655 -1.60 -1.77 -6.96
N MET B 656 -1.50 -1.11 -5.80
CA MET B 656 -0.48 -0.08 -5.64
C MET B 656 0.93 -0.66 -5.74
N LEU B 657 1.18 -1.77 -5.02
CA LEU B 657 2.51 -2.34 -5.00
C LEU B 657 2.90 -2.89 -6.36
N ALA B 658 1.96 -3.52 -7.06
CA ALA B 658 2.24 -4.05 -8.40
C ALA B 658 2.59 -2.93 -9.36
N ILE B 659 1.79 -1.86 -9.36
CA ILE B 659 2.11 -0.72 -10.22
C ILE B 659 3.51 -0.21 -9.93
N LEU B 660 3.80 0.03 -8.64
CA LEU B 660 5.09 0.58 -8.25
C LEU B 660 6.24 -0.30 -8.72
N THR B 661 6.18 -1.60 -8.39
CA THR B 661 7.28 -2.50 -8.70
C THR B 661 7.48 -2.64 -10.21
N ALA B 662 6.39 -2.86 -10.95
CA ALA B 662 6.49 -3.04 -12.40
C ALA B 662 7.11 -1.81 -13.05
N ASN B 663 6.61 -0.63 -12.70
CA ASN B 663 7.12 0.57 -13.34
C ASN B 663 8.58 0.81 -12.97
N SER B 664 8.96 0.56 -11.71
CA SER B 664 10.34 0.77 -11.31
C SER B 664 11.28 -0.13 -12.11
N GLY B 665 10.93 -1.42 -12.23
CA GLY B 665 11.79 -2.32 -12.97
C GLY B 665 11.91 -1.94 -14.44
N GLY B 666 10.77 -1.63 -15.06
CA GLY B 666 10.81 -1.23 -16.46
C GLY B 666 11.62 0.02 -16.69
N ALA B 667 11.48 1.00 -15.80
CA ALA B 667 12.23 2.24 -15.95
C ALA B 667 13.73 2.01 -15.81
N TRP B 668 14.15 1.21 -14.82
CA TRP B 668 15.57 0.94 -14.71
C TRP B 668 16.09 0.26 -15.97
N ASP B 669 15.35 -0.72 -16.49
CA ASP B 669 15.83 -1.42 -17.67
C ASP B 669 16.06 -0.55 -18.89
N ASN B 670 15.06 0.27 -19.26
CA ASN B 670 15.20 1.07 -20.46
C ASN B 670 16.12 2.29 -20.27
N ALA B 671 16.25 2.77 -19.02
CA ALA B 671 17.20 3.85 -18.76
C ALA B 671 18.58 3.26 -18.97
N LYS B 672 18.80 2.04 -18.48
CA LYS B 672 20.07 1.37 -18.75
C LYS B 672 20.26 1.19 -20.26
N LYS B 673 19.18 0.87 -20.97
CA LYS B 673 19.29 0.79 -22.43
C LYS B 673 19.68 2.13 -23.03
N TYR B 674 19.09 3.21 -22.52
CA TYR B 674 19.44 4.54 -23.02
C TYR B 674 20.93 4.82 -22.84
N LEU B 675 21.46 4.49 -21.67
CA LEU B 675 22.90 4.66 -21.44
C LEU B 675 23.71 3.74 -22.34
N GLU B 676 23.21 2.53 -22.57
CA GLU B 676 23.91 1.58 -23.43
C GLU B 676 24.11 2.16 -24.83
N ALA B 677 23.04 2.79 -25.33
CA ALA B 677 23.16 3.44 -26.65
C ALA B 677 23.92 4.74 -26.44
N GLY B 678 23.88 5.26 -25.22
CA GLY B 678 24.52 6.57 -24.96
C GLY B 678 23.75 7.62 -25.74
N ASN B 679 22.50 7.32 -26.07
CA ASN B 679 21.71 8.28 -26.90
C ASN B 679 21.96 9.68 -26.36
N LEU B 680 21.84 9.83 -25.04
CA LEU B 680 22.22 11.10 -24.40
C LEU B 680 23.15 10.66 -23.28
N GLU B 681 23.72 11.60 -22.52
CA GLU B 681 24.70 11.21 -21.47
C GLU B 681 25.81 10.42 -22.18
N LYS B 685 29.35 3.47 -21.84
CA LYS B 685 29.16 2.04 -21.48
C LYS B 685 30.27 1.63 -20.50
N GLY B 686 29.98 0.70 -19.58
CA GLY B 686 31.01 0.19 -18.64
C GLY B 686 31.51 1.26 -17.70
N SER B 687 30.76 2.36 -17.54
CA SER B 687 31.22 3.51 -16.71
C SER B 687 30.78 3.33 -15.26
N GLU B 688 30.82 4.40 -14.48
CA GLU B 688 30.30 4.34 -13.09
C GLU B 688 28.77 4.51 -13.17
N PRO B 689 28.21 5.59 -13.76
CA PRO B 689 26.76 5.68 -13.95
C PRO B 689 26.15 4.39 -14.45
N HIS B 690 26.81 3.72 -15.40
CA HIS B 690 26.31 2.44 -15.90
C HIS B 690 26.31 1.40 -14.78
N LYS B 691 27.30 1.45 -13.88
CA LYS B 691 27.31 0.51 -12.77
C LYS B 691 26.10 0.73 -11.86
N ALA B 692 25.81 1.99 -11.55
CA ALA B 692 24.61 2.28 -10.75
C ALA B 692 23.37 1.75 -11.46
N LEU B 693 23.26 1.99 -12.76
CA LEU B 693 22.08 1.55 -13.50
C LEU B 693 21.97 0.03 -13.51
N VAL B 694 23.09 -0.68 -13.66
CA VAL B 694 23.04 -2.13 -13.70
C VAL B 694 22.64 -2.69 -12.34
N ILE B 695 23.11 -2.08 -11.25
CA ILE B 695 22.68 -2.53 -9.93
C ILE B 695 21.18 -2.29 -9.75
N GLY B 696 20.71 -1.12 -10.18
CA GLY B 696 19.29 -0.85 -10.09
C GLY B 696 18.45 -1.80 -10.92
N ASP B 697 18.99 -2.26 -12.06
CA ASP B 697 18.27 -3.25 -12.86
C ASP B 697 18.30 -4.62 -12.20
N THR B 698 19.42 -5.01 -11.60
CA THR B 698 19.46 -6.26 -10.86
C THR B 698 18.43 -6.28 -9.75
N VAL B 699 18.16 -5.10 -9.15
CA VAL B 699 17.10 -5.02 -8.16
C VAL B 699 15.71 -5.00 -8.80
N GLY B 700 15.57 -4.30 -9.93
CA GLY B 700 14.26 -4.11 -10.53
C GLY B 700 13.69 -5.35 -11.20
N ASP B 701 14.55 -6.18 -11.81
CA ASP B 701 14.07 -7.35 -12.54
C ASP B 701 13.18 -8.22 -11.65
N PRO B 702 13.67 -8.71 -10.51
CA PRO B 702 12.80 -9.53 -9.65
C PRO B 702 11.57 -8.78 -9.17
N LEU B 703 11.66 -7.45 -9.02
CA LEU B 703 10.55 -6.67 -8.50
C LEU B 703 9.44 -6.52 -9.55
N LYS B 704 9.81 -6.26 -10.80
CA LYS B 704 8.84 -6.02 -11.87
C LYS B 704 8.39 -7.29 -12.57
N ASP B 705 9.19 -8.35 -12.54
CA ASP B 705 8.88 -9.58 -13.26
C ASP B 705 8.37 -10.68 -12.36
N THR B 706 8.46 -10.53 -11.04
CA THR B 706 7.97 -11.55 -10.12
C THR B 706 6.96 -10.97 -9.13
N VAL B 707 7.38 -9.96 -8.36
CA VAL B 707 6.53 -9.44 -7.28
C VAL B 707 5.26 -8.82 -7.86
N GLY B 708 5.44 -7.88 -8.79
CA GLY B 708 4.34 -7.18 -9.41
C GLY B 708 3.36 -8.14 -10.05
N PRO B 709 3.87 -8.98 -10.96
CA PRO B 709 3.00 -9.94 -11.67
C PRO B 709 2.34 -10.93 -10.74
N SER B 710 2.92 -11.19 -9.57
CA SER B 710 2.29 -12.09 -8.61
C SER B 710 1.21 -11.40 -7.77
N LEU B 711 1.32 -10.08 -7.57
CA LEU B 711 0.35 -9.39 -6.70
C LEU B 711 -1.07 -9.37 -7.28
N ASP B 712 -1.21 -9.14 -8.59
CA ASP B 712 -2.55 -9.17 -9.16
C ASP B 712 -3.18 -10.54 -9.00
N ILE B 713 -2.40 -11.59 -9.25
CA ILE B 713 -2.91 -12.94 -9.02
C ILE B 713 -3.32 -13.09 -7.57
N LEU B 714 -2.51 -12.57 -6.65
CA LEU B 714 -2.87 -12.64 -5.24
C LEU B 714 -4.27 -12.07 -5.03
N ILE B 715 -4.49 -10.84 -5.51
CA ILE B 715 -5.77 -10.17 -5.26
C ILE B 715 -6.92 -10.95 -5.87
N LYS B 716 -6.78 -11.35 -7.14
CA LYS B 716 -7.90 -11.98 -7.82
C LYS B 716 -8.19 -13.38 -7.27
N ILE B 717 -7.15 -14.20 -7.05
CA ILE B 717 -7.39 -15.54 -6.55
C ILE B 717 -7.95 -15.50 -5.15
N MET B 718 -7.48 -14.56 -4.32
CA MET B 718 -8.07 -14.43 -2.99
C MET B 718 -9.54 -14.03 -3.08
N SER B 719 -9.87 -13.12 -4.00
CA SER B 719 -11.26 -12.77 -4.22
C SER B 719 -12.09 -14.00 -4.59
N VAL B 720 -11.57 -14.84 -5.48
CA VAL B 720 -12.31 -16.00 -5.94
C VAL B 720 -12.50 -17.00 -4.80
N VAL B 721 -11.41 -17.33 -4.11
CA VAL B 721 -11.48 -18.29 -3.00
C VAL B 721 -12.46 -17.80 -1.96
N SER B 722 -12.45 -16.50 -1.67
CA SER B 722 -13.40 -15.96 -0.70
C SER B 722 -14.83 -16.04 -1.23
N VAL B 723 -15.04 -15.72 -2.51
CA VAL B 723 -16.38 -15.81 -3.08
C VAL B 723 -16.94 -17.21 -2.92
N ILE B 724 -16.06 -18.21 -3.06
CA ILE B 724 -16.53 -19.60 -2.93
C ILE B 724 -16.77 -19.95 -1.46
N ALA B 725 -15.78 -19.71 -0.60
CA ALA B 725 -15.84 -20.18 0.78
C ALA B 725 -16.77 -19.35 1.66
N VAL B 726 -17.23 -18.19 1.20
CA VAL B 726 -18.18 -17.39 1.97
C VAL B 726 -19.49 -18.14 2.15
N SER B 727 -19.79 -19.08 1.25
CA SER B 727 -20.97 -19.93 1.43
C SER B 727 -20.85 -20.75 2.71
N ILE B 728 -19.64 -21.09 3.11
CA ILE B 728 -19.40 -21.96 4.26
C ILE B 728 -19.13 -21.17 5.54
N PHE B 729 -18.29 -20.13 5.47
CA PHE B 729 -17.98 -19.39 6.69
C PHE B 729 -18.78 -18.10 6.83
N LYS B 730 -19.83 -17.91 6.03
CA LYS B 730 -20.73 -16.78 6.25
C LYS B 730 -21.31 -16.83 7.65
N HIS B 731 -21.87 -17.97 8.03
CA HIS B 731 -22.40 -18.19 9.38
C HIS B 731 -21.52 -19.07 10.24
N VAL B 732 -20.51 -19.73 9.65
CA VAL B 732 -19.59 -20.58 10.40
C VAL B 732 -18.34 -19.79 10.73
N HIS B 733 -18.42 -18.94 11.74
CA HIS B 733 -17.29 -18.16 12.23
C HIS B 733 -17.13 -18.42 13.72
N LEU B 734 -15.92 -18.83 14.11
CA LEU B 734 -15.70 -19.36 15.45
C LEU B 734 -15.61 -18.27 16.51
N PHE B 735 -15.39 -17.02 16.11
CA PHE B 735 -15.34 -15.92 17.06
C PHE B 735 -16.35 -14.84 16.70
#